data_8QKH
#
_entry.id   8QKH
#
_cell.length_a   1.00
_cell.length_b   1.00
_cell.length_c   1.00
_cell.angle_alpha   90.00
_cell.angle_beta   90.00
_cell.angle_gamma   90.00
#
_symmetry.space_group_name_H-M   'P 1'
#
loop_
_entity.id
_entity.type
_entity.pdbx_description
1 polymer 'Capsid protein'
2 polymer 'Baseplate hub assembly protein'
3 polymer 'Putative non-cytoplasmic protein'
4 polymer 'Non-cytoplasmic protein'
5 polymer 'Putative neck protein'
6 non-polymer 'ZINC ION'
#
loop_
_entity_poly.entity_id
_entity_poly.type
_entity_poly.pdbx_seq_one_letter_code
_entity_poly.pdbx_strand_id
1 'polypeptide(L)'
;MEKPYMIGANSNPNVINKSTTYTTTTQADEQDKPKYTTRLEFDTIDMIRFINDRGIKVLWEEAYFCPCLNPDTGHPRVDC
PRCHGKGIAYLPPKETIMAIQSQEKGTNQLDIGILDTGTAIGTTQLEKRISYRDRFTVPEVLMPQQMIYFVNKDRIKKGI
PLYYDVKEITYIATQDGTVYEEDYEIKNNRLYLNEKYENHTVTLKILMTLRYVVSDILKESRYQYTKFNQPKSKFENLPQ
KLLLKREDVIVLQDPYKVNDGIEEDLEIQVDDPKASASNPSNLGGFFGGAFK
;
A
2 'polypeptide(L)'
;MAITSVDSYLLSEIKPRLNTVLENCYIIDEVLKDFDYQTRESFKEAFCGKNAQHEVTVGFNFPKFKNNYEAHYLIQLGQG
QETKNSLGSIQSSYFEATGDTLVESSTAIREDDKLVFTVSKPIGELIKVEDIEFAKYDNLQVEGNKVSFKYQTNEDYENY
NANIIFTEKKNDSKGLVKGFTVEEQVTVVGLSFNVDVARCLDAVLKMILISMRDSIEEQQTFQLQNLSFGDIAPIIEDGD
SMIFGRPTIIKYTSSLDLDYTITQDINKLTFKERKDWK
;
G
3 'polypeptide(L)'
;MSIEKKEEVIAHNEVVFRSLTQGLYVKEVDIYSDVVSYTKDVDEALAMPNTINFKNSRKYKKLIMNLDLEPLNKIQKVIY
ETHLEGL
;
N,n
4 'polypeptide(L)'
;MADEISLNPIQDAKPIDDIVDIMTYLKNGKVLRVKQDNQGDILVRMSPGKHKFTEVSRDLDKESFYYKRHWVLYNVSVNS
LITFDVYLDEEYSETTKVKYPKDTIVEYTREDQEKDVAMIKEILTDNNGNYFYALIGETMLFDENKLNKVKD
;
S,s
5 'polypeptide(L)'
;MVNSMFGGDLDPYEKSLNYEYPYHPSGNPKHIDVSEIDNLTLADYGWSPDAVKAYMFGIVVQNPDTGQPMGDEFYNHILE
RAVGKAERALDISILPDTQHEMRDYHETEFNSYMFVHAYRKPILQVENLQLQFNGRPIYKYPANWWKVEHLAGHVQLFPT
ALMQTGQSMSYDAVFNGYPQLAGVYPPSGATFAPQMIRLEYVSGMLPRKKAGRNKPWEMPPELEQLVIKYALKEIYQVWG
NLIIGAGIANKTLEVDGITETIGTTQSAMYGGASAQILQINEDIKELLDGLRAYFGYNMIGL
;
a,b
#
# COMPACT_ATOMS: atom_id res chain seq x y z
N GLU A 2 35.94 66.89 37.00
CA GLU A 2 36.54 67.55 38.20
C GLU A 2 35.44 67.85 39.22
N LYS A 3 34.55 68.77 38.89
CA LYS A 3 33.45 69.09 39.76
C LYS A 3 32.56 67.87 39.97
N PRO A 4 31.96 67.72 41.14
CA PRO A 4 31.01 66.62 41.33
C PRO A 4 29.79 66.75 40.41
N TYR A 5 29.30 65.61 39.97
CA TYR A 5 28.13 65.51 39.11
C TYR A 5 26.85 65.48 39.93
N MET A 6 26.04 66.53 39.80
CA MET A 6 24.82 66.72 40.56
C MET A 6 23.63 66.83 39.62
N ILE A 7 22.47 66.39 40.12
CA ILE A 7 21.26 66.32 39.31
C ILE A 7 20.90 67.70 38.78
N GLY A 8 20.79 68.68 39.66
CA GLY A 8 20.33 70.03 39.37
C GLY A 8 18.82 70.10 39.20
N ALA A 9 18.40 71.14 38.48
CA ALA A 9 16.98 71.45 38.35
C ALA A 9 16.37 70.82 37.09
N ASN A 10 15.04 70.74 37.12
CA ASN A 10 14.24 70.25 36.00
C ASN A 10 14.17 71.29 34.89
N SER A 11 13.95 70.81 33.67
CA SER A 11 13.94 71.65 32.47
C SER A 11 12.68 71.50 31.63
N ASN A 12 11.85 70.50 31.88
CA ASN A 12 10.69 70.25 31.02
C ASN A 12 9.65 71.34 31.21
N PRO A 13 9.23 72.06 30.16
CA PRO A 13 8.15 73.03 30.33
C PRO A 13 6.77 72.38 30.35
N ASN A 14 5.80 73.16 30.81
CA ASN A 14 4.41 72.73 30.84
C ASN A 14 3.77 72.87 29.47
N VAL A 15 2.93 71.90 29.13
CA VAL A 15 2.19 71.88 27.87
C VAL A 15 0.73 71.59 28.17
N ILE A 16 -0.16 72.29 27.48
CA ILE A 16 -1.60 72.23 27.71
C ILE A 16 -2.32 72.00 26.39
N ASN A 17 -3.34 71.14 26.42
CA ASN A 17 -4.21 70.86 25.28
C ASN A 17 -3.44 70.18 24.15
N LYS A 18 -2.78 69.06 24.47
CA LYS A 18 -2.05 68.29 23.48
C LYS A 18 -3.02 67.54 22.59
N SER A 19 -2.90 67.74 21.28
CA SER A 19 -3.75 67.07 20.30
C SER A 19 -3.13 65.77 19.84
N THR A 20 -3.98 64.84 19.42
CA THR A 20 -3.53 63.54 18.94
C THR A 20 -2.80 63.67 17.60
N THR A 21 -1.96 62.67 17.33
CA THR A 21 -1.29 62.53 16.05
C THR A 21 -2.06 61.61 15.11
N TYR A 22 -2.33 62.10 13.91
CA TYR A 22 -2.97 61.34 12.84
C TYR A 22 -1.94 61.01 11.78
N THR A 23 -1.83 59.71 11.46
CA THR A 23 -0.98 59.27 10.37
C THR A 23 -1.43 59.89 9.05
N THR A 24 -0.50 60.55 8.38
CA THR A 24 -0.78 61.30 7.17
C THR A 24 -0.83 60.37 5.97
N THR A 25 -1.89 60.51 5.17
CA THR A 25 -2.01 59.77 3.92
C THR A 25 -1.08 60.34 2.87
N THR A 26 -0.36 59.46 2.18
CA THR A 26 0.58 59.86 1.15
C THR A 26 0.83 58.68 0.24
N GLN A 27 0.95 58.95 -1.06
CA GLN A 27 1.24 57.90 -2.03
C GLN A 27 2.70 57.48 -2.02
N ALA A 28 3.58 58.25 -1.38
CA ALA A 28 5.00 57.95 -1.38
C ALA A 28 5.29 56.64 -0.65
N ASP A 29 6.44 56.06 -0.99
CA ASP A 29 6.90 54.83 -0.37
C ASP A 29 7.46 55.10 1.03
N GLU A 30 7.59 54.02 1.81
CA GLU A 30 8.12 54.06 3.16
C GLU A 30 8.96 52.81 3.39
N GLN A 31 9.45 52.64 4.62
CA GLN A 31 10.07 51.40 5.05
C GLN A 31 9.53 50.96 6.40
N ASP A 32 9.11 49.69 6.48
CA ASP A 32 8.38 49.15 7.62
C ASP A 32 9.35 48.76 8.74
N LYS A 33 9.30 49.49 9.85
CA LYS A 33 10.30 49.33 10.90
C LYS A 33 10.20 47.94 11.54
N PRO A 34 11.27 47.14 11.55
CA PRO A 34 11.15 45.72 11.89
C PRO A 34 11.20 45.45 13.39
N LYS A 35 10.86 44.20 13.74
CA LYS A 35 11.28 43.60 15.01
C LYS A 35 11.81 42.19 14.74
N TYR A 36 13.05 41.96 15.13
CA TYR A 36 13.74 40.68 15.01
C TYR A 36 13.58 39.83 16.27
N THR A 37 12.89 38.70 16.16
CA THR A 37 12.57 37.87 17.32
C THR A 37 12.21 36.48 16.85
N THR A 38 11.90 35.60 17.81
CA THR A 38 11.50 34.23 17.53
C THR A 38 10.31 34.12 16.59
N ARG A 39 10.33 33.07 15.77
CA ARG A 39 9.28 32.72 14.84
C ARG A 39 8.70 31.35 15.20
N LEU A 40 7.37 31.22 15.08
CA LEU A 40 6.66 29.98 15.32
C LEU A 40 6.27 29.33 13.99
N GLU A 41 6.48 28.01 13.89
CA GLU A 41 6.21 27.25 12.68
C GLU A 41 5.69 25.87 13.05
N PHE A 42 4.90 25.27 12.16
CA PHE A 42 4.55 23.87 12.29
C PHE A 42 5.70 22.93 11.96
N ASP A 43 5.66 21.76 12.60
CA ASP A 43 6.56 20.64 12.32
C ASP A 43 5.98 19.82 11.17
N THR A 44 6.14 20.34 9.95
CA THR A 44 5.50 19.74 8.77
C THR A 44 5.90 18.28 8.59
N ILE A 45 7.15 17.93 8.91
CA ILE A 45 7.57 16.53 8.87
C ILE A 45 6.68 15.69 9.77
N ASP A 46 6.48 16.15 11.02
CA ASP A 46 5.58 15.45 11.92
C ASP A 46 4.15 15.48 11.42
N MET A 47 3.74 16.53 10.71
CA MET A 47 2.41 16.50 10.09
C MET A 47 2.29 15.38 9.06
N ILE A 48 3.31 15.20 8.23
CA ILE A 48 3.34 14.06 7.31
C ILE A 48 3.19 12.75 8.07
N ARG A 49 3.99 12.58 9.13
CA ARG A 49 3.86 11.40 9.97
C ARG A 49 2.43 11.24 10.49
N PHE A 50 1.85 12.32 11.00
CA PHE A 50 0.49 12.31 11.53
C PHE A 50 -0.50 11.81 10.49
N ILE A 51 -0.46 12.38 9.29
CA ILE A 51 -1.39 11.99 8.22
C ILE A 51 -1.17 10.54 7.82
N ASN A 52 0.08 10.12 7.64
CA ASN A 52 0.36 8.73 7.31
C ASN A 52 -0.11 7.79 8.42
N ASP A 53 -0.18 8.28 9.65
CA ASP A 53 -0.57 7.45 10.79
C ASP A 53 -2.08 7.27 10.85
N ARG A 54 -2.83 8.36 10.84
CA ARG A 54 -4.29 8.31 10.98
C ARG A 54 -5.01 7.99 9.68
N GLY A 55 -4.32 8.05 8.54
CA GLY A 55 -4.97 7.85 7.26
C GLY A 55 -5.24 6.40 6.92
N ILE A 56 -5.87 6.20 5.76
CA ILE A 56 -6.08 4.89 5.17
C ILE A 56 -5.52 4.88 3.75
N LYS A 57 -4.91 3.76 3.38
CA LYS A 57 -4.44 3.57 2.01
C LYS A 57 -5.57 3.68 1.00
N VAL A 58 -5.35 4.46 -0.05
CA VAL A 58 -6.37 4.82 -1.02
C VAL A 58 -5.70 5.11 -2.35
N LEU A 59 -6.40 4.79 -3.43
CA LEU A 59 -5.93 5.04 -4.79
C LEU A 59 -6.48 6.37 -5.32
N TRP A 60 -5.58 7.30 -5.62
CA TRP A 60 -5.92 8.61 -6.15
C TRP A 60 -5.71 8.63 -7.66
N GLU A 61 -6.80 8.85 -8.40
CA GLU A 61 -6.79 8.95 -9.85
C GLU A 61 -7.40 10.28 -10.24
N GLU A 62 -6.64 11.08 -10.99
CA GLU A 62 -7.09 12.40 -11.41
C GLU A 62 -8.12 12.29 -12.54
N ALA A 63 -8.88 13.37 -12.69
CA ALA A 63 -10.00 13.45 -13.61
C ALA A 63 -9.72 14.44 -14.73
N TYR A 64 -10.17 14.10 -15.93
CA TYR A 64 -10.07 14.99 -17.08
C TYR A 64 -11.14 14.63 -18.10
N PHE A 65 -11.70 15.66 -18.73
CA PHE A 65 -12.74 15.49 -19.74
C PHE A 65 -12.25 14.62 -20.90
N CYS A 66 -13.07 13.63 -21.25
CA CYS A 66 -12.72 12.72 -22.32
C CYS A 66 -12.77 13.43 -23.67
N PRO A 67 -11.88 13.09 -24.61
CA PRO A 67 -12.01 13.63 -25.97
C PRO A 67 -13.28 13.21 -26.67
N CYS A 68 -13.95 12.15 -26.22
CA CYS A 68 -15.11 11.62 -26.92
C CYS A 68 -16.33 12.51 -26.82
N LEU A 69 -16.25 13.65 -26.12
CA LEU A 69 -17.39 14.54 -26.02
C LEU A 69 -17.84 15.02 -27.39
N ASN A 70 -19.14 15.09 -27.58
CA ASN A 70 -19.70 15.52 -28.84
C ASN A 70 -19.39 17.00 -29.05
N PRO A 71 -18.71 17.39 -30.12
CA PRO A 71 -18.32 18.81 -30.25
C PRO A 71 -19.49 19.77 -30.35
N ASP A 72 -20.67 19.32 -30.80
CA ASP A 72 -21.79 20.21 -31.02
C ASP A 72 -22.77 20.25 -29.85
N THR A 73 -23.27 19.09 -29.39
CA THR A 73 -24.14 19.09 -28.22
C THR A 73 -23.36 19.36 -26.94
N GLY A 74 -22.10 18.95 -26.88
CA GLY A 74 -21.33 19.10 -25.67
C GLY A 74 -21.59 18.04 -24.63
N HIS A 75 -22.07 16.87 -25.03
CA HIS A 75 -22.39 15.78 -24.12
C HIS A 75 -21.78 14.48 -24.65
N PRO A 76 -21.50 13.53 -23.76
CA PRO A 76 -20.57 12.46 -24.09
C PRO A 76 -21.20 11.27 -24.81
N ARG A 77 -20.33 10.44 -25.37
CA ARG A 77 -20.72 9.17 -25.96
C ARG A 77 -21.17 8.21 -24.86
N VAL A 78 -22.14 7.35 -25.21
CA VAL A 78 -22.73 6.47 -24.20
C VAL A 78 -21.73 5.45 -23.71
N ASP A 79 -20.83 4.98 -24.58
CA ASP A 79 -19.86 3.96 -24.20
C ASP A 79 -18.56 4.19 -24.95
N CYS A 80 -17.46 4.26 -24.20
CA CYS A 80 -16.13 4.26 -24.79
C CYS A 80 -15.16 3.72 -23.76
N PRO A 81 -13.99 3.25 -24.19
CA PRO A 81 -13.06 2.63 -23.22
C PRO A 81 -12.65 3.55 -22.09
N ARG A 82 -12.42 4.84 -22.37
CA ARG A 82 -11.89 5.73 -21.35
C ARG A 82 -12.91 6.01 -20.27
N CYS A 83 -14.14 6.37 -20.66
CA CYS A 83 -15.21 6.66 -19.72
C CYS A 83 -16.45 5.89 -20.13
N HIS A 84 -17.05 5.19 -19.17
CA HIS A 84 -18.22 4.35 -19.45
C HIS A 84 -19.49 5.19 -19.30
N GLY A 85 -19.69 6.05 -20.29
CA GLY A 85 -20.85 6.93 -20.38
C GLY A 85 -20.71 8.23 -19.65
N LYS A 86 -20.09 8.22 -18.48
CA LYS A 86 -19.76 9.44 -17.78
C LYS A 86 -18.91 10.33 -18.68
N GLY A 87 -19.14 11.63 -18.62
CA GLY A 87 -18.42 12.51 -19.52
C GLY A 87 -16.99 12.81 -19.12
N ILE A 88 -16.52 12.22 -18.03
CA ILE A 88 -15.20 12.51 -17.46
C ILE A 88 -14.40 11.22 -17.44
N ALA A 89 -13.20 11.26 -18.03
CA ALA A 89 -12.27 10.15 -17.95
C ALA A 89 -11.37 10.30 -16.73
N TYR A 90 -10.40 9.38 -16.60
CA TYR A 90 -9.51 9.34 -15.46
C TYR A 90 -8.12 8.89 -15.88
N LEU A 91 -7.13 9.34 -15.11
CA LEU A 91 -5.72 9.00 -15.34
C LEU A 91 -5.36 7.74 -14.56
N PRO A 92 -4.15 7.22 -14.71
CA PRO A 92 -3.74 6.07 -13.92
C PRO A 92 -3.74 6.41 -12.45
N PRO A 93 -4.05 5.44 -11.58
CA PRO A 93 -4.12 5.73 -10.14
C PRO A 93 -2.76 5.95 -9.52
N LYS A 94 -2.76 6.67 -8.41
CA LYS A 94 -1.57 6.93 -7.60
C LYS A 94 -1.86 6.50 -6.17
N GLU A 95 -1.07 5.56 -5.66
CA GLU A 95 -1.22 5.09 -4.29
C GLU A 95 -0.97 6.22 -3.29
N THR A 96 -1.89 6.36 -2.33
CA THR A 96 -1.89 7.49 -1.43
C THR A 96 -2.54 7.11 -0.11
N ILE A 97 -2.09 7.74 0.96
CA ILE A 97 -2.72 7.64 2.28
C ILE A 97 -3.50 8.91 2.56
N MET A 98 -4.76 8.74 2.98
CA MET A 98 -5.66 9.86 3.23
C MET A 98 -6.52 9.55 4.45
N ALA A 99 -6.83 10.60 5.21
CA ALA A 99 -7.76 10.53 6.34
C ALA A 99 -9.18 10.84 5.89
N ILE A 100 -10.15 10.14 6.48
CA ILE A 100 -11.56 10.26 6.13
C ILE A 100 -12.41 10.29 7.40
N GLN A 101 -13.48 11.08 7.35
CA GLN A 101 -14.34 11.32 8.50
C GLN A 101 -15.79 11.43 8.06
N SER A 102 -16.69 11.32 9.04
CA SER A 102 -18.11 11.68 8.90
C SER A 102 -18.84 10.88 7.83
N GLN A 103 -18.30 9.72 7.44
CA GLN A 103 -18.82 8.99 6.28
C GLN A 103 -20.30 8.67 6.45
N GLU A 104 -21.12 9.04 5.47
CA GLU A 104 -22.57 8.91 5.56
C GLU A 104 -23.14 8.23 4.33
N LYS A 105 -23.98 7.22 4.55
CA LYS A 105 -24.72 6.55 3.48
C LYS A 105 -26.17 7.05 3.42
N GLY A 106 -26.33 8.31 3.05
CA GLY A 106 -27.65 8.94 3.07
C GLY A 106 -28.57 8.36 2.00
N THR A 107 -29.70 7.81 2.41
CA THR A 107 -30.67 7.19 1.49
C THR A 107 -31.87 8.11 1.27
N ASN A 108 -32.20 8.35 0.00
CA ASN A 108 -33.40 9.09 -0.38
C ASN A 108 -34.34 8.14 -1.12
N GLN A 109 -35.54 7.91 -0.56
CA GLN A 109 -36.57 7.14 -1.24
C GLN A 109 -37.56 8.00 -2.02
N LEU A 110 -37.59 7.81 -3.34
CA LEU A 110 -38.31 8.63 -4.32
C LEU A 110 -39.09 7.75 -5.29
N ASP A 111 -39.92 8.42 -6.08
CA ASP A 111 -40.64 7.76 -7.16
C ASP A 111 -39.72 7.09 -8.16
N ILE A 112 -38.53 7.64 -8.41
CA ILE A 112 -37.63 6.95 -9.33
C ILE A 112 -37.06 5.70 -8.68
N GLY A 113 -37.01 5.66 -7.35
CA GLY A 113 -36.43 4.58 -6.59
C GLY A 113 -35.53 5.08 -5.49
N ILE A 114 -34.91 4.12 -4.80
CA ILE A 114 -33.94 4.43 -3.76
C ILE A 114 -32.64 4.92 -4.38
N LEU A 115 -31.92 5.74 -3.63
CA LEU A 115 -30.68 6.34 -4.13
C LEU A 115 -29.74 6.55 -2.96
N ASP A 116 -28.48 6.19 -3.14
CA ASP A 116 -27.45 6.30 -2.12
C ASP A 116 -26.58 7.52 -2.40
N THR A 117 -26.59 8.48 -1.47
CA THR A 117 -25.78 9.68 -1.60
C THR A 117 -25.51 10.23 -0.21
N GLY A 118 -24.26 10.58 0.06
CA GLY A 118 -23.91 11.13 1.37
C GLY A 118 -22.57 11.81 1.35
N THR A 119 -22.33 12.54 2.43
CA THR A 119 -21.11 13.33 2.59
C THR A 119 -20.06 12.55 3.37
N ALA A 120 -18.82 12.64 2.90
CA ALA A 120 -17.65 12.13 3.61
C ALA A 120 -16.54 13.16 3.49
N ILE A 121 -15.95 13.53 4.63
CA ILE A 121 -14.95 14.59 4.70
C ILE A 121 -13.57 13.96 4.84
N GLY A 122 -12.67 14.33 3.93
CA GLY A 122 -11.32 13.81 3.88
C GLY A 122 -10.25 14.86 4.04
N THR A 123 -9.07 14.44 4.49
CA THR A 123 -7.93 15.33 4.65
C THR A 123 -6.68 14.66 4.09
N THR A 124 -6.02 15.35 3.17
CA THR A 124 -4.90 14.82 2.40
C THR A 124 -3.56 15.03 3.12
N GLN A 125 -2.49 14.65 2.43
CA GLN A 125 -1.12 14.97 2.79
C GLN A 125 -0.75 16.36 2.27
N LEU A 126 0.49 16.76 2.57
CA LEU A 126 1.07 17.98 2.00
C LEU A 126 1.47 17.78 0.55
N GLU A 127 1.54 18.90 -0.16
CA GLU A 127 2.04 19.10 -1.53
C GLU A 127 1.12 18.52 -2.59
N LYS A 128 -0.04 17.99 -2.21
CA LYS A 128 -0.99 17.35 -3.10
C LYS A 128 -2.09 18.34 -3.43
N ARG A 129 -2.32 18.58 -4.72
CA ARG A 129 -3.31 19.54 -5.20
C ARG A 129 -4.40 18.77 -5.95
N ILE A 130 -5.44 18.41 -5.19
CA ILE A 130 -6.61 17.73 -5.71
C ILE A 130 -7.41 18.69 -6.58
N SER A 131 -8.21 18.12 -7.48
CA SER A 131 -9.05 18.88 -8.39
C SER A 131 -10.49 18.40 -8.32
N TYR A 132 -11.39 19.25 -8.82
CA TYR A 132 -12.81 18.96 -8.79
C TYR A 132 -13.14 17.67 -9.56
N ARG A 133 -13.98 16.86 -8.94
CA ARG A 133 -14.44 15.56 -9.47
C ARG A 133 -13.30 14.56 -9.63
N ASP A 134 -12.26 14.66 -8.82
CA ASP A 134 -11.31 13.57 -8.68
C ASP A 134 -11.98 12.37 -8.02
N ARG A 135 -11.38 11.19 -8.21
CA ARG A 135 -11.97 9.93 -7.80
C ARG A 135 -11.02 9.15 -6.89
N PHE A 136 -11.59 8.56 -5.84
CA PHE A 136 -10.88 7.73 -4.89
C PHE A 136 -11.63 6.40 -4.72
N THR A 137 -10.85 5.36 -4.41
CA THR A 137 -11.41 4.04 -4.14
C THR A 137 -10.60 3.38 -3.04
N VAL A 138 -11.31 2.80 -2.08
CA VAL A 138 -10.73 2.18 -0.89
C VAL A 138 -10.93 0.67 -0.96
N PRO A 139 -9.98 -0.09 -1.50
CA PRO A 139 -10.18 -1.55 -1.60
C PRO A 139 -10.45 -2.22 -0.25
N GLU A 140 -9.82 -1.73 0.81
CA GLU A 140 -9.93 -2.37 2.12
C GLU A 140 -11.38 -2.43 2.59
N VAL A 141 -12.12 -1.34 2.44
CA VAL A 141 -13.46 -1.23 3.01
C VAL A 141 -14.48 -1.71 1.99
N LEU A 142 -15.32 -2.66 2.44
CA LEU A 142 -16.39 -3.25 1.66
C LEU A 142 -17.73 -2.74 2.17
N MET A 143 -18.68 -2.56 1.26
CA MET A 143 -19.99 -2.01 1.59
C MET A 143 -21.07 -3.01 1.19
N PRO A 144 -22.02 -3.33 2.08
CA PRO A 144 -23.13 -4.20 1.68
C PRO A 144 -24.19 -3.47 0.87
N GLN A 145 -24.66 -4.12 -0.19
CA GLN A 145 -25.80 -3.68 -0.96
C GLN A 145 -26.70 -4.88 -1.26
N GLN A 146 -27.96 -4.59 -1.52
CA GLN A 146 -28.94 -5.59 -1.90
C GLN A 146 -29.66 -5.14 -3.17
N MET A 147 -29.97 -6.11 -4.03
CA MET A 147 -30.55 -5.83 -5.33
C MET A 147 -31.34 -7.03 -5.81
N ILE A 148 -32.19 -6.81 -6.80
CA ILE A 148 -33.04 -7.84 -7.37
C ILE A 148 -33.14 -7.62 -8.88
N TYR A 149 -33.24 -8.72 -9.62
CA TYR A 149 -33.38 -8.69 -11.06
C TYR A 149 -34.43 -9.71 -11.49
N PHE A 150 -35.04 -9.45 -12.64
CA PHE A 150 -36.02 -10.34 -13.26
C PHE A 150 -35.41 -10.96 -14.50
N VAL A 151 -35.53 -12.28 -14.62
CA VAL A 151 -34.90 -13.04 -15.69
C VAL A 151 -35.93 -13.29 -16.78
N ASN A 152 -35.44 -13.34 -18.02
CA ASN A 152 -36.24 -13.71 -19.18
C ASN A 152 -35.38 -14.56 -20.11
N LYS A 153 -36.00 -15.03 -21.20
CA LYS A 153 -35.29 -15.91 -22.12
C LYS A 153 -34.13 -15.21 -22.81
N ASP A 154 -34.11 -13.87 -22.81
CA ASP A 154 -33.03 -13.13 -23.46
C ASP A 154 -31.89 -12.84 -22.49
N ARG A 155 -32.21 -12.45 -21.26
CA ARG A 155 -31.18 -12.10 -20.29
C ARG A 155 -30.35 -13.31 -19.88
N ILE A 156 -30.89 -14.51 -20.03
CA ILE A 156 -30.20 -15.71 -19.56
C ILE A 156 -28.91 -15.93 -20.34
N LYS A 157 -28.92 -15.61 -21.64
CA LYS A 157 -27.77 -15.85 -22.50
C LYS A 157 -26.81 -14.67 -22.51
N LYS A 158 -27.33 -13.46 -22.60
CA LYS A 158 -26.47 -12.28 -22.61
C LYS A 158 -25.69 -12.15 -21.31
N GLY A 159 -26.36 -12.41 -20.19
CA GLY A 159 -25.79 -12.16 -18.88
C GLY A 159 -26.40 -10.94 -18.23
N ILE A 160 -26.79 -11.05 -16.97
CA ILE A 160 -27.46 -9.98 -16.26
C ILE A 160 -26.49 -8.82 -16.05
N PRO A 161 -26.79 -7.60 -16.51
CA PRO A 161 -25.93 -6.46 -16.18
C PRO A 161 -26.24 -5.93 -14.79
N LEU A 162 -25.23 -5.92 -13.93
CA LEU A 162 -25.41 -5.56 -12.53
C LEU A 162 -25.35 -4.05 -12.36
N TYR A 163 -26.21 -3.51 -11.49
CA TYR A 163 -26.19 -2.08 -11.22
C TYR A 163 -24.92 -1.68 -10.48
N TYR A 164 -24.46 -2.51 -9.56
CA TYR A 164 -23.24 -2.28 -8.80
C TYR A 164 -22.09 -3.07 -9.37
N ASP A 165 -20.90 -2.81 -8.83
CA ASP A 165 -19.75 -3.66 -9.01
C ASP A 165 -19.82 -4.87 -8.08
N VAL A 166 -18.86 -5.77 -8.23
CA VAL A 166 -18.80 -7.01 -7.46
C VAL A 166 -17.41 -7.21 -6.89
N LYS A 167 -17.35 -7.54 -5.61
CA LYS A 167 -16.20 -8.14 -4.96
C LYS A 167 -16.45 -9.59 -4.59
N GLU A 168 -17.57 -9.87 -3.92
CA GLU A 168 -17.96 -11.23 -3.60
C GLU A 168 -19.43 -11.22 -3.25
N ILE A 169 -20.07 -12.38 -3.35
CA ILE A 169 -21.49 -12.53 -3.12
C ILE A 169 -21.71 -13.20 -1.77
N THR A 170 -22.62 -12.63 -0.98
CA THR A 170 -22.98 -13.13 0.33
C THR A 170 -24.06 -14.20 0.27
N TYR A 171 -25.12 -13.96 -0.49
CA TYR A 171 -26.30 -14.80 -0.44
C TYR A 171 -27.15 -14.58 -1.68
N ILE A 172 -27.53 -15.67 -2.33
CA ILE A 172 -28.40 -15.64 -3.50
C ILE A 172 -29.65 -16.42 -3.17
N ALA A 173 -30.77 -16.03 -3.79
CA ALA A 173 -32.03 -16.73 -3.56
C ALA A 173 -32.96 -16.48 -4.73
N THR A 174 -33.96 -17.35 -4.84
CA THR A 174 -35.02 -17.23 -5.82
C THR A 174 -36.26 -17.89 -5.26
N GLN A 175 -37.31 -17.99 -6.08
CA GLN A 175 -38.56 -18.57 -5.61
C GLN A 175 -38.39 -20.03 -5.21
N ASP A 176 -37.49 -20.74 -5.89
CA ASP A 176 -37.22 -22.15 -5.57
C ASP A 176 -36.26 -22.33 -4.40
N GLY A 177 -35.82 -21.24 -3.77
CA GLY A 177 -34.91 -21.30 -2.66
C GLY A 177 -33.56 -20.69 -2.97
N THR A 178 -32.56 -21.12 -2.21
CA THR A 178 -31.21 -20.60 -2.41
C THR A 178 -30.61 -21.18 -3.68
N VAL A 179 -29.42 -20.70 -4.01
CA VAL A 179 -28.67 -21.12 -5.19
C VAL A 179 -27.26 -21.47 -4.78
N TYR A 180 -26.70 -22.48 -5.43
CA TYR A 180 -25.37 -22.97 -5.12
C TYR A 180 -24.36 -22.50 -6.16
N GLU A 181 -23.08 -22.66 -5.84
CA GLU A 181 -22.02 -22.21 -6.73
C GLU A 181 -21.99 -22.97 -8.05
N GLU A 182 -22.63 -24.13 -8.12
CA GLU A 182 -22.59 -24.94 -9.33
C GLU A 182 -23.48 -24.41 -10.44
N ASP A 183 -24.35 -23.44 -10.14
CA ASP A 183 -25.39 -23.01 -11.07
C ASP A 183 -25.19 -21.61 -11.63
N TYR A 184 -24.31 -20.80 -11.04
CA TYR A 184 -24.12 -19.42 -11.45
C TYR A 184 -22.65 -19.09 -11.56
N GLU A 185 -22.35 -18.10 -12.40
CA GLU A 185 -20.99 -17.62 -12.61
C GLU A 185 -21.05 -16.15 -12.96
N ILE A 186 -19.96 -15.44 -12.68
CA ILE A 186 -19.85 -14.00 -12.92
C ILE A 186 -18.60 -13.75 -13.75
N LYS A 187 -18.76 -12.93 -14.79
CA LYS A 187 -17.65 -12.55 -15.66
C LYS A 187 -17.81 -11.08 -16.06
N ASN A 188 -16.75 -10.30 -15.86
CA ASN A 188 -16.72 -8.91 -16.27
C ASN A 188 -17.90 -8.13 -15.68
N ASN A 189 -18.22 -8.44 -14.42
CA ASN A 189 -19.24 -7.73 -13.68
C ASN A 189 -20.63 -7.93 -14.29
N ARG A 190 -20.87 -9.11 -14.87
CA ARG A 190 -22.21 -9.52 -15.26
C ARG A 190 -22.40 -10.99 -14.90
N LEU A 191 -23.65 -11.37 -14.71
CA LEU A 191 -24.01 -12.63 -14.07
C LEU A 191 -24.68 -13.55 -15.08
N TYR A 192 -24.29 -14.83 -15.04
CA TYR A 192 -24.89 -15.86 -15.88
C TYR A 192 -25.59 -16.89 -15.01
N LEU A 193 -26.67 -17.45 -15.54
CA LEU A 193 -27.43 -18.48 -14.87
C LEU A 193 -27.75 -19.60 -15.84
N ASN A 194 -27.99 -20.79 -15.30
CA ASN A 194 -28.36 -21.93 -16.12
C ASN A 194 -29.85 -21.86 -16.45
N GLU A 195 -30.28 -22.78 -17.32
CA GLU A 195 -31.62 -22.70 -17.91
C GLU A 195 -32.73 -23.01 -16.92
N LYS A 196 -32.41 -23.49 -15.71
CA LYS A 196 -33.45 -23.85 -14.75
C LYS A 196 -34.25 -22.65 -14.30
N TYR A 197 -33.71 -21.44 -14.42
CA TYR A 197 -34.33 -20.22 -13.90
C TYR A 197 -34.71 -19.28 -15.03
N GLU A 198 -35.33 -19.82 -16.08
CA GLU A 198 -35.62 -19.01 -17.27
C GLU A 198 -36.55 -17.85 -16.93
N ASN A 199 -37.60 -18.10 -16.15
CA ASN A 199 -38.61 -17.09 -15.82
C ASN A 199 -38.74 -16.91 -14.32
N HIS A 200 -37.68 -17.19 -13.57
CA HIS A 200 -37.66 -16.97 -12.14
C HIS A 200 -37.07 -15.60 -11.81
N THR A 201 -37.31 -15.14 -10.59
CA THR A 201 -36.64 -13.97 -10.05
C THR A 201 -35.39 -14.37 -9.28
N VAL A 202 -34.44 -13.44 -9.18
CA VAL A 202 -33.19 -13.67 -8.48
C VAL A 202 -32.84 -12.42 -7.68
N THR A 203 -32.38 -12.62 -6.44
CA THR A 203 -31.97 -11.53 -5.56
C THR A 203 -30.63 -11.85 -4.93
N LEU A 204 -29.86 -10.80 -4.63
CA LEU A 204 -28.49 -10.95 -4.16
C LEU A 204 -28.18 -9.95 -3.06
N LYS A 205 -27.48 -10.41 -2.03
CA LYS A 205 -26.78 -9.57 -1.07
C LYS A 205 -25.29 -9.52 -1.40
N ILE A 206 -24.78 -8.33 -1.68
CA ILE A 206 -23.51 -8.17 -2.36
C ILE A 206 -22.63 -7.20 -1.57
N LEU A 207 -21.32 -7.44 -1.62
CA LEU A 207 -20.30 -6.57 -1.05
C LEU A 207 -19.51 -5.90 -2.16
N MET A 208 -19.35 -4.58 -2.06
CA MET A 208 -18.64 -3.79 -3.04
C MET A 208 -17.67 -2.82 -2.37
N THR A 209 -16.60 -2.51 -3.08
CA THR A 209 -15.58 -1.59 -2.59
C THR A 209 -16.14 -0.19 -2.40
N LEU A 210 -15.73 0.44 -1.30
CA LEU A 210 -16.05 1.84 -1.05
C LEU A 210 -15.36 2.75 -2.05
N ARG A 211 -16.08 3.76 -2.52
CA ARG A 211 -15.59 4.70 -3.52
C ARG A 211 -16.14 6.10 -3.25
N TYR A 212 -15.41 7.10 -3.72
CA TYR A 212 -15.77 8.48 -3.48
C TYR A 212 -15.32 9.34 -4.66
N VAL A 213 -15.99 10.48 -4.84
CA VAL A 213 -15.57 11.53 -5.75
C VAL A 213 -15.56 12.86 -5.01
N VAL A 214 -14.70 13.77 -5.46
CA VAL A 214 -14.55 15.09 -4.85
C VAL A 214 -15.62 16.01 -5.42
N SER A 215 -16.62 16.33 -4.59
CA SER A 215 -17.73 17.18 -5.01
C SER A 215 -17.50 18.64 -4.64
N ASP A 216 -16.57 18.92 -3.72
CA ASP A 216 -16.11 20.27 -3.47
C ASP A 216 -14.77 20.19 -2.75
N ILE A 217 -13.97 21.24 -2.90
CA ILE A 217 -12.72 21.40 -2.17
C ILE A 217 -12.87 22.55 -1.19
N LEU A 218 -12.57 22.29 0.08
CA LEU A 218 -13.00 23.10 1.21
C LEU A 218 -11.80 23.41 2.08
N LYS A 219 -11.73 24.62 2.62
CA LYS A 219 -10.53 25.14 3.27
C LYS A 219 -9.28 24.80 2.45
N GLU A 220 -9.36 25.20 1.18
CA GLU A 220 -8.65 24.54 0.09
C GLU A 220 -7.13 24.64 0.22
N SER A 221 -6.61 25.78 0.68
CA SER A 221 -5.17 25.93 0.82
C SER A 221 -4.77 26.57 2.14
N ARG A 222 -3.76 25.97 2.78
CA ARG A 222 -3.14 26.45 4.00
C ARG A 222 -1.63 26.36 3.84
N TYR A 223 -0.92 27.37 4.36
CA TYR A 223 0.44 27.68 3.91
C TYR A 223 1.36 27.91 5.09
N GLN A 224 2.65 27.67 4.87
CA GLN A 224 3.69 27.97 5.85
C GLN A 224 4.99 28.31 5.14
N TYR A 225 5.55 29.48 5.42
CA TYR A 225 6.96 29.76 5.11
C TYR A 225 7.85 29.13 6.18
N THR A 226 8.17 27.85 5.97
CA THR A 226 9.12 27.15 6.83
C THR A 226 10.54 27.66 6.60
N LYS A 227 11.17 28.16 7.67
CA LYS A 227 12.49 28.79 7.59
C LYS A 227 13.46 28.19 8.60
N PHE A 228 12.96 27.75 9.74
CA PHE A 228 13.81 27.16 10.77
C PHE A 228 14.53 25.92 10.26
N ASN A 229 15.85 25.90 10.43
CA ASN A 229 16.70 24.75 10.10
C ASN A 229 16.65 24.45 8.61
N GLN A 230 16.67 25.51 7.80
CA GLN A 230 16.68 25.46 6.35
C GLN A 230 17.76 26.39 5.84
N PRO A 231 18.39 26.08 4.71
CA PRO A 231 19.31 27.07 4.10
C PRO A 231 18.60 28.37 3.76
N LYS A 232 17.35 28.30 3.36
CA LYS A 232 16.59 29.48 2.92
C LYS A 232 15.11 29.22 3.14
N SER A 233 14.34 30.30 3.06
CA SER A 233 12.89 30.21 3.18
C SER A 233 12.29 29.25 2.15
N LYS A 234 11.38 28.40 2.62
CA LYS A 234 10.72 27.39 1.79
C LYS A 234 9.22 27.49 1.99
N PHE A 235 8.46 27.28 0.92
CA PHE A 235 7.00 27.32 0.94
C PHE A 235 6.44 25.89 0.87
N GLU A 236 5.59 25.54 1.84
CA GLU A 236 4.98 24.23 1.93
C GLU A 236 3.46 24.36 2.01
N ASN A 237 2.76 23.61 1.15
CA ASN A 237 1.30 23.56 1.12
C ASN A 237 0.80 22.53 2.13
N LEU A 238 0.06 23.00 3.14
CA LEU A 238 -0.53 22.13 4.16
C LEU A 238 -1.80 21.45 3.66
N PRO A 239 -2.28 20.43 4.40
CA PRO A 239 -3.37 19.59 3.89
C PRO A 239 -4.64 20.33 3.47
N GLN A 240 -5.17 19.93 2.31
CA GLN A 240 -6.52 20.30 1.90
C GLN A 240 -7.57 19.48 2.64
N LYS A 241 -8.77 20.04 2.78
CA LYS A 241 -9.95 19.30 3.20
C LYS A 241 -10.88 19.11 2.00
N LEU A 242 -11.33 17.87 1.80
CA LEU A 242 -12.19 17.49 0.68
C LEU A 242 -13.57 17.09 1.17
N LEU A 243 -14.62 17.56 0.50
CA LEU A 243 -15.98 17.08 0.71
C LEU A 243 -16.31 16.02 -0.34
N LEU A 244 -16.24 14.76 0.06
CA LEU A 244 -16.38 13.60 -0.82
C LEU A 244 -17.84 13.17 -0.97
N LYS A 245 -18.14 12.58 -2.13
CA LYS A 245 -19.47 12.09 -2.48
C LYS A 245 -19.38 10.67 -3.02
N ARG A 246 -20.34 9.83 -2.60
CA ARG A 246 -20.35 8.43 -3.00
C ARG A 246 -20.79 8.26 -4.46
N GLU A 247 -20.34 7.16 -5.05
CA GLU A 247 -20.64 6.77 -6.44
C GLU A 247 -21.73 5.71 -6.47
N ASP A 248 -22.97 6.16 -6.66
CA ASP A 248 -24.15 5.30 -6.76
C ASP A 248 -24.82 5.41 -8.12
N VAL A 249 -25.09 6.63 -8.59
CA VAL A 249 -25.84 6.80 -9.82
C VAL A 249 -25.07 6.24 -11.00
N ILE A 250 -23.76 6.47 -11.06
CA ILE A 250 -22.89 5.91 -12.09
C ILE A 250 -21.74 5.20 -11.39
N VAL A 251 -21.47 3.97 -11.83
CA VAL A 251 -20.46 3.11 -11.23
C VAL A 251 -19.45 2.71 -12.29
N LEU A 252 -18.17 2.90 -11.99
CA LEU A 252 -17.08 2.42 -12.81
C LEU A 252 -16.23 1.42 -12.02
N GLN A 253 -15.65 0.47 -12.73
CA GLN A 253 -14.86 -0.57 -12.08
C GLN A 253 -13.63 0.03 -11.43
N ASP A 254 -13.02 -0.76 -10.55
CA ASP A 254 -11.80 -0.35 -9.89
C ASP A 254 -10.70 -0.08 -10.92
N PRO A 255 -9.85 0.92 -10.70
CA PRO A 255 -8.83 1.26 -11.70
C PRO A 255 -7.83 0.12 -11.89
N TYR A 256 -7.29 0.04 -13.10
CA TYR A 256 -6.33 -1.00 -13.46
C TYR A 256 -4.93 -0.55 -13.05
N LYS A 257 -4.56 -0.87 -11.82
CA LYS A 257 -3.24 -0.54 -11.31
C LYS A 257 -2.20 -1.49 -11.88
N VAL A 258 -1.00 -0.96 -12.11
CA VAL A 258 0.13 -1.78 -12.55
C VAL A 258 0.68 -2.52 -11.36
N ASN A 259 0.75 -3.85 -11.46
CA ASN A 259 1.23 -4.67 -10.37
C ASN A 259 2.76 -4.74 -10.35
N ASP A 260 3.28 -5.12 -9.19
CA ASP A 260 4.70 -5.34 -8.98
C ASP A 260 4.96 -6.82 -8.75
N GLY A 261 6.06 -7.32 -9.29
CA GLY A 261 6.39 -8.72 -9.15
C GLY A 261 7.03 -9.12 -7.84
N ILE A 262 7.13 -8.18 -6.89
CA ILE A 262 7.67 -8.50 -5.58
C ILE A 262 6.63 -9.28 -4.78
N GLU A 263 6.96 -10.52 -4.43
CA GLU A 263 6.08 -11.31 -3.59
C GLU A 263 5.93 -10.68 -2.22
N GLU A 264 4.68 -10.60 -1.77
CA GLU A 264 4.37 -10.08 -0.45
C GLU A 264 4.72 -11.09 0.64
N ASP A 265 5.28 -10.59 1.74
CA ASP A 265 5.70 -11.42 2.87
C ASP A 265 6.78 -12.42 2.44
N LEU A 266 7.85 -11.85 1.88
CA LEU A 266 8.92 -12.60 1.25
C LEU A 266 10.05 -12.82 2.24
N GLU A 267 10.48 -14.07 2.38
CA GLU A 267 11.61 -14.36 3.25
C GLU A 267 12.91 -13.91 2.59
N ILE A 268 13.84 -13.44 3.42
CA ILE A 268 15.14 -12.95 2.98
C ILE A 268 16.23 -13.58 3.85
N GLN A 269 17.31 -14.00 3.20
CA GLN A 269 18.46 -14.54 3.90
C GLN A 269 19.71 -14.44 3.04
N ALA B 2 -66.59 -3.08 -17.73
CA ALA B 2 -65.17 -3.47 -17.87
C ALA B 2 -64.26 -2.34 -17.38
N ILE B 3 -63.84 -2.44 -16.12
CA ILE B 3 -62.95 -1.44 -15.54
C ILE B 3 -61.63 -1.45 -16.28
N THR B 4 -61.08 -0.26 -16.51
CA THR B 4 -59.88 -0.08 -17.32
C THR B 4 -58.69 0.26 -16.42
N SER B 5 -57.60 -0.48 -16.59
CA SER B 5 -56.33 -0.21 -15.93
C SER B 5 -55.35 0.25 -17.01
N VAL B 6 -55.26 1.57 -17.17
CA VAL B 6 -54.47 2.13 -18.26
C VAL B 6 -52.99 1.79 -18.10
N ASP B 7 -52.50 1.78 -16.85
CA ASP B 7 -51.07 1.57 -16.63
C ASP B 7 -50.64 0.17 -17.08
N SER B 8 -51.43 -0.85 -16.73
CA SER B 8 -51.08 -2.22 -17.12
C SER B 8 -51.12 -2.37 -18.63
N TYR B 9 -52.12 -1.80 -19.27
CA TYR B 9 -52.21 -1.84 -20.73
C TYR B 9 -50.99 -1.17 -21.36
N LEU B 10 -50.60 -0.01 -20.81
CA LEU B 10 -49.42 0.68 -21.31
C LEU B 10 -48.18 -0.19 -21.20
N LEU B 11 -48.00 -0.83 -20.05
CA LEU B 11 -46.82 -1.67 -19.84
C LEU B 11 -46.81 -2.84 -20.83
N SER B 12 -47.96 -3.50 -20.98
CA SER B 12 -48.04 -4.67 -21.85
C SER B 12 -47.82 -4.29 -23.31
N GLU B 13 -48.31 -3.12 -23.71
CA GLU B 13 -48.07 -2.66 -25.09
C GLU B 13 -46.62 -2.25 -25.29
N ILE B 14 -46.02 -1.62 -24.27
CA ILE B 14 -44.70 -1.03 -24.43
C ILE B 14 -43.62 -2.11 -24.48
N LYS B 15 -43.69 -3.09 -23.58
CA LYS B 15 -42.54 -3.98 -23.41
C LYS B 15 -42.22 -4.78 -24.67
N PRO B 16 -43.11 -5.63 -25.20
CA PRO B 16 -42.75 -6.36 -26.41
C PRO B 16 -42.50 -5.45 -27.61
N ARG B 17 -43.28 -4.39 -27.74
CA ARG B 17 -43.12 -3.49 -28.88
C ARG B 17 -41.79 -2.76 -28.81
N LEU B 18 -41.42 -2.29 -27.62
CA LEU B 18 -40.12 -1.63 -27.45
C LEU B 18 -38.99 -2.60 -27.74
N ASN B 19 -39.09 -3.84 -27.24
CA ASN B 19 -38.05 -4.82 -27.51
C ASN B 19 -37.92 -5.07 -29.00
N THR B 20 -39.05 -5.21 -29.71
CA THR B 20 -39.00 -5.46 -31.14
C THR B 20 -38.39 -4.29 -31.89
N VAL B 21 -38.75 -3.06 -31.48
CA VAL B 21 -38.22 -1.88 -32.16
C VAL B 21 -36.72 -1.79 -31.96
N LEU B 22 -36.25 -2.02 -30.73
CA LEU B 22 -34.81 -1.99 -30.47
C LEU B 22 -34.09 -3.21 -31.03
N GLU B 23 -34.83 -4.23 -31.48
CA GLU B 23 -34.18 -5.44 -31.99
C GLU B 23 -33.36 -5.14 -33.23
N ASN B 24 -33.92 -4.39 -34.17
CA ASN B 24 -33.32 -4.18 -35.48
C ASN B 24 -32.85 -2.74 -35.65
N CYS B 25 -31.87 -2.57 -36.53
CA CYS B 25 -31.24 -1.27 -36.74
C CYS B 25 -31.98 -0.41 -37.77
N TYR B 26 -32.64 -1.04 -38.74
CA TYR B 26 -33.30 -0.28 -39.81
C TYR B 26 -34.39 0.62 -39.25
N ILE B 27 -35.23 0.08 -38.36
CA ILE B 27 -36.31 0.87 -37.78
C ILE B 27 -35.74 2.02 -36.96
N ILE B 28 -34.69 1.75 -36.19
CA ILE B 28 -34.09 2.78 -35.36
C ILE B 28 -33.52 3.90 -36.22
N ASP B 29 -32.85 3.53 -37.32
CA ASP B 29 -32.33 4.54 -38.23
C ASP B 29 -33.45 5.36 -38.84
N GLU B 30 -34.57 4.71 -39.18
CA GLU B 30 -35.73 5.47 -39.66
C GLU B 30 -36.22 6.45 -38.59
N VAL B 31 -36.25 6.00 -37.35
CA VAL B 31 -36.75 6.84 -36.26
C VAL B 31 -35.85 8.06 -36.06
N LEU B 32 -34.54 7.83 -36.01
CA LEU B 32 -33.56 8.85 -35.64
C LEU B 32 -32.99 9.56 -36.85
N LYS B 33 -33.79 9.73 -37.90
CA LYS B 33 -33.31 10.34 -39.13
C LYS B 33 -32.85 11.77 -38.89
N ASP B 34 -33.59 12.53 -38.08
CA ASP B 34 -33.31 13.95 -37.91
C ASP B 34 -32.17 14.24 -36.95
N PHE B 35 -31.79 13.26 -36.11
CA PHE B 35 -30.76 13.50 -35.13
C PHE B 35 -29.37 13.49 -35.79
N ASP B 36 -28.41 14.04 -35.06
CA ASP B 36 -27.04 14.09 -35.56
C ASP B 36 -26.42 12.71 -35.58
N TYR B 37 -25.29 12.60 -36.27
CA TYR B 37 -24.59 11.33 -36.42
C TYR B 37 -24.12 10.80 -35.07
N GLN B 38 -23.56 11.68 -34.23
CA GLN B 38 -22.90 11.25 -33.01
C GLN B 38 -23.88 10.57 -32.06
N THR B 39 -24.92 11.28 -31.66
CA THR B 39 -25.88 10.72 -30.69
C THR B 39 -26.59 9.50 -31.26
N ARG B 40 -26.97 9.57 -32.54
CA ARG B 40 -27.62 8.44 -33.19
C ARG B 40 -26.77 7.18 -33.10
N GLU B 41 -25.50 7.30 -33.51
CA GLU B 41 -24.64 6.12 -33.52
C GLU B 41 -24.32 5.66 -32.11
N SER B 42 -24.17 6.58 -31.17
CA SER B 42 -23.90 6.17 -29.79
C SER B 42 -25.07 5.37 -29.21
N PHE B 43 -26.29 5.86 -29.42
CA PHE B 43 -27.45 5.14 -28.94
C PHE B 43 -27.58 3.78 -29.62
N LYS B 44 -27.31 3.73 -30.93
CA LYS B 44 -27.37 2.46 -31.64
C LYS B 44 -26.35 1.48 -31.09
N GLU B 45 -25.14 1.95 -30.82
CA GLU B 45 -24.11 1.09 -30.26
C GLU B 45 -24.50 0.59 -28.88
N ALA B 46 -25.09 1.46 -28.05
CA ALA B 46 -25.36 1.08 -26.68
C ALA B 46 -26.54 0.12 -26.59
N PHE B 47 -27.68 0.48 -27.18
CA PHE B 47 -28.93 -0.21 -26.93
C PHE B 47 -29.43 -1.03 -28.11
N CYS B 48 -29.13 -0.62 -29.33
CA CYS B 48 -29.74 -1.24 -30.50
C CYS B 48 -29.03 -2.55 -30.85
N GLY B 49 -29.78 -3.44 -31.47
CA GLY B 49 -29.26 -4.71 -31.94
C GLY B 49 -29.66 -5.86 -31.03
N LYS B 50 -29.69 -7.06 -31.61
CA LYS B 50 -30.02 -8.25 -30.83
C LYS B 50 -29.01 -8.48 -29.72
N ASN B 51 -27.72 -8.32 -30.03
CA ASN B 51 -26.64 -8.61 -29.10
C ASN B 51 -26.24 -7.41 -28.26
N ALA B 52 -27.16 -6.46 -28.05
CA ALA B 52 -26.83 -5.28 -27.26
C ALA B 52 -26.50 -5.68 -25.83
N GLN B 53 -25.40 -5.14 -25.31
CA GLN B 53 -25.00 -5.41 -23.93
C GLN B 53 -25.84 -4.60 -22.95
N HIS B 54 -26.01 -3.31 -23.22
CA HIS B 54 -26.86 -2.46 -22.40
C HIS B 54 -28.32 -2.66 -22.80
N GLU B 55 -29.21 -2.44 -21.82
CA GLU B 55 -30.62 -2.71 -22.02
C GLU B 55 -31.43 -1.68 -21.25
N VAL B 56 -32.59 -1.32 -21.83
CA VAL B 56 -33.52 -0.40 -21.19
C VAL B 56 -34.51 -1.19 -20.34
N THR B 57 -35.23 -0.50 -19.47
CA THR B 57 -36.20 -1.14 -18.60
C THR B 57 -37.38 -0.19 -18.42
N VAL B 58 -38.49 -0.75 -17.94
CA VAL B 58 -39.71 0.02 -17.71
C VAL B 58 -40.39 -0.52 -16.46
N GLY B 59 -40.98 0.37 -15.68
CA GLY B 59 -41.64 -0.03 -14.45
C GLY B 59 -42.39 1.15 -13.85
N PHE B 60 -43.16 0.84 -12.81
CA PHE B 60 -43.96 1.86 -12.15
C PHE B 60 -43.12 2.64 -11.15
N ASN B 61 -43.72 3.68 -10.59
CA ASN B 61 -43.02 4.57 -9.69
C ASN B 61 -43.00 4.03 -8.27
N PHE B 62 -42.16 4.64 -7.45
CA PHE B 62 -41.90 4.20 -6.08
C PHE B 62 -41.58 2.71 -5.99
N PRO B 63 -40.53 2.24 -6.68
CA PRO B 63 -40.04 0.88 -6.42
C PRO B 63 -39.08 0.86 -5.23
N LYS B 64 -39.30 -0.08 -4.32
CA LYS B 64 -38.47 -0.17 -3.13
C LYS B 64 -37.02 -0.54 -3.46
N PHE B 65 -36.79 -1.18 -4.60
CA PHE B 65 -35.44 -1.54 -5.01
C PHE B 65 -34.80 -0.43 -5.84
N LYS B 66 -33.48 -0.48 -5.92
CA LYS B 66 -32.76 0.40 -6.84
C LYS B 66 -33.18 0.12 -8.28
N ASN B 67 -33.29 1.18 -9.06
CA ASN B 67 -33.73 1.15 -10.44
C ASN B 67 -32.63 1.72 -11.34
N ASN B 68 -32.42 1.06 -12.47
CA ASN B 68 -31.33 1.44 -13.36
C ASN B 68 -31.62 2.79 -13.99
N TYR B 69 -30.66 3.71 -13.88
CA TYR B 69 -30.81 5.08 -14.36
C TYR B 69 -29.97 5.37 -15.59
N GLU B 70 -29.47 4.33 -16.25
CA GLU B 70 -28.83 4.55 -17.55
C GLU B 70 -29.88 4.86 -18.62
N ALA B 71 -30.96 4.09 -18.63
CA ALA B 71 -32.09 4.35 -19.52
C ALA B 71 -33.29 3.58 -19.01
N HIS B 72 -34.34 4.29 -18.62
CA HIS B 72 -35.51 3.65 -18.04
C HIS B 72 -36.74 4.47 -18.37
N TYR B 73 -37.86 3.77 -18.57
CA TYR B 73 -39.17 4.38 -18.76
C TYR B 73 -39.94 4.31 -17.46
N LEU B 74 -40.34 5.46 -16.94
CA LEU B 74 -41.02 5.56 -15.65
C LEU B 74 -42.46 6.00 -15.88
N ILE B 75 -43.39 5.29 -15.23
CA ILE B 75 -44.82 5.51 -15.41
C ILE B 75 -45.42 5.88 -14.06
N GLN B 76 -46.38 6.81 -14.08
CA GLN B 76 -47.18 7.12 -12.91
C GLN B 76 -48.58 7.50 -13.38
N LEU B 77 -49.56 7.27 -12.50
CA LEU B 77 -50.94 7.12 -12.94
C LEU B 77 -51.57 8.45 -13.35
N GLY B 78 -51.39 9.48 -12.53
CA GLY B 78 -51.93 10.79 -12.87
C GLY B 78 -53.39 10.96 -12.52
N GLN B 79 -53.97 12.02 -13.05
CA GLN B 79 -55.32 12.44 -12.71
C GLN B 79 -56.36 11.77 -13.61
N GLY B 80 -57.62 12.02 -13.31
CA GLY B 80 -58.71 11.55 -14.14
C GLY B 80 -59.95 12.39 -13.93
N GLN B 81 -60.83 12.36 -14.91
CA GLN B 81 -62.04 13.18 -14.87
C GLN B 81 -63.14 12.51 -15.67
N GLU B 82 -64.38 12.78 -15.26
CA GLU B 82 -65.57 12.33 -15.99
C GLU B 82 -66.04 13.44 -16.91
N THR B 83 -66.26 13.10 -18.18
CA THR B 83 -66.50 14.10 -19.22
C THR B 83 -67.88 14.02 -19.85
N LYS B 84 -68.42 12.82 -20.06
CA LYS B 84 -69.68 12.66 -20.75
C LYS B 84 -70.48 11.51 -20.15
N ASN B 85 -71.80 11.61 -20.26
CA ASN B 85 -72.71 10.61 -19.73
C ASN B 85 -73.86 10.41 -20.71
N SER B 86 -74.53 9.28 -20.58
CA SER B 86 -75.72 8.96 -21.35
C SER B 86 -76.92 8.87 -20.42
N LEU B 87 -78.11 8.84 -21.02
CA LEU B 87 -79.34 8.79 -20.25
C LEU B 87 -79.39 7.50 -19.43
N GLY B 88 -79.64 7.65 -18.13
CA GLY B 88 -79.64 6.50 -17.26
C GLY B 88 -78.31 5.80 -17.16
N SER B 89 -77.22 6.46 -17.58
CA SER B 89 -75.88 5.88 -17.61
C SER B 89 -75.82 4.65 -18.51
N ILE B 90 -76.74 4.55 -19.48
CA ILE B 90 -76.81 3.40 -20.36
C ILE B 90 -75.81 3.58 -21.48
N GLN B 91 -74.96 2.57 -21.70
CA GLN B 91 -73.97 2.58 -22.75
C GLN B 91 -74.34 1.64 -23.90
N SER B 92 -74.78 0.44 -23.60
CA SER B 92 -75.12 -0.54 -24.62
C SER B 92 -75.96 -1.64 -24.01
N SER B 93 -76.60 -2.42 -24.87
CA SER B 93 -77.40 -3.57 -24.48
C SER B 93 -76.89 -4.81 -25.20
N TYR B 94 -76.80 -5.91 -24.47
CA TYR B 94 -76.26 -7.16 -24.99
C TYR B 94 -77.19 -8.31 -24.63
N PHE B 95 -77.37 -9.23 -25.57
CA PHE B 95 -78.14 -10.44 -25.32
C PHE B 95 -77.28 -11.59 -24.84
N GLU B 96 -76.00 -11.60 -25.19
CA GLU B 96 -75.07 -12.66 -24.81
C GLU B 96 -73.83 -12.03 -24.20
N ALA B 97 -73.43 -12.53 -23.03
CA ALA B 97 -72.24 -12.00 -22.38
C ALA B 97 -71.02 -12.18 -23.27
N THR B 98 -70.22 -11.12 -23.39
CA THR B 98 -69.08 -11.08 -24.29
C THR B 98 -67.87 -10.54 -23.54
N GLY B 99 -66.71 -11.15 -23.78
CA GLY B 99 -65.48 -10.70 -23.17
C GLY B 99 -64.65 -9.82 -24.08
N ASP B 100 -63.36 -10.09 -24.16
CA ASP B 100 -62.48 -9.30 -25.02
C ASP B 100 -62.68 -9.67 -26.48
N THR B 101 -62.20 -8.79 -27.35
CA THR B 101 -62.14 -9.04 -28.78
C THR B 101 -60.79 -9.65 -29.15
N LEU B 102 -60.83 -10.80 -29.81
CA LEU B 102 -59.63 -11.58 -30.13
C LEU B 102 -59.41 -11.60 -31.64
N VAL B 103 -58.13 -11.64 -32.02
CA VAL B 103 -57.71 -11.87 -33.41
C VAL B 103 -56.91 -13.16 -33.45
N GLU B 104 -57.34 -14.10 -34.31
CA GLU B 104 -56.69 -15.39 -34.45
C GLU B 104 -56.51 -15.73 -35.91
N SER B 105 -55.33 -16.21 -36.27
CA SER B 105 -55.09 -16.84 -37.56
C SER B 105 -55.63 -18.26 -37.56
N SER B 106 -56.21 -18.67 -38.69
CA SER B 106 -56.83 -19.99 -38.80
C SER B 106 -56.88 -20.42 -40.26
N THR B 107 -56.16 -21.48 -40.59
CA THR B 107 -56.20 -22.03 -41.95
C THR B 107 -57.51 -22.74 -42.22
N ALA B 108 -58.04 -22.55 -43.42
CA ALA B 108 -59.27 -23.22 -43.83
C ALA B 108 -59.13 -24.74 -43.78
N ILE B 109 -60.28 -25.40 -43.58
CA ILE B 109 -60.36 -26.85 -43.44
C ILE B 109 -61.55 -27.31 -44.25
N ARG B 110 -61.51 -28.58 -44.70
CA ARG B 110 -62.59 -29.15 -45.49
C ARG B 110 -63.48 -30.00 -44.60
N GLU B 111 -64.79 -29.75 -44.67
CA GLU B 111 -65.82 -30.60 -44.09
C GLU B 111 -66.79 -31.01 -45.19
N ASP B 112 -67.41 -32.16 -44.97
CA ASP B 112 -68.15 -32.88 -46.01
C ASP B 112 -69.14 -32.00 -46.78
N ASP B 113 -69.69 -30.98 -46.12
CA ASP B 113 -70.59 -30.03 -46.77
C ASP B 113 -70.07 -28.60 -46.79
N LYS B 114 -69.07 -28.26 -45.97
CA LYS B 114 -68.69 -26.88 -45.75
C LYS B 114 -67.17 -26.78 -45.62
N LEU B 115 -66.62 -25.67 -46.09
CA LEU B 115 -65.32 -25.22 -45.60
C LEU B 115 -65.51 -24.53 -44.26
N VAL B 116 -64.55 -24.74 -43.36
CA VAL B 116 -64.63 -24.21 -42.00
C VAL B 116 -63.30 -23.65 -41.54
N PHE B 117 -63.37 -22.77 -40.54
CA PHE B 117 -62.21 -22.36 -39.75
C PHE B 117 -62.46 -22.71 -38.29
N THR B 118 -61.47 -23.33 -37.67
CA THR B 118 -61.45 -23.56 -36.23
C THR B 118 -60.85 -22.37 -35.49
N VAL B 119 -61.22 -22.22 -34.23
CA VAL B 119 -60.77 -21.13 -33.37
C VAL B 119 -60.44 -21.72 -32.00
N SER B 120 -59.71 -20.94 -31.20
CA SER B 120 -59.33 -21.38 -29.86
C SER B 120 -60.55 -21.53 -28.96
N LYS B 121 -61.43 -20.54 -28.96
CA LYS B 121 -62.53 -20.43 -28.01
C LYS B 121 -63.82 -20.23 -28.79
N PRO B 122 -64.98 -20.49 -28.15
CA PRO B 122 -66.25 -20.18 -28.81
C PRO B 122 -66.40 -18.74 -29.28
N ILE B 123 -67.44 -18.53 -30.08
CA ILE B 123 -67.74 -17.25 -30.72
C ILE B 123 -69.03 -16.69 -30.15
N GLY B 124 -68.97 -15.44 -29.68
CA GLY B 124 -70.17 -14.68 -29.36
C GLY B 124 -70.63 -13.88 -30.57
N GLU B 125 -69.69 -13.25 -31.28
CA GLU B 125 -70.03 -12.53 -32.50
C GLU B 125 -68.81 -12.49 -33.41
N LEU B 126 -69.05 -12.68 -34.70
CA LEU B 126 -68.03 -12.57 -35.73
C LEU B 126 -68.04 -11.17 -36.35
N ILE B 127 -66.94 -10.46 -36.20
CA ILE B 127 -66.82 -9.10 -36.74
C ILE B 127 -66.39 -9.14 -38.20
N LYS B 128 -65.27 -9.80 -38.48
CA LYS B 128 -64.68 -9.75 -39.81
C LYS B 128 -63.84 -10.98 -40.07
N VAL B 129 -63.88 -11.44 -41.32
CA VAL B 129 -62.94 -12.41 -41.87
C VAL B 129 -62.15 -11.73 -42.96
N GLU B 130 -60.83 -11.84 -42.88
CA GLU B 130 -59.94 -11.08 -43.75
C GLU B 130 -60.19 -11.36 -45.23
N ASP B 131 -60.43 -10.29 -45.97
CA ASP B 131 -60.55 -10.32 -47.43
C ASP B 131 -61.70 -11.22 -47.91
N ILE B 132 -62.79 -11.29 -47.13
CA ILE B 132 -63.95 -12.10 -47.48
C ILE B 132 -65.20 -11.27 -47.22
N GLU B 133 -66.16 -11.37 -48.14
CA GLU B 133 -67.50 -10.80 -47.98
C GLU B 133 -68.50 -11.89 -48.38
N PHE B 134 -68.87 -12.73 -47.42
CA PHE B 134 -69.75 -13.85 -47.71
C PHE B 134 -71.10 -13.38 -48.23
N ALA B 135 -71.55 -14.02 -49.30
CA ALA B 135 -72.85 -13.81 -49.90
C ALA B 135 -73.87 -14.78 -49.31
N LYS B 136 -75.12 -14.62 -49.75
CA LYS B 136 -76.19 -15.53 -49.33
C LYS B 136 -75.90 -16.96 -49.77
N TYR B 137 -75.37 -17.15 -50.97
CA TYR B 137 -75.06 -18.49 -51.46
C TYR B 137 -74.13 -19.22 -50.51
N ASP B 138 -73.13 -18.52 -49.96
CA ASP B 138 -72.18 -19.18 -49.06
C ASP B 138 -72.81 -19.52 -47.71
N ASN B 139 -73.89 -18.83 -47.34
CA ASN B 139 -74.66 -19.13 -46.12
C ASN B 139 -73.75 -19.24 -44.89
N LEU B 140 -73.10 -18.13 -44.57
CA LEU B 140 -72.20 -18.06 -43.43
C LEU B 140 -72.93 -18.44 -42.14
N GLN B 141 -72.40 -19.43 -41.43
CA GLN B 141 -72.96 -19.85 -40.15
C GLN B 141 -71.84 -20.09 -39.14
N VAL B 142 -72.11 -19.69 -37.90
CA VAL B 142 -71.21 -19.90 -36.76
C VAL B 142 -71.88 -20.89 -35.82
N GLU B 143 -71.15 -21.95 -35.45
CA GLU B 143 -71.66 -23.00 -34.56
C GLU B 143 -70.62 -23.24 -33.47
N GLY B 144 -70.70 -22.43 -32.43
CA GLY B 144 -69.75 -22.47 -31.32
C GLY B 144 -68.33 -22.07 -31.64
N ASN B 145 -67.43 -23.07 -31.69
CA ASN B 145 -66.02 -22.79 -31.91
C ASN B 145 -65.71 -22.42 -33.36
N LYS B 146 -66.48 -22.92 -34.32
CA LYS B 146 -66.10 -22.88 -35.72
C LYS B 146 -67.13 -22.14 -36.56
N VAL B 147 -66.63 -21.55 -37.65
CA VAL B 147 -67.41 -20.83 -38.65
C VAL B 147 -67.27 -21.55 -39.98
N SER B 148 -68.32 -21.51 -40.79
CA SER B 148 -68.46 -22.45 -41.91
C SER B 148 -69.17 -21.78 -43.08
N PHE B 149 -68.85 -22.25 -44.29
CA PHE B 149 -69.47 -21.77 -45.52
C PHE B 149 -69.45 -22.89 -46.56
N LYS B 150 -70.35 -22.76 -47.54
CA LYS B 150 -70.60 -23.83 -48.51
C LYS B 150 -69.35 -24.28 -49.27
N TYR B 151 -69.22 -25.61 -49.33
CA TYR B 151 -68.06 -26.29 -49.88
C TYR B 151 -67.94 -26.17 -51.40
N GLN B 152 -69.04 -26.39 -52.12
CA GLN B 152 -68.96 -26.70 -53.55
C GLN B 152 -68.39 -25.56 -54.39
N THR B 153 -69.06 -24.41 -54.38
CA THR B 153 -68.67 -23.29 -55.24
C THR B 153 -67.38 -22.59 -54.79
N ASN B 154 -66.86 -22.91 -53.60
CA ASN B 154 -65.65 -22.30 -53.08
C ASN B 154 -64.47 -23.26 -53.04
N GLU B 155 -64.59 -24.43 -53.66
CA GLU B 155 -63.66 -25.54 -53.48
C GLU B 155 -62.23 -25.20 -53.89
N ASP B 156 -62.02 -24.10 -54.62
CA ASP B 156 -60.66 -23.66 -54.95
C ASP B 156 -59.86 -23.21 -53.74
N TYR B 157 -60.53 -22.85 -52.64
CA TYR B 157 -59.90 -22.19 -51.50
C TYR B 157 -59.77 -23.12 -50.29
N GLU B 158 -59.56 -24.42 -50.55
CA GLU B 158 -59.61 -25.44 -49.51
C GLU B 158 -58.61 -25.23 -48.39
N ASN B 159 -57.58 -24.41 -48.61
CA ASN B 159 -56.49 -24.25 -47.65
C ASN B 159 -56.18 -22.78 -47.42
N TYR B 160 -57.19 -21.93 -47.61
CA TYR B 160 -57.05 -20.49 -47.49
C TYR B 160 -56.49 -20.09 -46.14
N ASN B 161 -55.36 -19.37 -46.17
CA ASN B 161 -54.56 -19.06 -44.98
C ASN B 161 -55.12 -17.89 -44.19
N ALA B 162 -56.43 -17.89 -43.93
CA ALA B 162 -57.13 -16.71 -43.46
C ALA B 162 -56.71 -16.35 -42.03
N ASN B 163 -57.23 -15.21 -41.57
CA ASN B 163 -57.20 -14.82 -40.17
C ASN B 163 -58.54 -14.19 -39.80
N ILE B 164 -58.88 -14.25 -38.50
CA ILE B 164 -60.22 -13.94 -38.02
C ILE B 164 -60.12 -12.94 -36.88
N ILE B 165 -61.00 -11.94 -36.91
CA ILE B 165 -61.29 -11.05 -35.80
C ILE B 165 -62.67 -11.40 -35.24
N PHE B 166 -62.72 -11.80 -33.97
CA PHE B 166 -63.94 -12.32 -33.37
C PHE B 166 -64.03 -11.87 -31.92
N THR B 167 -65.09 -12.31 -31.24
CA THR B 167 -65.33 -12.00 -29.84
C THR B 167 -65.64 -13.27 -29.05
N GLU B 168 -65.07 -13.35 -27.85
CA GLU B 168 -65.29 -14.48 -26.96
C GLU B 168 -66.75 -14.54 -26.53
N LYS B 169 -67.19 -15.75 -26.20
CA LYS B 169 -68.49 -16.01 -25.61
C LYS B 169 -68.33 -16.49 -24.17
N LYS B 170 -69.09 -15.90 -23.27
CA LYS B 170 -69.01 -16.16 -21.84
C LYS B 170 -70.25 -16.87 -21.30
N ASN B 171 -71.43 -16.31 -21.54
CA ASN B 171 -72.67 -16.88 -21.05
C ASN B 171 -73.77 -16.58 -22.07
N ASP B 172 -74.90 -17.26 -21.90
CA ASP B 172 -76.09 -16.98 -22.70
C ASP B 172 -77.02 -15.97 -22.05
N SER B 173 -76.69 -15.47 -20.87
CA SER B 173 -77.54 -14.51 -20.20
C SER B 173 -77.50 -13.16 -20.92
N LYS B 174 -78.44 -12.30 -20.56
CA LYS B 174 -78.57 -10.97 -21.15
C LYS B 174 -78.68 -9.94 -20.04
N GLY B 175 -78.23 -8.72 -20.35
CA GLY B 175 -78.28 -7.67 -19.37
C GLY B 175 -78.04 -6.31 -20.00
N LEU B 176 -77.88 -5.32 -19.14
CA LEU B 176 -77.64 -3.94 -19.56
C LEU B 176 -76.26 -3.49 -19.13
N VAL B 177 -75.67 -2.59 -19.92
CA VAL B 177 -74.36 -2.01 -19.65
C VAL B 177 -74.57 -0.62 -19.07
N LYS B 178 -74.18 -0.44 -17.81
CA LYS B 178 -74.30 0.83 -17.11
C LYS B 178 -72.91 1.38 -16.84
N GLY B 179 -72.69 2.65 -17.15
CA GLY B 179 -71.40 3.24 -16.97
C GLY B 179 -71.35 4.64 -17.55
N PHE B 180 -70.13 5.16 -17.64
CA PHE B 180 -69.90 6.49 -18.18
C PHE B 180 -68.53 6.50 -18.87
N THR B 181 -68.18 7.66 -19.42
CA THR B 181 -66.88 7.89 -20.02
C THR B 181 -65.99 8.65 -19.06
N VAL B 182 -64.70 8.31 -19.04
CA VAL B 182 -63.72 8.94 -18.18
C VAL B 182 -62.57 9.44 -19.04
N GLU B 183 -62.16 10.68 -18.80
CA GLU B 183 -61.02 11.29 -19.47
C GLU B 183 -59.84 11.26 -18.52
N GLU B 184 -58.85 10.43 -18.82
CA GLU B 184 -57.76 10.13 -17.91
C GLU B 184 -56.43 10.65 -18.46
N GLN B 185 -55.56 11.07 -17.56
CA GLN B 185 -54.21 11.51 -17.89
C GLN B 185 -53.21 10.59 -17.21
N VAL B 186 -52.21 10.15 -17.95
CA VAL B 186 -51.14 9.30 -17.44
C VAL B 186 -49.81 9.89 -17.85
N THR B 187 -48.87 9.93 -16.92
CA THR B 187 -47.57 10.57 -17.12
C THR B 187 -46.50 9.51 -17.37
N VAL B 188 -45.66 9.75 -18.37
CA VAL B 188 -44.55 8.87 -18.70
C VAL B 188 -43.31 9.73 -18.89
N VAL B 189 -42.20 9.30 -18.29
CA VAL B 189 -40.95 10.05 -18.33
C VAL B 189 -39.80 9.07 -18.51
N GLY B 190 -38.84 9.46 -19.34
CA GLY B 190 -37.61 8.70 -19.51
C GLY B 190 -36.50 9.29 -18.65
N LEU B 191 -35.69 8.42 -18.07
CA LEU B 191 -34.64 8.82 -17.16
C LEU B 191 -33.28 8.37 -17.70
N SER B 192 -32.29 9.26 -17.59
CA SER B 192 -30.94 8.96 -18.00
C SER B 192 -30.02 10.06 -17.49
N PHE B 193 -28.86 9.66 -16.97
CA PHE B 193 -27.84 10.64 -16.59
C PHE B 193 -27.18 11.28 -17.80
N ASN B 194 -27.41 10.75 -19.00
CA ASN B 194 -26.95 11.34 -20.25
C ASN B 194 -28.16 11.93 -20.96
N VAL B 195 -28.10 13.23 -21.25
CA VAL B 195 -29.28 13.93 -21.78
C VAL B 195 -29.59 13.46 -23.20
N ASP B 196 -28.57 13.19 -24.00
CA ASP B 196 -28.80 12.74 -25.37
C ASP B 196 -29.54 11.42 -25.40
N VAL B 197 -29.18 10.51 -24.50
CA VAL B 197 -29.90 9.24 -24.40
C VAL B 197 -31.36 9.50 -24.05
N ALA B 198 -31.61 10.47 -23.17
CA ALA B 198 -33.00 10.81 -22.83
C ALA B 198 -33.75 11.32 -24.05
N ARG B 199 -33.11 12.17 -24.85
CA ARG B 199 -33.77 12.68 -26.06
C ARG B 199 -34.13 11.56 -27.01
N CYS B 200 -33.17 10.66 -27.27
CA CYS B 200 -33.45 9.54 -28.17
C CYS B 200 -34.54 8.64 -27.61
N LEU B 201 -34.50 8.42 -26.29
CA LEU B 201 -35.52 7.60 -25.65
C LEU B 201 -36.90 8.22 -25.81
N ASP B 202 -36.99 9.54 -25.67
CA ASP B 202 -38.26 10.23 -25.86
C ASP B 202 -38.76 10.07 -27.29
N ALA B 203 -37.85 10.17 -28.26
CA ALA B 203 -38.24 10.00 -29.66
C ALA B 203 -38.79 8.59 -29.89
N VAL B 204 -38.11 7.58 -29.34
CA VAL B 204 -38.59 6.20 -29.47
C VAL B 204 -39.95 6.06 -28.83
N LEU B 205 -40.14 6.68 -27.67
CA LEU B 205 -41.45 6.62 -27.00
C LEU B 205 -42.53 7.21 -27.91
N LYS B 206 -42.24 8.36 -28.52
CA LYS B 206 -43.21 8.97 -29.42
C LYS B 206 -43.55 8.04 -30.57
N MET B 207 -42.54 7.39 -31.14
CA MET B 207 -42.81 6.50 -32.27
C MET B 207 -43.69 5.32 -31.85
N ILE B 208 -43.41 4.73 -30.68
CA ILE B 208 -44.22 3.59 -30.29
C ILE B 208 -45.65 4.03 -29.95
N LEU B 209 -45.81 5.23 -29.40
CA LEU B 209 -47.16 5.76 -29.20
C LEU B 209 -47.88 5.91 -30.54
N ILE B 210 -47.18 6.39 -31.55
CA ILE B 210 -47.78 6.47 -32.89
C ILE B 210 -48.20 5.10 -33.36
N SER B 211 -47.31 4.11 -33.20
CA SER B 211 -47.59 2.77 -33.70
C SER B 211 -48.77 2.14 -32.98
N MET B 212 -48.95 2.47 -31.71
CA MET B 212 -50.00 1.83 -30.91
C MET B 212 -51.40 2.13 -31.44
N ARG B 213 -51.58 3.23 -32.16
CA ARG B 213 -52.92 3.64 -32.57
C ARG B 213 -53.61 2.61 -33.45
N ASP B 214 -52.87 1.71 -34.07
CA ASP B 214 -53.47 0.63 -34.85
C ASP B 214 -53.84 -0.58 -34.00
N SER B 215 -53.51 -0.56 -32.71
CA SER B 215 -53.83 -1.69 -31.85
C SER B 215 -55.33 -1.84 -31.68
N ILE B 216 -55.77 -3.09 -31.58
CA ILE B 216 -57.19 -3.40 -31.42
C ILE B 216 -57.74 -2.77 -30.14
N GLU B 217 -57.05 -2.98 -29.03
CA GLU B 217 -57.61 -2.64 -27.73
C GLU B 217 -57.90 -1.15 -27.61
N GLU B 218 -56.91 -0.31 -27.92
CA GLU B 218 -57.13 1.13 -27.81
C GLU B 218 -57.97 1.66 -28.97
N GLN B 219 -58.07 0.93 -30.07
CA GLN B 219 -59.06 1.26 -31.09
C GLN B 219 -60.48 1.05 -30.56
N GLN B 220 -60.66 0.06 -29.67
CA GLN B 220 -61.97 -0.28 -29.14
C GLN B 220 -62.25 0.32 -27.78
N THR B 221 -61.22 0.72 -27.03
CA THR B 221 -61.37 1.04 -25.61
C THR B 221 -60.81 2.41 -25.24
N PHE B 222 -59.70 2.83 -25.84
CA PHE B 222 -58.92 3.97 -25.39
C PHE B 222 -58.74 5.00 -26.49
N GLN B 223 -59.84 5.37 -27.15
CA GLN B 223 -59.79 6.32 -28.24
C GLN B 223 -59.33 7.69 -27.76
N LEU B 224 -59.12 8.59 -28.73
CA LEU B 224 -58.81 9.99 -28.47
C LEU B 224 -57.54 10.13 -27.63
N GLN B 225 -56.44 9.74 -28.24
CA GLN B 225 -55.13 9.86 -27.61
C GLN B 225 -54.56 11.23 -27.87
N ASN B 226 -54.13 11.90 -26.79
CA ASN B 226 -53.48 13.20 -26.87
C ASN B 226 -52.18 13.14 -26.09
N LEU B 227 -51.20 13.93 -26.53
CA LEU B 227 -49.86 13.93 -25.98
C LEU B 227 -49.45 15.35 -25.59
N SER B 228 -48.58 15.43 -24.58
CA SER B 228 -48.04 16.70 -24.11
C SER B 228 -46.68 16.43 -23.48
N PHE B 229 -45.71 17.27 -23.81
CA PHE B 229 -44.33 17.08 -23.40
C PHE B 229 -43.91 18.21 -22.47
N GLY B 230 -43.17 17.86 -21.42
CA GLY B 230 -42.59 18.84 -20.54
C GLY B 230 -41.18 19.22 -20.96
N ASP B 231 -40.56 20.06 -20.14
CA ASP B 231 -39.21 20.54 -20.40
C ASP B 231 -38.18 19.59 -19.81
N ILE B 232 -37.03 19.52 -20.48
CA ILE B 232 -35.90 18.77 -19.94
C ILE B 232 -35.46 19.43 -18.64
N ALA B 233 -35.49 18.68 -17.54
CA ALA B 233 -35.20 19.21 -16.23
C ALA B 233 -34.30 18.22 -15.49
N PRO B 234 -33.49 18.70 -14.55
CA PRO B 234 -32.72 17.79 -13.69
C PRO B 234 -33.63 17.15 -12.65
N ILE B 235 -33.87 15.85 -12.78
CA ILE B 235 -34.76 15.19 -11.84
C ILE B 235 -34.16 15.18 -10.45
N ILE B 236 -32.87 14.93 -10.35
CA ILE B 236 -32.18 14.88 -9.06
C ILE B 236 -30.83 15.58 -9.17
N GLU B 237 -30.49 16.34 -8.13
CA GLU B 237 -29.23 17.06 -8.04
C GLU B 237 -28.34 16.58 -6.90
N ASP B 238 -28.87 15.77 -5.97
CA ASP B 238 -28.14 15.35 -4.78
C ASP B 238 -27.17 14.20 -5.03
N GLY B 239 -27.23 13.56 -6.19
CA GLY B 239 -26.25 12.55 -6.51
C GLY B 239 -24.95 13.16 -7.03
N ASP B 240 -23.97 12.29 -7.24
CA ASP B 240 -22.72 12.71 -7.85
C ASP B 240 -22.94 13.33 -9.22
N SER B 241 -23.96 12.86 -9.96
CA SER B 241 -24.32 13.43 -11.23
C SER B 241 -25.84 13.47 -11.36
N MET B 242 -26.31 14.47 -12.10
CA MET B 242 -27.74 14.72 -12.22
C MET B 242 -28.43 13.65 -13.05
N ILE B 243 -29.71 13.45 -12.74
CA ILE B 243 -30.63 12.67 -13.56
C ILE B 243 -31.44 13.63 -14.40
N PHE B 244 -31.49 13.39 -15.71
CA PHE B 244 -32.19 14.23 -16.66
C PHE B 244 -33.35 13.45 -17.26
N GLY B 245 -34.52 14.08 -17.32
CA GLY B 245 -35.68 13.45 -17.87
C GLY B 245 -36.69 14.47 -18.35
N ARG B 246 -37.46 14.09 -19.36
CA ARG B 246 -38.47 14.96 -19.96
C ARG B 246 -39.84 14.30 -19.82
N PRO B 247 -40.65 14.69 -18.83
CA PRO B 247 -41.95 14.03 -18.66
C PRO B 247 -42.87 14.26 -19.85
N THR B 248 -43.68 13.24 -20.14
CA THR B 248 -44.70 13.31 -21.17
C THR B 248 -46.02 12.89 -20.55
N ILE B 249 -47.09 13.58 -20.94
CA ILE B 249 -48.43 13.30 -20.45
C ILE B 249 -49.26 12.74 -21.59
N ILE B 250 -49.85 11.56 -21.35
CA ILE B 250 -50.72 10.89 -22.32
C ILE B 250 -52.14 10.93 -21.79
N LYS B 251 -53.07 11.25 -22.68
CA LYS B 251 -54.48 11.31 -22.36
C LYS B 251 -55.24 10.23 -23.11
N TYR B 252 -56.30 9.71 -22.49
CA TYR B 252 -57.11 8.69 -23.09
C TYR B 252 -58.56 8.88 -22.65
N THR B 253 -59.47 8.32 -23.43
CA THR B 253 -60.89 8.29 -23.12
C THR B 253 -61.36 6.85 -23.14
N SER B 254 -61.95 6.42 -22.03
CA SER B 254 -62.42 5.04 -21.89
C SER B 254 -63.76 5.04 -21.19
N SER B 255 -64.48 3.94 -21.36
CA SER B 255 -65.83 3.77 -20.83
C SER B 255 -65.79 2.78 -19.67
N LEU B 256 -65.77 3.31 -18.45
CA LEU B 256 -65.97 2.45 -17.28
C LEU B 256 -67.42 2.01 -17.24
N ASP B 257 -67.64 0.70 -17.15
CA ASP B 257 -68.99 0.18 -17.26
C ASP B 257 -69.09 -1.14 -16.50
N LEU B 258 -70.33 -1.50 -16.17
CA LEU B 258 -70.65 -2.74 -15.47
C LEU B 258 -71.87 -3.37 -16.13
N ASP B 259 -71.88 -4.69 -16.19
CA ASP B 259 -72.97 -5.43 -16.81
C ASP B 259 -74.01 -5.78 -15.76
N TYR B 260 -75.23 -5.29 -15.95
CA TYR B 260 -76.35 -5.54 -15.06
C TYR B 260 -77.24 -6.60 -15.70
N THR B 261 -77.27 -7.80 -15.12
CA THR B 261 -78.03 -8.90 -15.70
C THR B 261 -79.52 -8.71 -15.47
N ILE B 262 -80.31 -9.37 -16.33
CA ILE B 262 -81.77 -9.35 -16.26
C ILE B 262 -82.25 -10.79 -16.25
N THR B 263 -83.12 -11.11 -15.30
CA THR B 263 -83.71 -12.44 -15.18
C THR B 263 -85.11 -12.53 -15.78
N GLN B 264 -85.67 -11.42 -16.25
CA GLN B 264 -87.03 -11.41 -16.79
C GLN B 264 -87.03 -11.89 -18.24
N ASP B 265 -87.77 -12.96 -18.51
CA ASP B 265 -87.90 -13.50 -19.85
C ASP B 265 -89.35 -13.88 -20.08
N ILE B 266 -89.99 -13.26 -21.06
CA ILE B 266 -91.39 -13.48 -21.37
C ILE B 266 -91.52 -14.58 -22.41
N ASN B 267 -92.40 -15.54 -22.16
CA ASN B 267 -92.61 -16.65 -23.09
C ASN B 267 -94.07 -17.03 -23.26
N LYS B 268 -95.00 -16.30 -22.66
CA LYS B 268 -96.42 -16.64 -22.74
C LYS B 268 -97.25 -15.37 -22.60
N LEU B 269 -98.46 -15.43 -23.16
CA LEU B 269 -99.36 -14.28 -23.20
C LEU B 269 -100.76 -14.70 -22.78
N THR B 270 -101.45 -13.80 -22.08
CA THR B 270 -102.68 -14.09 -21.34
C THR B 270 -103.81 -13.14 -21.74
N PHE B 271 -104.00 -12.94 -23.03
CA PHE B 271 -104.98 -11.98 -23.54
C PHE B 271 -106.40 -12.49 -23.29
N LYS B 272 -107.06 -11.89 -22.30
CA LYS B 272 -108.43 -12.23 -21.93
C LYS B 272 -109.24 -10.95 -21.77
N GLU B 273 -110.52 -11.05 -22.12
CA GLU B 273 -111.47 -9.95 -22.05
C GLU B 273 -112.09 -9.86 -20.65
N ARG B 274 -112.90 -8.83 -20.46
CA ARG B 274 -113.61 -8.59 -19.20
C ARG B 274 -115.08 -8.42 -19.47
N LYS B 275 -115.88 -8.67 -18.43
CA LYS B 275 -117.33 -8.59 -18.50
C LYS B 275 -117.87 -7.80 -17.32
N ASP B 276 -119.00 -7.15 -17.53
CA ASP B 276 -119.65 -6.34 -16.50
C ASP B 276 -121.16 -6.45 -16.58
N SER C 2 -42.56 -34.85 -39.17
CA SER C 2 -41.39 -33.97 -39.41
C SER C 2 -41.52 -32.68 -38.61
N ILE C 3 -41.34 -32.79 -37.30
CA ILE C 3 -41.44 -31.64 -36.40
C ILE C 3 -40.13 -30.87 -36.48
N GLU C 4 -40.14 -29.75 -37.20
CA GLU C 4 -38.95 -28.93 -37.32
C GLU C 4 -38.56 -28.35 -35.96
N LYS C 5 -39.53 -27.79 -35.24
CA LYS C 5 -39.29 -27.20 -33.94
C LYS C 5 -40.55 -27.31 -33.11
N LYS C 6 -40.36 -27.25 -31.79
CA LYS C 6 -41.47 -27.39 -30.85
C LYS C 6 -41.26 -26.46 -29.67
N GLU C 7 -42.37 -25.99 -29.11
CA GLU C 7 -42.34 -25.11 -27.96
C GLU C 7 -43.60 -25.35 -27.13
N GLU C 8 -43.50 -25.08 -25.84
CA GLU C 8 -44.60 -25.27 -24.90
C GLU C 8 -44.77 -24.03 -24.05
N VAL C 9 -46.02 -23.76 -23.66
CA VAL C 9 -46.36 -22.61 -22.84
C VAL C 9 -47.41 -23.04 -21.82
N ILE C 10 -47.31 -22.51 -20.62
CA ILE C 10 -48.28 -22.75 -19.55
C ILE C 10 -49.11 -21.49 -19.37
N ALA C 11 -50.42 -21.61 -19.57
CA ALA C 11 -51.34 -20.50 -19.41
C ALA C 11 -51.85 -20.37 -17.98
N HIS C 12 -52.32 -21.47 -17.41
CA HIS C 12 -52.84 -21.51 -16.06
C HIS C 12 -52.33 -22.74 -15.34
N ASN C 13 -52.17 -22.63 -14.03
CA ASN C 13 -51.76 -23.76 -13.20
C ASN C 13 -52.33 -23.51 -11.80
N GLU C 14 -53.42 -24.21 -11.49
CA GLU C 14 -54.16 -23.97 -10.27
C GLU C 14 -54.71 -25.29 -9.75
N VAL C 15 -55.02 -25.31 -8.46
CA VAL C 15 -55.48 -26.51 -7.77
C VAL C 15 -57.01 -26.51 -7.74
N VAL C 16 -57.59 -27.70 -7.88
CA VAL C 16 -59.03 -27.89 -7.79
C VAL C 16 -59.29 -29.16 -7.00
N PHE C 17 -60.33 -29.16 -6.19
CA PHE C 17 -60.62 -30.22 -5.23
C PHE C 17 -61.86 -30.98 -5.64
N ARG C 18 -61.83 -32.30 -5.42
CA ARG C 18 -62.94 -33.18 -5.75
C ARG C 18 -63.30 -34.00 -4.52
N SER C 19 -64.61 -34.17 -4.29
CA SER C 19 -65.07 -35.09 -3.27
C SER C 19 -64.86 -36.51 -3.74
N LEU C 20 -64.30 -37.36 -2.86
CA LEU C 20 -63.96 -38.72 -3.25
C LEU C 20 -65.21 -39.51 -3.62
N THR C 21 -66.28 -39.36 -2.84
CA THR C 21 -67.48 -40.16 -3.03
C THR C 21 -68.49 -39.47 -3.95
N GLN C 22 -68.77 -38.19 -3.71
CA GLN C 22 -69.81 -37.50 -4.47
C GLN C 22 -69.37 -37.21 -5.90
N GLY C 23 -68.07 -37.07 -6.14
CA GLY C 23 -67.59 -36.79 -7.47
C GLY C 23 -67.78 -35.35 -7.92
N LEU C 24 -68.20 -34.46 -7.02
CA LEU C 24 -68.40 -33.06 -7.33
C LEU C 24 -67.15 -32.25 -7.03
N TYR C 25 -67.11 -31.02 -7.56
CA TYR C 25 -66.03 -30.09 -7.34
C TYR C 25 -66.51 -28.92 -6.50
N VAL C 26 -65.68 -28.51 -5.54
CA VAL C 26 -66.05 -27.45 -4.62
C VAL C 26 -66.14 -26.12 -5.37
N LYS C 27 -67.04 -25.25 -4.91
CA LYS C 27 -67.16 -23.91 -5.48
C LYS C 27 -67.22 -22.83 -4.41
N GLU C 28 -67.71 -23.18 -3.20
CA GLU C 28 -67.94 -22.17 -2.18
C GLU C 28 -67.74 -22.78 -0.80
N VAL C 29 -67.35 -21.94 0.15
CA VAL C 29 -67.14 -22.33 1.53
C VAL C 29 -67.69 -21.25 2.45
N ASP C 30 -67.90 -21.63 3.71
CA ASP C 30 -68.47 -20.73 4.71
C ASP C 30 -67.35 -19.99 5.43
N ILE C 31 -67.71 -19.29 6.51
CA ILE C 31 -66.71 -18.57 7.30
C ILE C 31 -65.77 -19.54 7.98
N TYR C 32 -66.30 -20.68 8.45
CA TYR C 32 -65.46 -21.74 9.00
C TYR C 32 -64.68 -22.51 7.94
N SER C 33 -64.89 -22.20 6.65
CA SER C 33 -64.19 -22.83 5.55
C SER C 33 -64.66 -24.25 5.29
N ASP C 34 -65.85 -24.61 5.78
CA ASP C 34 -66.49 -25.85 5.40
C ASP C 34 -67.26 -25.67 4.09
N VAL C 35 -67.36 -26.76 3.33
CA VAL C 35 -67.97 -26.67 2.01
C VAL C 35 -69.44 -26.31 2.14
N VAL C 36 -69.89 -25.41 1.28
CA VAL C 36 -71.27 -24.97 1.25
C VAL C 36 -71.97 -25.39 -0.03
N SER C 37 -71.25 -25.38 -1.16
CA SER C 37 -71.82 -25.62 -2.47
C SER C 37 -70.95 -26.59 -3.25
N TYR C 38 -71.46 -27.01 -4.41
CA TYR C 38 -70.76 -27.94 -5.27
C TYR C 38 -71.12 -27.65 -6.71
N THR C 39 -70.28 -28.14 -7.63
CA THR C 39 -70.58 -28.12 -9.05
C THR C 39 -70.01 -29.37 -9.69
N LYS C 40 -70.61 -29.78 -10.80
CA LYS C 40 -70.07 -30.83 -11.66
C LYS C 40 -69.38 -30.25 -12.89
N ASP C 41 -68.83 -29.05 -12.78
CA ASP C 41 -68.19 -28.36 -13.89
C ASP C 41 -66.78 -27.96 -13.47
N VAL C 42 -65.78 -28.41 -14.23
CA VAL C 42 -64.40 -28.05 -13.92
C VAL C 42 -64.16 -26.57 -14.16
N ASP C 43 -64.79 -26.01 -15.20
CA ASP C 43 -64.57 -24.60 -15.52
C ASP C 43 -65.04 -23.66 -14.42
N GLU C 44 -65.91 -24.13 -13.52
CA GLU C 44 -66.38 -23.33 -12.40
C GLU C 44 -66.07 -24.10 -11.12
N ALA C 45 -64.96 -23.73 -10.48
CA ALA C 45 -64.53 -24.40 -9.25
C ALA C 45 -63.76 -23.40 -8.41
N LEU C 46 -63.61 -23.75 -7.13
CA LEU C 46 -62.89 -22.90 -6.17
C LEU C 46 -61.39 -23.03 -6.45
N ALA C 47 -60.96 -22.34 -7.50
CA ALA C 47 -59.57 -22.46 -7.95
C ALA C 47 -58.64 -21.82 -6.95
N MET C 48 -57.56 -22.52 -6.62
CA MET C 48 -56.47 -21.98 -5.82
C MET C 48 -55.27 -21.77 -6.74
N PRO C 49 -54.73 -20.55 -6.88
CA PRO C 49 -53.57 -20.37 -7.77
C PRO C 49 -52.40 -21.22 -7.33
N ASN C 50 -51.69 -21.77 -8.32
CA ASN C 50 -50.55 -22.64 -8.06
C ASN C 50 -49.37 -22.30 -8.94
N THR C 51 -49.25 -21.04 -9.34
CA THR C 51 -48.06 -20.61 -10.06
C THR C 51 -46.87 -20.57 -9.11
N ILE C 52 -45.74 -20.13 -9.63
CA ILE C 52 -44.50 -20.15 -8.86
C ILE C 52 -44.62 -19.26 -7.63
N ASN C 53 -45.24 -18.09 -7.78
CA ASN C 53 -45.27 -17.12 -6.70
C ASN C 53 -46.23 -17.52 -5.59
N PHE C 54 -47.29 -18.27 -5.92
CA PHE C 54 -48.41 -18.48 -5.01
C PHE C 54 -48.32 -19.79 -4.26
N LYS C 55 -47.20 -20.48 -4.30
CA LYS C 55 -47.07 -21.73 -3.57
C LYS C 55 -47.06 -21.46 -2.07
N ASN C 56 -47.36 -22.51 -1.30
CA ASN C 56 -47.40 -22.45 0.16
C ASN C 56 -48.43 -21.41 0.62
N SER C 57 -49.69 -21.68 0.29
CA SER C 57 -50.78 -20.79 0.65
C SER C 57 -51.23 -21.05 2.09
N ARG C 58 -52.18 -20.23 2.55
CA ARG C 58 -52.77 -20.35 3.87
C ARG C 58 -54.29 -20.32 3.86
N LYS C 59 -54.91 -19.89 2.77
CA LYS C 59 -56.36 -19.67 2.76
C LYS C 59 -57.13 -20.97 2.95
N TYR C 60 -56.55 -22.11 2.56
CA TYR C 60 -57.28 -23.36 2.46
C TYR C 60 -56.57 -24.49 3.21
N LYS C 61 -56.07 -24.19 4.41
CA LYS C 61 -55.43 -25.24 5.20
C LYS C 61 -56.46 -26.21 5.76
N LYS C 62 -57.57 -25.69 6.28
CA LYS C 62 -58.62 -26.56 6.79
C LYS C 62 -59.20 -27.43 5.69
N LEU C 63 -59.39 -26.84 4.50
CA LEU C 63 -59.93 -27.59 3.38
C LEU C 63 -59.00 -28.73 2.97
N ILE C 64 -57.69 -28.47 2.96
CA ILE C 64 -56.74 -29.48 2.51
C ILE C 64 -56.77 -30.71 3.41
N MET C 65 -56.79 -30.49 4.73
CA MET C 65 -56.71 -31.60 5.66
C MET C 65 -57.95 -32.49 5.65
N ASN C 66 -59.04 -32.06 5.02
CA ASN C 66 -60.23 -32.88 4.95
C ASN C 66 -59.95 -34.10 4.08
N LEU C 67 -60.13 -35.30 4.67
CA LEU C 67 -59.80 -36.53 3.95
C LEU C 67 -60.77 -36.82 2.83
N ASP C 68 -61.96 -36.23 2.86
CA ASP C 68 -62.97 -36.50 1.83
C ASP C 68 -62.66 -35.83 0.50
N LEU C 69 -61.67 -34.93 0.46
CA LEU C 69 -61.40 -34.11 -0.71
C LEU C 69 -60.12 -34.59 -1.40
N GLU C 70 -60.13 -34.54 -2.73
CA GLU C 70 -59.01 -35.01 -3.55
C GLU C 70 -58.45 -33.83 -4.34
N PRO C 71 -57.33 -33.24 -3.95
CA PRO C 71 -56.76 -32.15 -4.73
C PRO C 71 -56.36 -32.60 -6.13
N LEU C 72 -56.53 -31.69 -7.10
CA LEU C 72 -56.14 -31.93 -8.48
C LEU C 72 -55.42 -30.71 -9.02
N ASN C 73 -54.31 -30.95 -9.74
CA ASN C 73 -53.53 -29.87 -10.33
C ASN C 73 -54.01 -29.62 -11.74
N LYS C 74 -54.98 -28.72 -11.88
CA LYS C 74 -55.47 -28.32 -13.19
C LYS C 74 -54.44 -27.42 -13.87
N ILE C 75 -53.91 -27.89 -15.01
CA ILE C 75 -52.89 -27.18 -15.76
C ILE C 75 -53.32 -27.08 -17.21
N GLN C 76 -53.20 -25.87 -17.77
CA GLN C 76 -53.56 -25.58 -19.15
C GLN C 76 -52.32 -25.21 -19.94
N LYS C 77 -52.19 -25.77 -21.15
CA LYS C 77 -50.99 -25.62 -21.94
C LYS C 77 -51.34 -25.28 -23.38
N VAL C 78 -50.41 -24.60 -24.06
CA VAL C 78 -50.45 -24.35 -25.49
C VAL C 78 -49.09 -24.68 -26.08
N ILE C 79 -49.07 -25.59 -27.05
CA ILE C 79 -47.83 -26.07 -27.65
C ILE C 79 -47.83 -25.76 -29.14
N TYR C 80 -46.74 -25.16 -29.61
CA TYR C 80 -46.55 -24.76 -31.00
C TYR C 80 -45.59 -25.72 -31.68
N GLU C 81 -46.01 -26.29 -32.81
CA GLU C 81 -45.23 -27.26 -33.58
C GLU C 81 -45.09 -26.76 -35.00
N THR C 82 -43.86 -26.69 -35.49
CA THR C 82 -43.53 -26.28 -36.86
C THR C 82 -43.13 -27.50 -37.67
N HIS C 83 -43.83 -27.72 -38.78
CA HIS C 83 -43.63 -28.84 -39.68
C HIS C 83 -43.02 -28.37 -40.98
N LEU C 84 -41.99 -29.08 -41.44
CA LEU C 84 -41.44 -28.93 -42.79
C LEU C 84 -41.70 -30.23 -43.55
N GLU C 85 -42.56 -30.14 -44.57
CA GLU C 85 -43.09 -31.30 -45.28
C GLU C 85 -42.47 -31.44 -46.67
N GLY C 86 -41.29 -30.88 -46.88
CA GLY C 86 -40.69 -30.91 -48.21
C GLY C 86 -41.46 -30.06 -49.21
N LEU C 87 -41.24 -30.36 -50.49
CA LEU C 87 -41.89 -29.63 -51.57
C LEU C 87 -43.41 -29.80 -51.49
N SER D 2 -53.50 -37.42 -17.23
CA SER D 2 -54.04 -37.70 -18.60
C SER D 2 -54.70 -36.47 -19.18
N ILE D 3 -55.27 -36.62 -20.36
CA ILE D 3 -55.91 -35.52 -21.07
C ILE D 3 -57.39 -35.48 -20.74
N GLU D 4 -57.89 -34.30 -20.41
CA GLU D 4 -59.31 -34.09 -20.19
C GLU D 4 -60.00 -33.48 -21.41
N LYS D 5 -59.27 -32.66 -22.19
CA LYS D 5 -59.86 -31.97 -23.33
C LYS D 5 -58.73 -31.52 -24.23
N LYS D 6 -58.95 -31.61 -25.54
CA LYS D 6 -57.90 -31.30 -26.51
C LYS D 6 -58.54 -30.80 -27.80
N GLU D 7 -57.82 -29.90 -28.48
CA GLU D 7 -58.22 -29.45 -29.81
C GLU D 7 -56.99 -28.96 -30.56
N GLU D 8 -56.93 -29.28 -31.86
CA GLU D 8 -55.84 -28.89 -32.74
C GLU D 8 -56.33 -27.99 -33.86
N VAL D 9 -55.56 -26.95 -34.16
CA VAL D 9 -55.84 -26.03 -35.25
C VAL D 9 -54.54 -25.71 -35.97
N ILE D 10 -54.66 -25.38 -37.25
CA ILE D 10 -53.51 -25.06 -38.10
C ILE D 10 -53.47 -23.55 -38.31
N ALA D 11 -52.59 -22.89 -37.56
CA ALA D 11 -52.52 -21.42 -37.61
C ALA D 11 -52.09 -20.92 -38.97
N HIS D 12 -51.10 -21.57 -39.59
CA HIS D 12 -50.59 -21.14 -40.89
C HIS D 12 -50.17 -22.33 -41.72
N ASN D 13 -50.19 -22.13 -43.04
CA ASN D 13 -49.77 -23.15 -44.01
C ASN D 13 -49.19 -22.45 -45.23
N GLU D 14 -47.87 -22.52 -45.40
CA GLU D 14 -47.15 -21.69 -46.35
C GLU D 14 -46.07 -22.51 -47.05
N VAL D 15 -45.43 -21.89 -48.05
CA VAL D 15 -44.34 -22.50 -48.80
C VAL D 15 -43.10 -21.63 -48.64
N VAL D 16 -42.03 -22.23 -48.12
CA VAL D 16 -40.76 -21.56 -47.86
C VAL D 16 -39.75 -21.91 -48.95
N PHE D 17 -38.99 -20.93 -49.38
CA PHE D 17 -37.96 -21.08 -50.41
C PHE D 17 -36.59 -21.16 -49.77
N ARG D 18 -35.75 -22.08 -50.29
CA ARG D 18 -34.44 -22.38 -49.73
C ARG D 18 -33.45 -22.62 -50.84
N SER D 19 -32.22 -22.16 -50.64
CA SER D 19 -31.13 -22.39 -51.56
C SER D 19 -30.63 -23.83 -51.43
N LEU D 20 -30.19 -24.39 -52.56
CA LEU D 20 -29.71 -25.76 -52.60
C LEU D 20 -28.24 -25.89 -52.20
N THR D 21 -27.43 -24.87 -52.46
CA THR D 21 -26.00 -24.94 -52.18
C THR D 21 -25.69 -24.39 -50.78
N GLN D 22 -26.01 -23.12 -50.54
CA GLN D 22 -25.70 -22.51 -49.26
C GLN D 22 -26.56 -23.08 -48.14
N GLY D 23 -27.81 -23.45 -48.45
CA GLY D 23 -28.72 -23.95 -47.44
C GLY D 23 -29.49 -22.89 -46.69
N LEU D 24 -29.24 -21.61 -46.97
CA LEU D 24 -29.93 -20.52 -46.29
C LEU D 24 -31.22 -20.19 -47.00
N TYR D 25 -32.23 -19.84 -46.22
CA TYR D 25 -33.54 -19.48 -46.76
C TYR D 25 -33.52 -18.03 -47.25
N VAL D 26 -34.51 -17.70 -48.07
CA VAL D 26 -34.61 -16.37 -48.65
C VAL D 26 -35.25 -15.43 -47.63
N LYS D 27 -34.72 -14.20 -47.55
CA LYS D 27 -35.21 -13.18 -46.64
C LYS D 27 -35.82 -12.00 -47.39
N GLU D 28 -35.06 -11.39 -48.29
CA GLU D 28 -35.51 -10.24 -49.06
C GLU D 28 -35.23 -10.50 -50.54
N VAL D 29 -35.99 -9.81 -51.40
CA VAL D 29 -35.94 -10.03 -52.83
C VAL D 29 -36.05 -8.69 -53.56
N ASP D 30 -35.81 -8.73 -54.87
CA ASP D 30 -35.80 -7.55 -55.71
C ASP D 30 -37.18 -7.34 -56.34
N ILE D 31 -37.23 -6.47 -57.36
CA ILE D 31 -38.49 -6.11 -58.00
C ILE D 31 -39.15 -7.34 -58.61
N TYR D 32 -38.38 -8.13 -59.35
CA TYR D 32 -38.88 -9.36 -59.95
C TYR D 32 -39.01 -10.49 -58.93
N SER D 33 -38.64 -10.26 -57.68
CA SER D 33 -38.63 -11.24 -56.60
C SER D 33 -37.45 -12.20 -56.72
N ASP D 34 -36.40 -11.81 -57.44
CA ASP D 34 -35.13 -12.52 -57.36
C ASP D 34 -34.47 -12.21 -56.02
N VAL D 35 -33.65 -13.15 -55.55
CA VAL D 35 -33.12 -13.06 -54.19
C VAL D 35 -32.05 -11.98 -54.12
N VAL D 36 -32.11 -11.18 -53.07
CA VAL D 36 -31.03 -10.26 -52.73
C VAL D 36 -30.47 -10.50 -51.34
N SER D 37 -31.19 -11.19 -50.46
CA SER D 37 -30.73 -11.46 -49.11
C SER D 37 -31.12 -12.88 -48.72
N TYR D 38 -30.33 -13.46 -47.83
CA TYR D 38 -30.59 -14.79 -47.27
C TYR D 38 -30.55 -14.71 -45.75
N THR D 39 -31.19 -15.68 -45.11
CA THR D 39 -31.23 -15.75 -43.66
C THR D 39 -31.19 -17.20 -43.22
N LYS D 40 -30.62 -17.43 -42.03
CA LYS D 40 -30.56 -18.76 -41.44
C LYS D 40 -31.84 -19.11 -40.69
N ASP D 41 -32.71 -18.15 -40.41
CA ASP D 41 -33.92 -18.42 -39.66
C ASP D 41 -34.89 -19.26 -40.50
N VAL D 42 -35.68 -20.07 -39.81
CA VAL D 42 -36.66 -20.93 -40.47
C VAL D 42 -38.01 -20.22 -40.62
N ASP D 43 -38.37 -19.37 -39.66
CA ASP D 43 -39.66 -18.69 -39.63
C ASP D 43 -39.64 -17.36 -40.36
N GLU D 44 -38.58 -16.58 -40.19
CA GLU D 44 -38.48 -15.27 -40.84
C GLU D 44 -38.33 -15.38 -42.35
N ALA D 45 -38.07 -16.57 -42.89
CA ALA D 45 -37.82 -16.72 -44.30
C ALA D 45 -39.04 -16.31 -45.12
N LEU D 46 -38.79 -15.83 -46.33
CA LEU D 46 -39.86 -15.48 -47.26
C LEU D 46 -40.76 -16.68 -47.52
N ALA D 47 -42.06 -16.45 -47.51
CA ALA D 47 -43.04 -17.52 -47.69
C ALA D 47 -44.31 -16.95 -48.30
N MET D 48 -45.09 -17.84 -48.91
CA MET D 48 -46.32 -17.51 -49.60
C MET D 48 -47.39 -18.51 -49.22
N PRO D 49 -48.67 -18.15 -49.36
CA PRO D 49 -49.75 -19.10 -49.04
C PRO D 49 -49.64 -20.37 -49.87
N ASN D 50 -49.89 -21.50 -49.19
CA ASN D 50 -49.80 -22.82 -49.78
C ASN D 50 -51.17 -23.30 -50.27
N THR D 51 -51.62 -22.70 -51.38
CA THR D 51 -52.85 -23.14 -52.02
C THR D 51 -52.68 -23.08 -53.53
N ILE D 52 -53.44 -23.96 -54.20
CA ILE D 52 -53.28 -24.17 -55.64
C ILE D 52 -53.54 -22.88 -56.43
N ASN D 53 -54.49 -22.07 -55.99
CA ASN D 53 -54.79 -20.84 -56.71
C ASN D 53 -53.56 -19.93 -56.81
N PHE D 54 -52.88 -19.71 -55.69
CA PHE D 54 -51.65 -18.91 -55.73
C PHE D 54 -50.60 -19.52 -56.63
N LYS D 55 -50.38 -20.84 -56.51
CA LYS D 55 -49.41 -21.53 -57.37
C LYS D 55 -49.71 -21.32 -58.84
N ASN D 56 -50.98 -21.37 -59.22
CA ASN D 56 -51.37 -21.03 -60.59
C ASN D 56 -51.23 -19.54 -60.87
N SER D 57 -51.23 -18.71 -59.83
CA SER D 57 -51.09 -17.26 -59.95
C SER D 57 -49.66 -16.80 -59.70
N ARG D 58 -48.68 -17.64 -60.03
CA ARG D 58 -47.26 -17.34 -59.78
C ARG D 58 -47.00 -17.22 -58.29
N LEU D 63 -39.64 -21.08 -57.74
CA LEU D 63 -40.21 -21.65 -58.94
C LEU D 63 -40.11 -20.68 -60.11
N ILE D 64 -40.72 -19.50 -59.94
CA ILE D 64 -40.75 -18.51 -60.99
C ILE D 64 -39.51 -17.61 -60.99
N MET D 65 -38.75 -17.58 -59.90
CA MET D 65 -37.67 -16.62 -59.72
C MET D 65 -36.30 -17.19 -60.05
N ASN D 66 -36.03 -18.43 -59.64
CA ASN D 66 -34.68 -18.99 -59.75
C ASN D 66 -34.78 -20.48 -60.01
N LEU D 67 -33.67 -21.04 -60.48
CA LEU D 67 -33.57 -22.47 -60.73
C LEU D 67 -33.25 -23.29 -59.48
N ASP D 68 -33.00 -22.64 -58.34
CA ASP D 68 -32.79 -23.34 -57.07
C ASP D 68 -34.14 -23.87 -56.60
N LEU D 69 -34.56 -24.97 -57.21
CA LEU D 69 -35.95 -25.45 -57.11
C LEU D 69 -36.10 -26.39 -55.91
N GLU D 70 -36.03 -25.81 -54.72
CA GLU D 70 -36.33 -26.50 -53.46
C GLU D 70 -37.23 -25.65 -52.58
N PRO D 71 -38.50 -25.51 -52.94
CA PRO D 71 -39.48 -24.96 -51.99
C PRO D 71 -39.76 -25.94 -50.85
N LEU D 72 -40.32 -25.41 -49.77
CA LEU D 72 -40.58 -26.19 -48.56
C LEU D 72 -41.94 -25.83 -47.99
N ASN D 73 -42.88 -26.77 -48.07
CA ASN D 73 -44.20 -26.60 -47.48
C ASN D 73 -44.09 -26.54 -45.96
N LYS D 74 -44.35 -25.36 -45.39
CA LYS D 74 -44.27 -25.12 -43.95
C LYS D 74 -45.68 -25.06 -43.35
N ILE D 75 -45.94 -25.92 -42.37
CA ILE D 75 -47.23 -26.02 -41.71
C ILE D 75 -47.03 -25.86 -40.21
N GLN D 76 -47.81 -24.96 -39.60
CA GLN D 76 -47.73 -24.65 -38.18
C GLN D 76 -48.94 -25.22 -37.44
N LYS D 77 -48.66 -26.14 -36.50
CA LYS D 77 -49.67 -26.75 -35.65
C LYS D 77 -49.60 -26.16 -34.25
N VAL D 78 -50.71 -25.58 -33.79
CA VAL D 78 -50.86 -25.05 -32.44
C VAL D 78 -52.00 -25.78 -31.75
N ILE D 79 -51.70 -26.33 -30.57
CA ILE D 79 -52.58 -27.27 -29.88
C ILE D 79 -52.91 -26.73 -28.49
N TYR D 80 -54.19 -26.78 -28.14
CA TYR D 80 -54.70 -26.42 -26.82
C TYR D 80 -55.15 -27.69 -26.09
N GLU D 81 -54.71 -27.83 -24.85
CA GLU D 81 -54.99 -29.03 -24.08
C GLU D 81 -54.98 -28.71 -22.59
N THR D 82 -55.56 -29.62 -21.81
CA THR D 82 -55.59 -29.52 -20.36
C THR D 82 -55.36 -30.89 -19.75
N HIS D 83 -54.90 -30.90 -18.51
CA HIS D 83 -54.64 -32.11 -17.75
C HIS D 83 -55.24 -32.00 -16.36
N LEU D 84 -55.59 -33.16 -15.79
CA LEU D 84 -56.00 -33.27 -14.40
C LEU D 84 -55.11 -34.33 -13.75
N GLU D 85 -53.95 -33.91 -13.28
CA GLU D 85 -52.97 -34.81 -12.70
C GLU D 85 -53.25 -35.00 -11.22
N GLY D 86 -53.40 -36.26 -10.80
CA GLY D 86 -53.77 -36.56 -9.44
C GLY D 86 -52.59 -36.51 -8.48
N LEU D 87 -52.91 -36.59 -7.21
CA LEU D 87 -51.92 -36.61 -6.14
C LEU D 87 -51.60 -38.05 -5.74
N ILE E 5 54.48 23.49 -4.77
CA ILE E 5 53.79 23.83 -3.51
C ILE E 5 52.29 23.89 -3.76
N SER E 6 51.69 22.74 -4.04
CA SER E 6 50.24 22.66 -4.28
C SER E 6 49.84 21.20 -4.29
N LEU E 7 48.55 20.98 -4.50
CA LEU E 7 47.94 19.66 -4.63
C LEU E 7 47.42 19.49 -6.05
N ASN E 8 47.46 18.26 -6.54
CA ASN E 8 47.11 17.99 -7.93
C ASN E 8 45.62 18.22 -8.16
N PRO E 9 45.20 18.37 -9.43
CA PRO E 9 43.79 18.67 -9.71
C PRO E 9 42.84 17.58 -9.23
N ILE E 10 41.63 18.02 -8.87
CA ILE E 10 40.59 17.18 -8.29
C ILE E 10 39.47 17.03 -9.32
N GLN E 11 39.10 15.78 -9.60
CA GLN E 11 38.05 15.51 -10.57
C GLN E 11 36.69 15.84 -9.99
N ASP E 12 35.83 16.44 -10.82
CA ASP E 12 34.43 16.63 -10.47
C ASP E 12 33.64 15.35 -10.68
N ALA E 13 32.58 15.20 -9.89
CA ALA E 13 31.66 14.08 -10.01
C ALA E 13 30.84 14.20 -11.29
N LYS E 14 31.23 13.47 -12.32
CA LYS E 14 30.56 13.51 -13.61
C LYS E 14 29.12 13.01 -13.46
N PRO E 15 28.11 13.84 -13.75
CA PRO E 15 26.76 13.29 -13.87
C PRO E 15 26.66 12.29 -15.03
N ILE E 16 25.79 11.30 -14.84
CA ILE E 16 25.52 10.27 -15.83
C ILE E 16 24.17 10.57 -16.48
N ASP E 17 24.18 10.71 -17.81
CA ASP E 17 22.99 11.03 -18.59
C ASP E 17 22.36 9.81 -19.23
N ASP E 18 23.17 8.95 -19.83
CA ASP E 18 22.63 7.78 -20.52
C ASP E 18 22.05 6.79 -19.52
N ILE E 19 20.78 6.43 -19.72
CA ILE E 19 20.12 5.45 -18.87
C ILE E 19 20.77 4.07 -18.99
N VAL E 20 21.30 3.74 -20.18
CA VAL E 20 21.85 2.40 -20.39
C VAL E 20 23.02 2.14 -19.45
N ASP E 21 23.96 3.08 -19.36
CA ASP E 21 25.09 2.88 -18.46
C ASP E 21 24.64 2.86 -17.01
N ILE E 22 23.62 3.65 -16.65
CA ILE E 22 23.08 3.60 -15.29
C ILE E 22 22.57 2.21 -14.96
N MET E 23 21.72 1.65 -15.82
CA MET E 23 21.23 0.30 -15.61
C MET E 23 22.34 -0.73 -15.58
N THR E 24 23.36 -0.58 -16.44
CA THR E 24 24.46 -1.53 -16.43
C THR E 24 25.20 -1.50 -15.10
N TYR E 25 25.51 -0.30 -14.60
CA TYR E 25 26.15 -0.17 -13.30
C TYR E 25 25.29 -0.78 -12.19
N LEU E 26 23.99 -0.49 -12.22
CA LEU E 26 23.06 -1.05 -11.23
C LEU E 26 23.07 -2.58 -11.27
N LYS E 27 23.01 -3.15 -12.46
CA LYS E 27 23.08 -4.61 -12.60
C LYS E 27 24.40 -5.14 -12.04
N ASN E 28 25.49 -4.41 -12.26
CA ASN E 28 26.76 -4.77 -11.65
C ASN E 28 26.73 -4.62 -10.13
N GLY E 29 25.73 -3.94 -9.58
CA GLY E 29 25.60 -3.72 -8.15
C GLY E 29 26.28 -2.48 -7.60
N LYS E 30 26.93 -1.68 -8.44
CA LYS E 30 27.57 -0.47 -7.95
C LYS E 30 26.52 0.54 -7.47
N VAL E 31 26.81 1.19 -6.35
CA VAL E 31 25.86 2.10 -5.73
C VAL E 31 25.67 3.35 -6.59
N LEU E 32 24.44 3.87 -6.57
CA LEU E 32 24.05 5.10 -7.24
C LEU E 32 23.45 6.07 -6.23
N ARG E 33 23.66 7.36 -6.48
CA ARG E 33 23.16 8.44 -5.65
C ARG E 33 22.30 9.37 -6.48
N VAL E 34 21.04 9.53 -6.08
CA VAL E 34 20.01 10.24 -6.84
C VAL E 34 19.64 11.53 -6.11
N LYS E 35 19.80 12.66 -6.80
CA LYS E 35 19.45 13.98 -6.28
C LYS E 35 17.99 14.29 -6.60
N GLN E 36 17.10 13.85 -5.71
CA GLN E 36 15.68 14.18 -5.88
C GLN E 36 15.45 15.66 -5.59
N ASP E 37 14.70 16.30 -6.48
CA ASP E 37 14.39 17.73 -6.35
C ASP E 37 13.59 18.02 -5.08
N ASN E 38 12.57 17.22 -4.79
CA ASN E 38 11.62 17.55 -3.75
C ASN E 38 12.09 17.14 -2.35
N GLN E 39 12.74 15.99 -2.21
CA GLN E 39 12.95 15.39 -0.90
C GLN E 39 14.39 14.92 -0.73
N GLY E 40 15.32 15.70 -1.23
CA GLY E 40 16.73 15.50 -0.94
C GLY E 40 17.40 14.35 -1.69
N ASP E 41 18.56 13.98 -1.16
CA ASP E 41 19.52 13.12 -1.82
C ASP E 41 19.47 11.72 -1.22
N ILE E 42 19.38 10.70 -2.09
CA ILE E 42 19.19 9.31 -1.65
C ILE E 42 20.14 8.41 -2.42
N LEU E 43 20.42 7.25 -1.81
CA LEU E 43 21.19 6.18 -2.43
C LEU E 43 20.28 5.10 -2.99
N VAL E 44 20.71 4.49 -4.09
CA VAL E 44 19.97 3.44 -4.77
C VAL E 44 20.90 2.26 -5.04
N ARG E 45 20.37 1.05 -4.86
CA ARG E 45 21.18 -0.17 -4.87
C ARG E 45 20.33 -1.33 -5.36
N MET E 46 21.01 -2.32 -5.94
CA MET E 46 20.39 -3.60 -6.30
C MET E 46 20.67 -4.62 -5.21
N SER E 47 19.62 -5.32 -4.79
CA SER E 47 19.77 -6.31 -3.73
C SER E 47 20.75 -7.41 -4.15
N PRO E 48 21.68 -7.81 -3.30
CA PRO E 48 22.47 -9.01 -3.58
C PRO E 48 21.66 -10.29 -3.42
N GLY E 49 22.23 -11.36 -3.98
CA GLY E 49 21.60 -12.67 -3.94
C GLY E 49 20.60 -12.88 -5.05
N LYS E 50 19.89 -14.02 -4.94
CA LYS E 50 18.98 -14.42 -6.00
C LYS E 50 17.74 -13.54 -6.06
N HIS E 51 17.21 -13.17 -4.90
CA HIS E 51 16.01 -12.33 -4.83
C HIS E 51 16.36 -10.90 -5.21
N LYS E 52 16.42 -10.65 -6.52
CA LYS E 52 16.80 -9.35 -7.03
C LYS E 52 15.67 -8.34 -6.81
N PHE E 53 16.04 -7.18 -6.28
CA PHE E 53 15.11 -6.05 -6.15
C PHE E 53 15.93 -4.81 -5.81
N THR E 54 15.38 -3.65 -6.17
CA THR E 54 16.00 -2.39 -5.86
C THR E 54 15.78 -2.00 -4.39
N GLU E 55 16.80 -1.38 -3.80
CA GLU E 55 16.78 -0.92 -2.43
C GLU E 55 17.21 0.54 -2.37
N VAL E 56 16.70 1.24 -1.35
CA VAL E 56 17.04 2.64 -1.11
C VAL E 56 17.59 2.78 0.30
N SER E 57 18.55 3.70 0.45
CA SER E 57 19.01 4.12 1.77
C SER E 57 19.22 5.62 1.79
N ARG E 58 18.83 6.23 2.90
CA ARG E 58 19.12 7.63 3.20
C ARG E 58 20.30 7.78 4.16
N ASP E 59 21.08 6.72 4.37
CA ASP E 59 22.32 6.78 5.16
C ASP E 59 23.41 7.44 4.30
N LEU E 60 23.23 8.74 4.09
CA LEU E 60 23.89 9.49 3.02
C LEU E 60 25.32 9.88 3.41
N ASP E 61 26.18 8.87 3.44
CA ASP E 61 27.61 9.09 3.63
C ASP E 61 28.34 7.89 3.08
N LYS E 62 29.65 8.06 2.87
CA LYS E 62 30.50 6.93 2.52
C LYS E 62 30.43 5.87 3.62
N GLU E 63 30.36 4.61 3.21
CA GLU E 63 30.36 3.50 4.15
C GLU E 63 31.64 3.47 4.96
N SER E 64 31.49 3.20 6.27
CA SER E 64 32.62 3.19 7.18
C SER E 64 32.42 2.06 8.18
N PHE E 65 33.54 1.65 8.80
CA PHE E 65 33.51 0.58 9.79
C PHE E 65 32.54 0.89 10.93
N TYR E 66 32.49 2.15 11.34
CA TYR E 66 31.62 2.64 12.40
C TYR E 66 30.29 3.17 11.90
N TYR E 67 29.99 3.07 10.60
CA TYR E 67 28.77 3.68 10.08
C TYR E 67 28.34 2.85 8.87
N LYS E 68 27.46 1.88 9.13
CA LYS E 68 27.00 0.90 8.14
C LYS E 68 25.62 1.26 7.64
N ARG E 69 25.47 1.34 6.31
CA ARG E 69 24.24 1.83 5.70
C ARG E 69 23.14 0.77 5.70
N HIS E 70 21.91 1.21 5.97
CA HIS E 70 20.73 0.35 6.05
C HIS E 70 19.87 0.53 4.80
N TRP E 71 19.47 -0.58 4.19
CA TRP E 71 18.84 -0.57 2.87
C TRP E 71 17.40 -1.06 2.95
N VAL E 72 16.48 -0.24 2.44
CA VAL E 72 15.05 -0.54 2.43
C VAL E 72 14.61 -0.81 0.99
N LEU E 73 13.80 -1.85 0.80
CA LEU E 73 13.25 -2.16 -0.51
C LEU E 73 12.39 -1.01 -1.02
N TYR E 74 12.60 -0.62 -2.28
CA TYR E 74 11.77 0.41 -2.88
C TYR E 74 11.63 0.17 -4.38
N ASN E 75 10.48 0.58 -4.91
CA ASN E 75 10.14 0.44 -6.33
C ASN E 75 10.58 1.69 -7.10
N VAL E 76 11.91 1.80 -7.29
CA VAL E 76 12.45 2.95 -8.00
C VAL E 76 11.94 2.99 -9.42
N SER E 77 11.61 4.20 -9.88
CA SER E 77 11.00 4.44 -11.18
C SER E 77 12.04 4.85 -12.21
N VAL E 78 11.82 4.40 -13.45
CA VAL E 78 12.67 4.80 -14.58
C VAL E 78 12.65 6.31 -14.77
N ASN E 79 11.45 6.90 -14.77
CA ASN E 79 11.32 8.34 -14.95
C ASN E 79 12.12 9.12 -13.91
N SER E 80 12.12 8.63 -12.66
CA SER E 80 12.93 9.25 -11.62
C SER E 80 14.40 9.31 -12.03
N LEU E 81 14.94 8.20 -12.51
CA LEU E 81 16.32 8.18 -12.98
C LEU E 81 16.54 9.17 -14.14
N ILE E 82 15.64 9.15 -15.12
CA ILE E 82 15.83 9.98 -16.30
C ILE E 82 15.82 11.46 -15.95
N THR E 83 14.78 11.91 -15.23
CA THR E 83 14.62 13.34 -14.97
C THR E 83 15.57 13.86 -13.91
N PHE E 84 16.08 13.01 -13.02
CA PHE E 84 16.97 13.43 -11.95
C PHE E 84 18.40 13.01 -12.27
N ASP E 85 19.33 13.95 -12.10
CA ASP E 85 20.75 13.64 -12.20
C ASP E 85 21.15 12.58 -11.19
N VAL E 86 21.99 11.65 -11.63
CA VAL E 86 22.48 10.54 -10.83
C VAL E 86 23.99 10.50 -10.90
N TYR E 87 24.62 10.16 -9.78
CA TYR E 87 26.06 10.08 -9.65
C TYR E 87 26.45 8.75 -9.02
N LEU E 88 27.66 8.29 -9.38
CA LEU E 88 28.29 7.19 -8.68
C LEU E 88 28.71 7.62 -7.28
N ASP E 89 28.31 6.83 -6.28
CA ASP E 89 28.59 7.16 -4.89
C ASP E 89 30.07 7.09 -4.57
N GLU E 90 30.85 6.40 -5.40
CA GLU E 90 32.31 6.39 -5.22
C GLU E 90 32.92 7.77 -5.49
N GLU E 91 32.24 8.61 -6.27
CA GLU E 91 32.77 9.92 -6.66
C GLU E 91 32.14 11.07 -5.88
N TYR E 92 30.81 11.13 -5.82
CA TYR E 92 30.14 12.29 -5.24
C TYR E 92 30.45 12.40 -3.76
N SER E 93 30.96 13.55 -3.34
CA SER E 93 31.54 13.66 -2.01
C SER E 93 31.61 15.12 -1.61
N GLU E 94 31.77 15.33 -0.30
CA GLU E 94 31.94 16.66 0.31
C GLU E 94 33.33 17.24 0.04
N THR E 95 34.26 16.44 -0.50
CA THR E 95 35.65 16.85 -0.64
C THR E 95 35.78 18.21 -1.34
N THR E 96 35.02 18.43 -2.41
CA THR E 96 35.11 19.70 -3.15
C THR E 96 33.74 20.11 -3.70
N LYS E 97 33.04 20.94 -2.93
CA LYS E 97 31.82 21.63 -3.35
C LYS E 97 32.17 23.01 -3.92
N VAL E 98 32.87 22.98 -5.06
CA VAL E 98 33.43 24.19 -5.64
C VAL E 98 32.30 25.10 -6.10
N LYS E 99 32.45 26.41 -5.84
CA LYS E 99 31.42 27.38 -6.22
C LYS E 99 31.26 27.44 -7.73
N TYR E 100 32.35 27.27 -8.49
CA TYR E 100 32.33 27.36 -9.94
C TYR E 100 32.84 26.03 -10.51
N PRO E 101 31.97 25.06 -10.76
CA PRO E 101 32.43 23.75 -11.24
C PRO E 101 32.99 23.83 -12.66
N LYS E 102 33.59 22.72 -13.07
CA LYS E 102 34.20 22.64 -14.39
C LYS E 102 33.15 22.78 -15.48
N ASP E 103 33.57 23.35 -16.60
CA ASP E 103 32.72 23.63 -17.75
C ASP E 103 31.71 24.75 -17.50
N THR E 104 31.81 25.43 -16.36
CA THR E 104 30.92 26.54 -16.05
C THR E 104 31.48 27.82 -16.64
N ILE E 105 30.61 28.60 -17.29
CA ILE E 105 31.01 29.89 -17.83
C ILE E 105 30.98 30.92 -16.70
N VAL E 106 32.12 31.58 -16.47
CA VAL E 106 32.27 32.54 -15.39
C VAL E 106 32.85 33.82 -15.95
N GLU E 107 32.59 34.93 -15.26
CA GLU E 107 33.05 36.25 -15.66
C GLU E 107 34.29 36.61 -14.86
N TYR E 108 35.36 36.98 -15.54
CA TYR E 108 36.64 37.29 -14.92
C TYR E 108 37.17 38.61 -15.45
N THR E 109 37.78 39.39 -14.55
CA THR E 109 38.34 40.69 -14.90
C THR E 109 39.74 40.50 -15.44
N ARG E 110 39.99 41.00 -16.65
CA ARG E 110 41.31 40.92 -17.26
C ARG E 110 42.14 42.16 -16.88
N GLU E 111 43.44 42.08 -17.15
CA GLU E 111 44.35 43.14 -16.75
C GLU E 111 44.04 44.46 -17.44
N ASP E 112 43.36 44.44 -18.59
CA ASP E 112 43.02 45.64 -19.33
C ASP E 112 41.71 46.25 -18.86
N GLN E 113 41.22 45.87 -17.68
CA GLN E 113 39.98 46.42 -17.12
C GLN E 113 38.79 46.15 -18.02
N GLU E 114 38.80 45.01 -18.70
CA GLU E 114 37.69 44.59 -19.57
C GLU E 114 37.20 43.23 -19.10
N LYS E 115 35.97 43.17 -18.64
CA LYS E 115 35.41 41.91 -18.15
C LYS E 115 35.12 40.97 -19.31
N ASP E 116 35.60 39.73 -19.19
CA ASP E 116 35.40 38.70 -20.20
C ASP E 116 34.80 37.47 -19.53
N VAL E 117 34.12 36.66 -20.33
CA VAL E 117 33.51 35.42 -19.87
C VAL E 117 34.26 34.26 -20.49
N ALA E 118 34.67 33.30 -19.66
CA ALA E 118 35.40 32.13 -20.11
C ALA E 118 34.89 30.91 -19.35
N MET E 119 35.10 29.75 -19.94
CA MET E 119 34.64 28.48 -19.37
C MET E 119 35.79 27.83 -18.61
N ILE E 120 35.50 27.40 -17.38
CA ILE E 120 36.54 26.78 -16.55
C ILE E 120 36.85 25.40 -17.10
N LYS E 121 38.09 25.21 -17.56
CA LYS E 121 38.51 23.93 -18.12
C LYS E 121 39.20 23.03 -17.11
N GLU E 122 39.88 23.61 -16.11
CA GLU E 122 40.60 22.82 -15.12
C GLU E 122 40.54 23.55 -13.78
N ILE E 123 40.41 22.77 -12.72
CA ILE E 123 40.39 23.29 -11.35
C ILE E 123 41.29 22.42 -10.49
N LEU E 124 42.05 23.06 -9.61
CA LEU E 124 42.93 22.35 -8.68
C LEU E 124 42.88 23.05 -7.33
N THR E 125 43.68 22.54 -6.39
CA THR E 125 43.71 23.05 -5.04
C THR E 125 45.15 23.07 -4.52
N ASP E 126 45.36 23.80 -3.44
CA ASP E 126 46.68 23.99 -2.86
C ASP E 126 46.68 23.60 -1.38
N ASN E 127 47.75 23.95 -0.66
CA ASN E 127 47.87 23.57 0.74
C ASN E 127 46.73 24.13 1.57
N ASN E 128 46.35 25.39 1.33
CA ASN E 128 45.30 26.04 2.11
C ASN E 128 43.91 25.58 1.72
N GLY E 129 43.78 24.67 0.75
CA GLY E 129 42.49 24.28 0.24
C GLY E 129 41.84 25.27 -0.71
N ASN E 130 42.58 26.26 -1.20
CA ASN E 130 42.01 27.20 -2.13
C ASN E 130 41.62 26.50 -3.44
N TYR E 131 40.86 27.21 -4.26
CA TYR E 131 40.35 26.73 -5.55
C TYR E 131 40.98 27.55 -6.66
N PHE E 132 42.07 27.03 -7.23
CA PHE E 132 42.68 27.68 -8.38
C PHE E 132 41.90 27.31 -9.63
N TYR E 133 41.59 28.31 -10.45
CA TYR E 133 40.75 28.15 -11.63
C TYR E 133 41.55 28.42 -12.89
N ALA E 134 41.43 27.54 -13.86
CA ALA E 134 42.06 27.69 -15.18
C ALA E 134 41.00 28.08 -16.19
N LEU E 135 41.27 29.14 -16.94
CA LEU E 135 40.36 29.66 -17.95
C LEU E 135 40.99 29.58 -19.32
N ILE E 136 40.18 29.26 -20.32
CA ILE E 136 40.69 29.06 -21.67
C ILE E 136 41.23 30.37 -22.21
N GLY E 137 42.40 30.30 -22.86
CA GLY E 137 43.06 31.47 -23.42
C GLY E 137 44.04 32.15 -22.49
N GLU E 138 44.12 31.72 -21.23
CA GLU E 138 45.03 32.30 -20.26
C GLU E 138 45.73 31.19 -19.49
N THR E 139 46.98 31.46 -19.10
CA THR E 139 47.79 30.50 -18.35
C THR E 139 47.72 30.72 -16.85
N MET E 140 47.71 31.98 -16.40
CA MET E 140 47.65 32.26 -14.98
C MET E 140 46.33 31.78 -14.40
N LEU E 141 46.40 31.15 -13.24
CA LEU E 141 45.23 30.58 -12.59
C LEU E 141 44.62 31.59 -11.63
N PHE E 142 43.33 31.84 -11.78
CA PHE E 142 42.64 32.85 -10.98
C PHE E 142 42.22 32.27 -9.63
N ASP E 143 41.71 33.15 -8.78
CA ASP E 143 41.26 32.80 -7.43
C ASP E 143 39.75 32.95 -7.32
N GLU E 144 39.22 32.51 -6.18
CA GLU E 144 37.77 32.52 -5.98
C GLU E 144 37.21 33.94 -5.99
N ASN E 145 37.88 34.85 -5.28
CA ASN E 145 37.32 36.20 -5.10
C ASN E 145 37.28 36.97 -6.41
N LYS E 146 38.28 36.78 -7.27
CA LYS E 146 38.36 37.56 -8.49
C LYS E 146 37.20 37.25 -9.44
N LEU E 147 36.74 36.00 -9.46
CA LEU E 147 35.81 35.57 -10.47
C LEU E 147 34.38 35.96 -10.12
N ASN E 148 33.47 35.73 -11.06
CA ASN E 148 32.07 36.02 -10.88
C ASN E 148 31.28 35.12 -11.81
N LYS E 149 30.04 34.80 -11.42
CA LYS E 149 29.15 33.96 -12.20
C LYS E 149 28.02 34.78 -12.78
N VAL E 150 27.63 34.44 -14.01
CA VAL E 150 26.49 35.06 -14.68
C VAL E 150 25.46 33.97 -14.95
N LYS E 151 24.24 34.18 -14.47
CA LYS E 151 23.17 33.19 -14.53
C LYS E 151 22.05 33.72 -15.40
N ASP E 152 21.59 32.90 -16.34
CA ASP E 152 20.49 33.25 -17.23
C ASP E 152 20.81 34.49 -18.06
N PRO F 9 10.85 -27.84 -32.05
CA PRO F 9 10.61 -26.68 -31.20
C PRO F 9 9.47 -25.83 -31.75
N ILE F 10 9.14 -24.78 -30.98
CA ILE F 10 8.10 -23.83 -31.35
C ILE F 10 8.64 -22.42 -31.15
N GLN F 11 8.29 -21.52 -32.06
CA GLN F 11 8.82 -20.16 -32.08
C GLN F 11 7.85 -19.17 -31.42
N ASP F 12 6.98 -19.66 -30.53
CA ASP F 12 5.91 -18.83 -29.98
C ASP F 12 6.36 -17.97 -28.81
N ALA F 13 7.60 -18.09 -28.35
CA ALA F 13 8.06 -17.31 -27.22
C ALA F 13 9.55 -17.03 -27.38
N LYS F 14 9.95 -15.80 -27.02
CA LYS F 14 11.35 -15.38 -27.05
C LYS F 14 11.60 -14.40 -25.92
N PRO F 15 11.54 -14.87 -24.67
CA PRO F 15 11.66 -13.95 -23.54
C PRO F 15 13.04 -13.32 -23.45
N ILE F 16 13.06 -12.11 -22.94
CA ILE F 16 14.29 -11.36 -22.72
C ILE F 16 14.80 -11.67 -21.32
N ASP F 17 16.11 -11.87 -21.21
CA ASP F 17 16.72 -12.22 -19.92
C ASP F 17 17.23 -10.97 -19.21
N ASP F 18 18.11 -10.21 -19.85
CA ASP F 18 18.75 -9.08 -19.20
C ASP F 18 17.88 -7.84 -19.29
N ILE F 19 17.79 -7.10 -18.18
CA ILE F 19 17.14 -5.80 -18.18
C ILE F 19 17.91 -4.79 -19.02
N VAL F 20 19.23 -4.96 -19.14
CA VAL F 20 20.03 -4.05 -19.95
C VAL F 20 19.58 -4.09 -21.40
N ASP F 21 19.32 -5.28 -21.93
CA ASP F 21 18.79 -5.37 -23.28
C ASP F 21 17.42 -4.72 -23.39
N ILE F 22 16.61 -4.84 -22.34
CA ILE F 22 15.29 -4.19 -22.33
C ILE F 22 15.44 -2.68 -22.44
N MET F 23 16.35 -2.11 -21.64
CA MET F 23 16.57 -0.67 -21.69
C MET F 23 17.13 -0.26 -23.05
N THR F 24 18.01 -1.08 -23.62
CA THR F 24 18.56 -0.77 -24.93
C THR F 24 17.47 -0.72 -25.98
N TYR F 25 16.55 -1.68 -25.94
CA TYR F 25 15.44 -1.69 -26.90
C TYR F 25 14.50 -0.52 -26.66
N LEU F 26 14.29 -0.15 -25.39
CA LEU F 26 13.46 1.01 -25.09
C LEU F 26 14.08 2.28 -25.65
N LYS F 27 15.41 2.40 -25.57
CA LYS F 27 16.07 3.54 -26.19
C LYS F 27 15.83 3.57 -27.69
N ASN F 28 15.82 2.39 -28.32
CA ASN F 28 15.50 2.31 -29.74
C ASN F 28 14.04 2.64 -30.02
N GLY F 29 13.18 2.61 -29.01
CA GLY F 29 11.79 2.98 -29.15
C GLY F 29 10.83 1.86 -29.47
N LYS F 30 11.30 0.62 -29.50
CA LYS F 30 10.43 -0.50 -29.82
C LYS F 30 9.55 -0.86 -28.63
N VAL F 31 8.30 -1.23 -28.93
CA VAL F 31 7.33 -1.49 -27.89
C VAL F 31 7.62 -2.84 -27.24
N LEU F 32 7.17 -2.99 -25.99
CA LEU F 32 7.37 -4.21 -25.21
C LEU F 32 6.03 -4.71 -24.69
N ARG F 33 5.99 -6.00 -24.39
CA ARG F 33 4.83 -6.65 -23.79
C ARG F 33 5.23 -7.24 -22.46
N VAL F 34 4.51 -6.89 -21.40
CA VAL F 34 4.88 -7.23 -20.03
C VAL F 34 3.72 -7.97 -19.39
N LYS F 35 3.93 -9.23 -19.04
CA LYS F 35 2.87 -10.06 -18.47
C LYS F 35 2.61 -9.66 -17.02
N GLN F 36 1.48 -10.13 -16.50
CA GLN F 36 1.07 -9.90 -15.12
C GLN F 36 0.52 -11.19 -14.54
N ASP F 37 0.24 -11.16 -13.25
CA ASP F 37 -0.26 -12.33 -12.51
C ASP F 37 -1.74 -12.14 -12.21
N ASN F 38 -2.56 -13.02 -12.78
CA ASN F 38 -4.02 -12.95 -12.60
C ASN F 38 -4.55 -11.57 -12.96
N GLN F 39 -4.03 -11.00 -14.04
CA GLN F 39 -4.28 -9.61 -14.36
C GLN F 39 -4.01 -9.41 -15.85
N GLY F 40 -4.52 -8.31 -16.37
CA GLY F 40 -4.40 -8.05 -17.79
C GLY F 40 -2.95 -7.79 -18.21
N ASP F 41 -2.67 -8.13 -19.46
CA ASP F 41 -1.36 -7.87 -20.03
C ASP F 41 -1.17 -6.38 -20.27
N ILE F 42 0.09 -5.95 -20.33
CA ILE F 42 0.45 -4.55 -20.44
C ILE F 42 1.43 -4.38 -21.59
N LEU F 43 1.32 -3.25 -22.29
CA LEU F 43 2.32 -2.78 -23.24
C LEU F 43 3.00 -1.55 -22.68
N VAL F 44 4.31 -1.45 -22.90
CA VAL F 44 5.13 -0.37 -22.37
C VAL F 44 5.89 0.28 -23.51
N ARG F 45 6.17 1.57 -23.36
CA ARG F 45 6.73 2.36 -24.45
C ARG F 45 7.45 3.57 -23.87
N MET F 46 8.41 4.08 -24.62
CA MET F 46 9.13 5.29 -24.28
C MET F 46 8.57 6.45 -25.10
N SER F 47 8.25 7.55 -24.43
CA SER F 47 7.63 8.67 -25.11
C SER F 47 8.62 9.31 -26.07
N PRO F 48 8.14 9.85 -27.21
CA PRO F 48 9.04 10.55 -28.12
C PRO F 48 9.19 12.02 -27.79
N GLY F 49 10.00 12.74 -28.55
CA GLY F 49 10.12 14.17 -28.42
C GLY F 49 11.21 14.59 -27.44
N LYS F 50 11.08 15.84 -26.99
CA LYS F 50 12.08 16.42 -26.11
C LYS F 50 12.16 15.66 -24.79
N HIS F 51 11.02 15.48 -24.14
CA HIS F 51 10.98 14.87 -22.81
C HIS F 51 10.81 13.36 -22.95
N LYS F 52 11.68 12.61 -22.26
CA LYS F 52 11.65 11.16 -22.29
C LYS F 52 11.03 10.66 -20.99
N PHE F 53 9.98 9.84 -21.12
CA PHE F 53 9.37 9.20 -19.97
C PHE F 53 8.57 8.00 -20.44
N THR F 54 8.39 7.05 -19.52
CA THR F 54 7.71 5.81 -19.86
C THR F 54 6.23 6.05 -20.07
N GLU F 55 5.65 5.24 -20.95
CA GLU F 55 4.21 5.25 -21.19
C GLU F 55 3.72 3.82 -21.27
N VAL F 56 2.44 3.63 -20.96
CA VAL F 56 1.84 2.31 -20.88
C VAL F 56 0.53 2.30 -21.65
N SER F 57 0.08 1.10 -22.01
CA SER F 57 -1.18 0.91 -22.70
C SER F 57 -1.82 -0.37 -22.21
N ARG F 58 -3.11 -0.30 -21.89
CA ARG F 58 -3.87 -1.49 -21.51
C ARG F 58 -4.34 -2.28 -22.72
N ASP F 59 -4.29 -1.70 -23.92
CA ASP F 59 -4.66 -2.40 -25.14
C ASP F 59 -3.51 -3.27 -25.63
N LEU F 60 -3.87 -4.29 -26.42
CA LEU F 60 -2.90 -5.30 -26.84
C LEU F 60 -2.92 -5.53 -28.35
N ASP F 61 -4.07 -5.35 -28.99
CA ASP F 61 -4.20 -5.71 -30.39
C ASP F 61 -3.37 -4.79 -31.27
N LYS F 62 -3.07 -5.27 -32.47
CA LYS F 62 -2.26 -4.51 -33.41
C LYS F 62 -3.00 -3.25 -33.86
N GLU F 63 -2.22 -2.19 -34.11
CA GLU F 63 -2.79 -0.96 -34.62
C GLU F 63 -3.34 -1.16 -36.02
N SER F 64 -4.45 -0.49 -36.32
CA SER F 64 -5.10 -0.63 -37.62
C SER F 64 -5.95 0.60 -37.86
N PHE F 65 -6.59 0.64 -39.02
CA PHE F 65 -7.52 1.73 -39.33
C PHE F 65 -8.72 1.72 -38.39
N TYR F 66 -9.05 0.57 -37.81
CA TYR F 66 -10.21 0.42 -36.95
C TYR F 66 -9.84 0.26 -35.48
N TYR F 67 -8.57 0.37 -35.14
CA TYR F 67 -8.12 0.09 -33.77
C TYR F 67 -6.83 0.85 -33.53
N LYS F 68 -6.82 1.72 -32.53
CA LYS F 68 -5.65 2.55 -32.21
C LYS F 68 -5.35 2.42 -30.73
N ARG F 69 -4.07 2.33 -30.41
CA ARG F 69 -3.64 2.15 -29.03
C ARG F 69 -3.66 3.48 -28.29
N HIS F 70 -3.89 3.40 -26.99
CA HIS F 70 -3.94 4.57 -26.12
C HIS F 70 -2.77 4.54 -25.16
N TRP F 71 -2.05 5.65 -25.06
CA TRP F 71 -0.84 5.75 -24.26
C TRP F 71 -0.97 6.84 -23.21
N VAL F 72 -0.50 6.55 -22.01
CA VAL F 72 -0.50 7.50 -20.90
C VAL F 72 0.77 7.32 -20.09
N LEU F 73 1.12 8.36 -19.34
CA LEU F 73 2.28 8.30 -18.47
C LEU F 73 2.05 7.36 -17.30
N TYR F 74 3.13 6.73 -16.83
CA TYR F 74 3.07 5.97 -15.60
C TYR F 74 4.50 5.76 -15.07
N ASN F 75 4.63 5.78 -13.75
CA ASN F 75 5.92 5.58 -13.08
C ASN F 75 6.20 4.08 -12.97
N VAL F 76 6.56 3.50 -14.12
CA VAL F 76 6.85 2.07 -14.17
C VAL F 76 8.03 1.74 -13.26
N SER F 77 7.91 0.63 -12.54
CA SER F 77 8.93 0.16 -11.61
C SER F 77 9.83 -0.86 -12.29
N VAL F 78 11.15 -0.68 -12.11
CA VAL F 78 12.14 -1.62 -12.63
C VAL F 78 11.92 -3.02 -12.05
N ASN F 79 11.38 -3.10 -10.84
CA ASN F 79 11.10 -4.40 -10.24
C ASN F 79 10.18 -5.24 -11.14
N SER F 80 9.13 -4.63 -11.67
CA SER F 80 8.24 -5.34 -12.59
C SER F 80 9.02 -5.87 -13.79
N LEU F 81 9.83 -5.02 -14.42
CA LEU F 81 10.59 -5.43 -15.59
C LEU F 81 11.54 -6.58 -15.28
N ILE F 82 12.35 -6.43 -14.23
CA ILE F 82 13.34 -7.47 -13.90
C ILE F 82 12.65 -8.78 -13.51
N THR F 83 11.56 -8.70 -12.76
CA THR F 83 10.87 -9.91 -12.31
C THR F 83 9.99 -10.49 -13.41
N PHE F 84 9.01 -9.73 -13.90
CA PHE F 84 8.07 -10.28 -14.85
C PHE F 84 8.74 -10.55 -16.20
N ASP F 85 8.11 -11.44 -16.96
CA ASP F 85 8.58 -11.77 -18.30
C ASP F 85 8.27 -10.63 -19.28
N VAL F 86 9.15 -10.49 -20.27
CA VAL F 86 9.07 -9.39 -21.24
C VAL F 86 9.32 -9.95 -22.63
N TYR F 87 8.61 -9.40 -23.61
CA TYR F 87 8.73 -9.79 -25.01
C TYR F 87 8.70 -8.54 -25.88
N LEU F 88 9.16 -8.71 -27.12
CA LEU F 88 8.92 -7.71 -28.14
C LEU F 88 7.47 -7.79 -28.61
N ASP F 89 6.80 -6.65 -28.69
CA ASP F 89 5.37 -6.64 -29.00
C ASP F 89 5.10 -7.21 -30.39
N GLU F 90 5.91 -6.84 -31.37
CA GLU F 90 5.63 -7.23 -32.75
C GLU F 90 5.76 -8.73 -32.95
N GLU F 91 6.68 -9.38 -32.23
CA GLU F 91 7.02 -10.78 -32.46
C GLU F 91 6.36 -11.72 -31.47
N TYR F 92 5.42 -11.24 -30.66
CA TYR F 92 4.78 -12.08 -29.66
C TYR F 92 3.70 -12.93 -30.31
N SER F 93 3.57 -14.17 -29.82
CA SER F 93 2.55 -15.09 -30.28
C SER F 93 1.45 -15.19 -29.23
N GLU F 94 0.20 -15.11 -29.67
CA GLU F 94 -0.92 -15.03 -28.74
C GLU F 94 -1.01 -16.29 -27.88
N THR F 95 -1.02 -17.45 -28.52
CA THR F 95 -1.22 -18.70 -27.81
C THR F 95 -0.55 -19.84 -28.57
N THR F 96 -0.02 -20.80 -27.81
CA THR F 96 0.36 -22.11 -28.33
C THR F 96 -0.65 -23.11 -27.80
N LYS F 97 -1.35 -23.78 -28.71
CA LYS F 97 -2.48 -24.63 -28.34
C LYS F 97 -1.95 -25.93 -27.73
N VAL F 98 -1.63 -25.85 -26.43
CA VAL F 98 -1.21 -26.99 -25.64
C VAL F 98 -2.03 -27.01 -24.36
N LYS F 99 -2.25 -28.21 -23.82
CA LYS F 99 -3.08 -28.35 -22.63
C LYS F 99 -2.46 -27.63 -21.45
N TYR F 100 -1.15 -27.77 -21.26
CA TYR F 100 -0.45 -27.26 -20.09
C TYR F 100 0.43 -26.09 -20.49
N PRO F 101 0.40 -24.96 -19.78
CA PRO F 101 1.36 -23.88 -20.08
C PRO F 101 2.73 -24.19 -19.51
N LYS F 102 3.72 -23.46 -20.03
CA LYS F 102 5.07 -23.55 -19.49
C LYS F 102 5.11 -23.02 -18.07
N ASP F 103 5.99 -23.60 -17.26
CA ASP F 103 6.12 -23.25 -15.85
C ASP F 103 4.78 -23.42 -15.12
N THR F 104 4.29 -24.65 -15.14
CA THR F 104 3.04 -25.02 -14.51
C THR F 104 3.23 -26.28 -13.68
N ILE F 105 2.60 -26.32 -12.51
CA ILE F 105 2.75 -27.47 -11.62
C ILE F 105 2.08 -28.68 -12.26
N VAL F 106 2.81 -29.79 -12.36
CA VAL F 106 2.32 -31.01 -12.97
C VAL F 106 2.78 -32.20 -12.14
N GLU F 107 2.09 -33.32 -12.34
CA GLU F 107 2.37 -34.57 -11.64
C GLU F 107 2.59 -35.67 -12.67
N TYR F 108 3.46 -36.61 -12.32
CA TYR F 108 3.83 -37.69 -13.23
C TYR F 108 4.28 -38.89 -12.40
N THR F 109 4.75 -39.93 -13.09
CA THR F 109 5.28 -41.13 -12.46
C THR F 109 6.68 -41.39 -13.00
N ARG F 110 7.59 -41.77 -12.11
CA ARG F 110 8.97 -42.01 -12.49
C ARG F 110 9.13 -43.39 -13.13
N GLU F 111 10.36 -43.73 -13.49
CA GLU F 111 10.62 -44.99 -14.19
C GLU F 111 10.34 -46.19 -13.29
N ASP F 112 10.51 -46.03 -11.97
CA ASP F 112 10.27 -47.11 -11.03
C ASP F 112 8.83 -47.10 -10.49
N GLN F 113 7.89 -46.57 -11.26
CA GLN F 113 6.47 -46.53 -10.88
C GLN F 113 6.26 -45.75 -9.59
N GLU F 114 7.07 -44.73 -9.35
CA GLU F 114 6.93 -43.84 -8.20
C GLU F 114 6.37 -42.51 -8.67
N LYS F 115 5.35 -42.03 -7.96
CA LYS F 115 4.72 -40.75 -8.31
C LYS F 115 5.57 -39.59 -7.82
N ASP F 116 5.65 -38.54 -8.62
CA ASP F 116 6.45 -37.37 -8.30
C ASP F 116 5.83 -36.15 -8.97
N VAL F 117 6.06 -34.98 -8.38
CA VAL F 117 5.59 -33.72 -8.93
C VAL F 117 6.75 -33.03 -9.60
N ALA F 118 6.42 -32.09 -10.49
CA ALA F 118 7.43 -31.32 -11.22
C ALA F 118 6.72 -30.19 -11.95
N MET F 119 7.53 -29.32 -12.55
CA MET F 119 7.06 -28.28 -13.46
C MET F 119 7.56 -28.56 -14.87
N ILE F 120 6.82 -28.06 -15.85
CA ILE F 120 7.16 -28.33 -17.24
C ILE F 120 8.44 -27.57 -17.59
N LYS F 121 9.40 -28.30 -18.15
CA LYS F 121 10.68 -27.71 -18.54
C LYS F 121 10.70 -27.25 -19.98
N GLU F 122 10.00 -27.96 -20.87
CA GLU F 122 9.98 -27.62 -22.28
C GLU F 122 8.69 -28.13 -22.90
N ILE F 123 8.21 -27.40 -23.91
CA ILE F 123 7.02 -27.76 -24.65
C ILE F 123 7.42 -27.99 -26.11
N LEU F 124 7.08 -29.17 -26.62
CA LEU F 124 7.57 -29.62 -27.92
C LEU F 124 6.42 -30.24 -28.70
N THR F 125 6.66 -30.45 -29.99
CA THR F 125 5.67 -31.08 -30.85
C THR F 125 6.39 -31.73 -32.03
N ASP F 126 5.74 -32.72 -32.62
CA ASP F 126 6.22 -33.33 -33.84
C ASP F 126 5.61 -32.64 -35.05
N ASN F 127 5.91 -33.15 -36.25
CA ASN F 127 5.37 -32.57 -37.46
C ASN F 127 3.89 -32.87 -37.63
N ASN F 128 3.38 -33.91 -36.98
CA ASN F 128 1.98 -34.29 -37.08
C ASN F 128 1.11 -33.61 -36.04
N GLY F 129 1.67 -32.72 -35.22
CA GLY F 129 0.91 -32.01 -34.21
C GLY F 129 0.86 -32.68 -32.86
N ASN F 130 1.37 -33.90 -32.72
CA ASN F 130 1.41 -34.55 -31.42
C ASN F 130 2.39 -33.81 -30.51
N TYR F 131 1.94 -33.50 -29.30
CA TYR F 131 2.69 -32.66 -28.37
C TYR F 131 3.39 -33.53 -27.33
N PHE F 132 4.69 -33.29 -27.15
CA PHE F 132 5.49 -33.95 -26.13
C PHE F 132 5.98 -32.92 -25.12
N TYR F 133 6.11 -33.35 -23.87
CA TYR F 133 6.46 -32.47 -22.77
C TYR F 133 7.62 -33.07 -21.98
N ALA F 134 8.55 -32.20 -21.58
CA ALA F 134 9.69 -32.57 -20.76
C ALA F 134 9.58 -31.87 -19.42
N LEU F 135 9.76 -32.64 -18.34
CA LEU F 135 9.64 -32.13 -16.98
C LEU F 135 11.02 -31.93 -16.36
N ILE F 136 11.04 -31.17 -15.27
CA ILE F 136 12.29 -30.92 -14.56
C ILE F 136 12.75 -32.21 -13.89
N GLY F 137 14.03 -32.52 -14.04
CA GLY F 137 14.57 -33.75 -13.51
C GLY F 137 14.26 -34.98 -14.32
N GLU F 138 13.67 -34.82 -15.50
CA GLU F 138 13.30 -35.94 -16.37
C GLU F 138 13.74 -35.60 -17.79
N THR F 139 14.75 -36.30 -18.29
CA THR F 139 15.23 -36.03 -19.65
C THR F 139 14.27 -36.56 -20.70
N MET F 140 13.59 -37.67 -20.41
CA MET F 140 12.68 -38.28 -21.37
C MET F 140 11.45 -37.41 -21.58
N LEU F 141 10.74 -37.68 -22.67
CA LEU F 141 9.52 -36.96 -23.00
C LEU F 141 8.30 -37.68 -22.47
N PHE F 142 7.24 -36.92 -22.21
CA PHE F 142 6.01 -37.45 -21.63
C PHE F 142 4.83 -37.10 -22.51
N ASP F 143 3.89 -38.03 -22.61
CA ASP F 143 2.66 -37.79 -23.36
C ASP F 143 1.77 -36.81 -22.61
N GLU F 144 0.84 -36.20 -23.34
CA GLU F 144 -0.12 -35.30 -22.72
C GLU F 144 -0.98 -36.04 -21.71
N ASN F 145 -1.37 -37.28 -22.02
CA ASN F 145 -2.18 -38.07 -21.10
C ASN F 145 -1.37 -38.47 -19.87
N LYS F 146 -0.09 -38.80 -20.05
CA LYS F 146 0.72 -39.26 -18.92
C LYS F 146 0.88 -38.18 -17.86
N LEU F 147 0.83 -36.92 -18.27
CA LEU F 147 0.92 -35.82 -17.31
C LEU F 147 -0.43 -35.63 -16.62
N ASN F 148 -0.38 -34.91 -15.50
CA ASN F 148 -1.58 -34.54 -14.76
C ASN F 148 -1.41 -33.12 -14.24
N LYS F 149 -2.43 -32.29 -14.46
CA LYS F 149 -2.40 -30.89 -14.06
C LYS F 149 -2.75 -30.80 -12.58
N VAL F 150 -1.77 -30.41 -11.77
CA VAL F 150 -1.97 -30.33 -10.33
C VAL F 150 -2.83 -29.13 -9.98
N LYS F 151 -3.76 -29.32 -9.05
CA LYS F 151 -4.65 -28.24 -8.63
C LYS F 151 -3.96 -27.37 -7.59
N ASP F 152 -4.18 -26.06 -7.70
CA ASP F 152 -3.58 -25.11 -6.79
C ASP F 152 -4.26 -25.16 -5.42
N SER G 16 76.09 -11.43 29.88
CA SER G 16 76.12 -10.25 28.97
C SER G 16 74.71 -9.87 28.55
N LEU G 17 74.58 -8.69 27.95
CA LEU G 17 73.27 -8.20 27.52
C LEU G 17 73.49 -7.09 26.49
N ASN G 18 72.47 -6.90 25.66
CA ASN G 18 72.50 -5.90 24.59
C ASN G 18 71.37 -4.91 24.81
N TYR G 19 71.69 -3.62 24.71
CA TYR G 19 70.71 -2.57 24.90
C TYR G 19 71.34 -1.23 24.57
N GLU G 20 70.49 -0.27 24.23
CA GLU G 20 70.94 1.11 24.16
C GLU G 20 71.35 1.59 25.55
N TYR G 21 72.45 2.35 25.60
CA TYR G 21 73.08 2.64 26.89
C TYR G 21 72.13 3.27 27.90
N PRO G 22 71.33 4.28 27.56
CA PRO G 22 70.39 4.83 28.56
C PRO G 22 69.38 3.81 29.06
N TYR G 23 68.96 2.87 28.21
CA TYR G 23 67.88 1.95 28.52
C TYR G 23 68.43 0.61 28.95
N HIS G 24 68.07 0.16 30.15
CA HIS G 24 68.38 -1.17 30.64
C HIS G 24 67.10 -2.00 30.65
N PRO G 25 67.08 -3.21 30.08
CA PRO G 25 65.85 -4.01 30.15
C PRO G 25 65.36 -4.25 31.56
N SER G 26 66.28 -4.39 32.52
CA SER G 26 65.92 -4.51 33.92
C SER G 26 65.80 -3.12 34.52
N GLY G 27 64.66 -2.85 35.15
CA GLY G 27 64.44 -1.57 35.79
C GLY G 27 63.73 -0.57 34.91
N ASN G 28 64.36 -0.16 33.81
CA ASN G 28 63.84 0.88 32.93
C ASN G 28 63.89 0.41 31.49
N PRO G 29 63.11 -0.60 31.13
CA PRO G 29 63.09 -1.06 29.74
C PRO G 29 62.55 0.01 28.82
N LYS G 30 63.10 0.06 27.62
CA LYS G 30 62.63 1.02 26.63
C LYS G 30 61.22 0.66 26.17
N HIS G 31 60.39 1.69 26.02
CA HIS G 31 58.99 1.57 25.65
C HIS G 31 58.65 2.33 24.37
N ILE G 32 59.15 3.55 24.24
CA ILE G 32 58.82 4.44 23.12
C ILE G 32 60.09 5.06 22.56
N ASP G 33 60.22 5.05 21.24
CA ASP G 33 61.24 5.82 20.56
C ASP G 33 60.95 7.31 20.66
N VAL G 34 62.01 8.09 20.90
CA VAL G 34 61.87 9.53 21.05
C VAL G 34 61.21 10.17 19.83
N SER G 35 61.57 9.72 18.64
CA SER G 35 61.02 10.32 17.42
C SER G 35 59.52 10.11 17.31
N GLU G 36 59.03 8.93 17.69
CA GLU G 36 57.60 8.63 17.57
C GLU G 36 56.73 9.52 18.46
N ILE G 37 57.30 10.18 19.47
CA ILE G 37 56.51 11.02 20.35
C ILE G 37 55.77 12.10 19.56
N ASP G 38 56.44 12.70 18.58
CA ASP G 38 55.77 13.69 17.74
C ASP G 38 54.68 13.06 16.87
N ASN G 39 54.89 11.82 16.42
CA ASN G 39 53.93 11.19 15.53
C ASN G 39 52.61 10.91 16.24
N LEU G 40 52.67 10.34 17.44
CA LEU G 40 51.46 10.01 18.18
C LEU G 40 50.58 11.23 18.38
N THR G 41 49.28 11.07 18.09
CA THR G 41 48.31 12.14 18.14
C THR G 41 47.02 11.63 18.81
N LEU G 42 46.11 12.58 19.05
CA LEU G 42 44.82 12.27 19.65
C LEU G 42 44.06 11.18 18.90
N ALA G 43 44.16 11.17 17.57
CA ALA G 43 43.42 10.17 16.78
C ALA G 43 43.86 8.76 17.13
N ASP G 44 45.15 8.57 17.40
CA ASP G 44 45.67 7.25 17.75
C ASP G 44 45.03 6.72 19.03
N TYR G 45 44.70 7.62 19.96
CA TYR G 45 44.09 7.25 21.24
C TYR G 45 42.57 7.12 21.15
N GLY G 46 42.01 7.17 19.95
CA GLY G 46 40.56 7.11 19.77
C GLY G 46 39.78 8.38 19.99
N TRP G 47 40.43 9.52 20.23
CA TRP G 47 39.72 10.78 20.41
C TRP G 47 39.45 11.46 19.06
N SER G 48 38.83 10.72 18.16
CA SER G 48 38.31 11.27 16.92
C SER G 48 36.93 11.89 17.16
N PRO G 49 36.53 12.89 16.37
CA PRO G 49 35.14 13.35 16.43
C PRO G 49 34.12 12.26 16.15
N ASP G 50 34.48 11.23 15.38
CA ASP G 50 33.55 10.13 15.09
C ASP G 50 33.05 9.49 16.37
N ALA G 51 33.94 9.22 17.31
CA ALA G 51 33.55 8.64 18.59
C ALA G 51 32.50 9.48 19.30
N VAL G 52 32.73 10.79 19.39
CA VAL G 52 31.74 11.70 19.97
C VAL G 52 30.40 11.58 19.26
N LYS G 53 30.42 11.63 17.93
CA LYS G 53 29.18 11.46 17.15
C LYS G 53 28.51 10.12 17.45
N ALA G 54 29.29 9.05 17.56
CA ALA G 54 28.74 7.75 17.87
C ALA G 54 27.94 7.78 19.18
N TYR G 55 28.52 8.36 20.22
CA TYR G 55 27.80 8.52 21.48
C TYR G 55 26.54 9.36 21.33
N MET G 56 26.50 10.25 20.34
CA MET G 56 25.30 11.05 20.06
C MET G 56 24.48 10.46 18.91
N PHE G 57 24.61 9.16 18.67
CA PHE G 57 23.94 8.50 17.55
C PHE G 57 22.45 8.84 17.51
N GLY G 58 21.99 9.30 16.34
CA GLY G 58 20.63 9.74 16.17
C GLY G 58 20.36 11.20 16.49
N ILE G 59 21.33 11.91 17.05
CA ILE G 59 21.21 13.35 17.28
C ILE G 59 22.21 14.05 16.36
N VAL G 60 21.71 15.03 15.61
CA VAL G 60 22.51 15.83 14.68
C VAL G 60 22.32 17.29 15.03
N VAL G 61 23.42 18.04 15.05
CA VAL G 61 23.44 19.43 15.48
C VAL G 61 23.77 20.31 14.29
N GLN G 62 22.95 21.34 14.08
CA GLN G 62 23.11 22.26 12.95
C GLN G 62 22.82 23.68 13.40
N ASN G 63 23.36 24.63 12.66
CA ASN G 63 22.97 26.03 12.77
C ASN G 63 21.59 26.24 12.17
N PRO G 64 20.56 26.57 12.96
CA PRO G 64 19.19 26.61 12.39
C PRO G 64 19.03 27.62 11.27
N ASP G 65 19.86 28.66 11.24
CA ASP G 65 19.77 29.66 10.18
C ASP G 65 20.34 29.16 8.85
N THR G 66 21.14 28.10 8.85
CA THR G 66 21.76 27.59 7.65
C THR G 66 21.65 26.07 7.64
N GLY G 67 22.28 25.44 6.65
CA GLY G 67 22.44 24.01 6.62
C GLY G 67 23.78 23.51 7.13
N GLN G 68 24.50 24.37 7.86
CA GLN G 68 25.88 24.08 8.25
C GLN G 68 25.92 23.35 9.58
N PRO G 69 26.27 22.06 9.61
CA PRO G 69 26.70 21.45 10.89
C PRO G 69 28.13 21.81 11.25
N MET G 70 28.38 21.84 12.55
CA MET G 70 29.72 22.11 13.06
C MET G 70 30.73 21.08 12.54
N GLY G 71 31.86 21.59 12.05
CA GLY G 71 32.91 20.74 11.52
C GLY G 71 33.75 20.08 12.61
N ASP G 72 34.66 19.22 12.15
CA ASP G 72 35.59 18.52 13.03
C ASP G 72 36.51 19.45 13.80
N GLU G 73 36.75 20.65 13.28
CA GLU G 73 37.63 21.60 13.96
C GLU G 73 37.15 21.87 15.39
N PHE G 74 35.87 22.19 15.55
CA PHE G 74 35.32 22.40 16.89
C PHE G 74 35.48 21.17 17.76
N TYR G 75 35.16 19.99 17.23
CA TYR G 75 35.27 18.75 18.01
C TYR G 75 36.70 18.52 18.50
N ASN G 76 37.68 18.61 17.59
CA ASN G 76 39.08 18.48 17.99
C ASN G 76 39.45 19.51 19.05
N HIS G 77 39.07 20.77 18.83
CA HIS G 77 39.33 21.82 19.80
C HIS G 77 38.72 21.47 21.16
N ILE G 78 37.46 21.08 21.19
CA ILE G 78 36.81 20.67 22.42
C ILE G 78 37.53 19.48 23.05
N LEU G 79 37.83 18.46 22.24
CA LEU G 79 38.50 17.27 22.76
C LEU G 79 39.86 17.59 23.37
N GLU G 80 40.61 18.50 22.75
CA GLU G 80 41.90 18.89 23.31
C GLU G 80 41.75 19.53 24.68
N ARG G 81 40.80 20.43 24.84
CA ARG G 81 40.56 21.02 26.16
C ARG G 81 39.92 20.03 27.14
N ALA G 82 39.16 19.06 26.63
CA ALA G 82 38.66 17.99 27.50
C ALA G 82 39.77 17.12 28.05
N VAL G 83 40.71 16.69 27.20
CA VAL G 83 41.83 15.90 27.68
C VAL G 83 42.74 16.71 28.59
N GLY G 84 42.86 18.02 28.34
CA GLY G 84 43.49 18.89 29.32
C GLY G 84 42.79 18.90 30.67
N LYS G 85 41.46 19.05 30.66
CA LYS G 85 40.70 19.07 31.92
C LYS G 85 40.86 17.76 32.70
N ALA G 86 40.79 16.62 32.03
CA ALA G 86 41.02 15.36 32.71
C ALA G 86 42.43 15.25 33.26
N GLU G 87 43.40 15.77 32.51
CA GLU G 87 44.78 15.79 32.98
C GLU G 87 44.95 16.59 34.27
N ARG G 88 44.17 17.64 34.47
CA ARG G 88 44.15 18.29 35.77
C ARG G 88 43.32 17.53 36.81
N ALA G 89 42.25 16.87 36.39
CA ALA G 89 41.36 16.20 37.33
C ALA G 89 42.05 15.08 38.08
N LEU G 90 43.06 14.45 37.47
CA LEU G 90 44.05 13.66 38.18
C LEU G 90 45.42 14.23 37.87
N ASP G 91 46.30 14.29 38.86
CA ASP G 91 47.61 14.92 38.67
C ASP G 91 48.50 14.01 37.84
N ILE G 92 48.39 14.15 36.52
CA ILE G 92 48.82 13.15 35.55
C ILE G 92 49.47 13.88 34.38
N SER G 93 50.30 13.15 33.63
CA SER G 93 50.58 13.46 32.23
C SER G 93 49.91 12.43 31.35
N ILE G 94 49.17 12.89 30.35
CA ILE G 94 48.20 12.05 29.65
C ILE G 94 48.56 11.86 28.18
N LEU G 95 49.56 12.58 27.68
CA LEU G 95 50.16 12.31 26.39
C LEU G 95 51.68 12.20 26.52
N PRO G 96 52.31 11.35 25.71
CA PRO G 96 53.78 11.22 25.78
C PRO G 96 54.48 12.55 25.54
N ASP G 97 55.38 12.90 26.45
CA ASP G 97 56.00 14.23 26.46
C ASP G 97 57.31 14.17 27.23
N THR G 98 58.36 14.67 26.60
CA THR G 98 59.68 14.75 27.23
C THR G 98 59.74 15.88 28.26
N GLN G 99 60.44 15.63 29.36
CA GLN G 99 60.58 16.59 30.45
C GLN G 99 62.05 16.77 30.79
N HIS G 100 62.45 18.03 30.95
CA HIS G 100 63.77 18.42 31.47
C HIS G 100 63.60 19.03 32.86
N GLU G 101 63.88 18.23 33.89
CA GLU G 101 63.52 18.56 35.27
C GLU G 101 64.79 18.74 36.10
N MET G 102 64.84 19.85 36.85
CA MET G 102 65.84 20.11 37.86
C MET G 102 65.23 19.98 39.25
N ARG G 103 65.83 19.14 40.09
CA ARG G 103 65.32 18.83 41.42
C ARG G 103 66.38 19.10 42.48
N ASP G 104 65.89 19.47 43.66
CA ASP G 104 66.70 19.86 44.80
C ASP G 104 67.24 18.65 45.56
N TYR G 105 68.26 18.90 46.37
CA TYR G 105 68.86 17.88 47.22
C TYR G 105 68.28 17.98 48.62
N HIS G 106 67.51 16.96 49.00
CA HIS G 106 66.99 16.74 50.34
C HIS G 106 67.68 15.52 50.93
N GLU G 107 68.32 15.70 52.08
CA GLU G 107 69.23 14.69 52.59
C GLU G 107 68.54 13.37 52.88
N THR G 108 67.37 13.41 53.53
CA THR G 108 66.75 12.18 54.00
C THR G 108 66.36 11.28 52.82
N GLU G 109 65.79 11.85 51.77
CA GLU G 109 65.47 11.07 50.58
C GLU G 109 66.73 10.66 49.84
N PHE G 110 67.75 11.54 49.83
CA PHE G 110 69.01 11.21 49.18
C PHE G 110 69.65 10.00 49.82
N ASN G 111 69.67 9.94 51.15
CA ASN G 111 70.20 8.76 51.83
C ASN G 111 69.31 7.55 51.60
N SER G 112 68.03 7.77 51.29
CA SER G 112 67.10 6.67 51.00
C SER G 112 67.17 6.27 49.54
N TYR G 113 68.37 5.85 49.14
CA TYR G 113 68.64 5.37 47.78
C TYR G 113 68.33 6.42 46.72
N MET G 114 68.48 7.70 47.07
CA MET G 114 68.25 8.80 46.13
C MET G 114 66.82 8.77 45.57
N PHE G 115 65.85 8.62 46.46
CA PHE G 115 64.46 8.59 46.04
C PHE G 115 64.06 9.92 45.42
N VAL G 116 63.37 9.85 44.28
CA VAL G 116 62.89 11.03 43.56
C VAL G 116 61.45 10.78 43.10
N HIS G 117 60.59 11.76 43.33
CA HIS G 117 59.19 11.72 42.90
C HIS G 117 59.00 12.73 41.75
N ALA G 118 58.95 12.22 40.53
CA ALA G 118 58.81 13.05 39.35
C ALA G 118 57.52 13.86 39.40
N TYR G 119 57.57 15.07 38.85
CA TYR G 119 56.39 15.93 38.79
C TYR G 119 55.31 15.37 37.89
N ARG G 120 55.68 14.82 36.74
CA ARG G 120 54.74 14.29 35.76
C ARG G 120 54.87 12.78 35.68
N LYS G 121 53.77 12.09 35.92
CA LYS G 121 53.66 10.64 35.91
C LYS G 121 52.53 10.20 35.00
N PRO G 122 52.59 8.97 34.45
CA PRO G 122 53.65 7.95 34.56
C PRO G 122 54.95 8.29 33.85
N ILE G 123 56.01 7.58 34.21
CA ILE G 123 57.30 7.64 33.54
C ILE G 123 57.43 6.45 32.59
N LEU G 124 57.42 6.73 31.28
CA LEU G 124 57.67 5.66 30.32
C LEU G 124 59.12 5.19 30.40
N GLN G 125 60.06 6.12 30.46
CA GLN G 125 61.48 5.76 30.44
C GLN G 125 62.30 6.96 30.87
N VAL G 126 63.50 6.67 31.37
CA VAL G 126 64.46 7.66 31.83
C VAL G 126 65.71 7.63 30.96
N GLU G 127 66.07 8.79 30.43
CA GLU G 127 67.21 8.96 29.54
C GLU G 127 68.47 9.38 30.28
N ASN G 128 68.38 10.38 31.15
CA ASN G 128 69.55 10.94 31.83
C ASN G 128 69.22 11.19 33.29
N LEU G 129 70.24 11.03 34.13
CA LEU G 129 70.13 11.32 35.56
C LEU G 129 71.54 11.63 36.07
N GLN G 130 71.80 12.92 36.25
CA GLN G 130 73.13 13.43 36.55
C GLN G 130 73.07 14.37 37.75
N LEU G 131 74.22 14.50 38.41
CA LEU G 131 74.41 15.44 39.50
C LEU G 131 75.39 16.51 39.04
N GLN G 132 74.98 17.77 39.15
CA GLN G 132 75.77 18.89 38.66
C GLN G 132 75.81 19.99 39.71
N PHE G 133 76.82 20.84 39.60
CA PHE G 133 77.12 21.89 40.57
C PHE G 133 76.92 23.28 40.00
N ASN G 134 77.48 23.56 38.82
CA ASN G 134 77.36 24.87 38.19
C ASN G 134 77.13 24.72 36.68
N GLY G 135 76.42 23.67 36.28
CA GLY G 135 76.27 23.32 34.90
C GLY G 135 77.28 22.32 34.39
N ARG G 136 78.33 22.05 35.16
CA ARG G 136 79.33 21.06 34.82
C ARG G 136 78.97 19.75 35.50
N PRO G 137 78.78 18.63 34.78
CA PRO G 137 78.40 17.39 35.49
C PRO G 137 79.49 16.90 36.43
N ILE G 138 79.18 16.93 37.73
CA ILE G 138 80.11 16.42 38.72
C ILE G 138 80.23 14.91 38.63
N TYR G 139 79.10 14.23 38.51
CA TYR G 139 79.08 12.77 38.52
C TYR G 139 77.83 12.28 37.80
N LYS G 140 78.03 11.40 36.82
CA LYS G 140 76.94 10.81 36.05
C LYS G 140 76.86 9.32 36.36
N TYR G 141 75.68 8.87 36.75
CA TYR G 141 75.52 7.53 37.26
C TYR G 141 75.53 6.50 36.11
N PRO G 142 75.97 5.27 36.38
CA PRO G 142 75.81 4.22 35.38
C PRO G 142 74.34 3.95 35.08
N ALA G 143 74.07 3.51 33.86
CA ALA G 143 72.70 3.26 33.45
C ALA G 143 72.07 2.15 34.28
N ASN G 144 72.82 1.08 34.51
CA ASN G 144 72.28 -0.07 35.23
C ASN G 144 71.95 0.25 36.69
N TRP G 145 72.60 1.26 37.26
CA TRP G 145 72.37 1.55 38.68
C TRP G 145 70.94 2.02 38.93
N TRP G 146 70.47 2.98 38.16
CA TRP G 146 69.18 3.60 38.46
C TRP G 146 68.03 2.74 38.02
N LYS G 147 66.95 2.77 38.80
CA LYS G 147 65.75 1.99 38.53
C LYS G 147 64.52 2.86 38.78
N VAL G 148 63.41 2.49 38.14
CA VAL G 148 62.23 3.33 38.10
C VAL G 148 61.00 2.53 38.52
N GLU G 149 60.00 3.26 39.01
CA GLU G 149 58.64 2.77 39.18
C GLU G 149 57.72 3.57 38.26
N HIS G 150 57.26 2.91 37.19
CA HIS G 150 56.62 3.63 36.09
C HIS G 150 55.38 4.39 36.54
N LEU G 151 54.42 3.69 37.13
CA LEU G 151 53.13 4.30 37.46
C LEU G 151 53.29 5.42 38.49
N ALA G 152 53.93 5.11 39.62
CA ALA G 152 54.11 6.12 40.65
C ALA G 152 55.16 7.16 40.27
N GLY G 153 56.02 6.84 39.30
CA GLY G 153 57.10 7.70 38.90
C GLY G 153 58.30 7.75 39.82
N HIS G 154 58.36 6.88 40.82
CA HIS G 154 59.52 6.88 41.70
C HIS G 154 60.78 6.51 40.92
N VAL G 155 61.83 7.28 41.12
CA VAL G 155 63.16 7.02 40.57
C VAL G 155 64.09 6.78 41.74
N GLN G 156 64.71 5.61 41.77
CA GLN G 156 65.57 5.20 42.86
C GLN G 156 66.85 4.59 42.31
N LEU G 157 67.91 4.68 43.10
CA LEU G 157 69.25 4.30 42.70
C LEU G 157 69.79 3.18 43.60
N PHE G 158 70.41 2.18 42.98
CA PHE G 158 70.92 1.00 43.65
C PHE G 158 72.37 0.79 43.25
N PRO G 159 73.31 1.45 43.93
CA PRO G 159 74.72 1.33 43.53
C PRO G 159 75.24 -0.10 43.61
N THR G 160 76.13 -0.42 42.69
CA THR G 160 76.77 -1.74 42.64
C THR G 160 78.25 -1.53 42.33
N ALA G 161 78.95 -2.62 42.03
CA ALA G 161 80.36 -2.56 41.69
C ALA G 161 80.55 -2.21 40.22
N ALA G 190 74.60 22.68 55.44
CA ALA G 190 73.18 22.62 55.74
C ALA G 190 72.60 21.28 55.30
N THR G 191 71.29 21.12 55.51
CA THR G 191 70.61 19.85 55.24
C THR G 191 70.03 19.76 53.83
N PHE G 192 70.12 20.81 53.03
CA PHE G 192 69.56 20.75 51.68
C PHE G 192 70.24 21.78 50.80
N ALA G 193 70.11 21.58 49.49
CA ALA G 193 70.66 22.49 48.49
C ALA G 193 69.74 22.48 47.28
N PRO G 194 69.76 23.55 46.48
CA PRO G 194 68.81 23.64 45.36
C PRO G 194 69.36 23.15 44.04
N GLN G 195 68.50 22.45 43.29
CA GLN G 195 68.72 22.07 41.90
C GLN G 195 70.06 21.39 41.69
N MET G 196 70.37 20.43 42.56
CA MET G 196 71.66 19.75 42.47
C MET G 196 71.68 18.73 41.35
N ILE G 197 70.57 18.02 41.15
CA ILE G 197 70.47 16.92 40.20
C ILE G 197 69.66 17.34 38.98
N ARG G 198 69.97 16.73 37.85
CA ARG G 198 69.34 17.01 36.56
C ARG G 198 68.71 15.73 36.03
N LEU G 199 67.39 15.78 35.80
CA LEU G 199 66.59 14.62 35.40
C LEU G 199 65.92 14.87 34.06
N GLU G 200 66.09 13.92 33.15
CA GLU G 200 65.44 13.92 31.84
C GLU G 200 64.68 12.61 31.66
N TYR G 201 63.39 12.72 31.32
CA TYR G 201 62.56 11.54 31.18
C TYR G 201 61.36 11.86 30.31
N VAL G 202 60.67 10.79 29.89
CA VAL G 202 59.48 10.85 29.05
C VAL G 202 58.25 10.47 29.86
N SER G 203 57.26 11.38 29.90
CA SER G 203 56.06 11.22 30.69
C SER G 203 54.86 11.07 29.76
N GLY G 204 53.87 10.29 30.21
CA GLY G 204 52.62 10.09 29.50
C GLY G 204 52.23 8.63 29.48
N MET G 205 51.31 8.28 28.56
CA MET G 205 50.83 6.91 28.41
C MET G 205 50.78 6.50 26.94
N LEU G 206 51.23 5.29 26.68
CA LEU G 206 51.11 4.69 25.36
C LEU G 206 49.67 4.27 25.07
N PRO G 207 49.26 4.27 23.80
CA PRO G 207 47.95 3.69 23.45
C PRO G 207 47.89 2.20 23.78
N ARG G 208 46.71 1.76 24.21
CA ARG G 208 46.49 0.36 24.55
C ARG G 208 46.62 -0.54 23.33
N LYS G 209 47.44 -1.60 23.46
CA LYS G 209 47.73 -2.51 22.37
C LYS G 209 46.70 -3.64 22.28
N LYS G 210 46.35 -4.24 23.41
CA LYS G 210 45.46 -5.40 23.45
C LYS G 210 44.12 -5.03 24.07
N ALA G 211 43.09 -5.71 23.58
CA ALA G 211 41.72 -5.44 23.99
C ALA G 211 41.50 -5.67 25.48
N GLY G 212 40.78 -4.74 26.10
CA GLY G 212 40.32 -4.87 27.47
C GLY G 212 41.40 -4.97 28.52
N ARG G 213 42.62 -4.57 28.18
CA ARG G 213 43.77 -4.77 29.06
C ARG G 213 44.62 -3.51 28.99
N ASN G 214 45.42 -3.29 30.04
CA ASN G 214 46.45 -2.27 29.95
C ASN G 214 47.56 -2.53 30.96
N LYS G 215 48.79 -2.32 30.52
CA LYS G 215 49.94 -2.26 31.38
C LYS G 215 49.93 -1.00 32.23
N PRO G 216 50.65 -0.98 33.36
CA PRO G 216 50.77 0.29 34.11
C PRO G 216 51.27 1.45 33.29
N TRP G 217 52.16 1.20 32.32
CA TRP G 217 52.62 2.21 31.37
C TRP G 217 51.64 2.46 30.23
N GLU G 218 50.42 1.93 30.32
CA GLU G 218 49.49 1.88 29.21
C GLU G 218 48.19 2.56 29.62
N MET G 219 47.56 3.23 28.66
CA MET G 219 46.32 3.99 28.91
C MET G 219 45.11 3.11 29.20
N PRO G 220 44.46 3.22 30.35
CA PRO G 220 43.22 2.48 30.55
C PRO G 220 42.11 3.08 29.69
N PRO G 221 41.20 2.26 29.16
CA PRO G 221 40.20 2.80 28.22
C PRO G 221 39.32 3.90 28.80
N GLU G 222 39.15 3.96 30.11
CA GLU G 222 38.25 4.95 30.70
C GLU G 222 38.76 6.37 30.56
N LEU G 223 40.07 6.60 30.65
CA LEU G 223 40.54 7.97 30.43
C LEU G 223 40.10 8.43 29.05
N GLU G 224 40.10 7.50 28.09
CA GLU G 224 39.54 7.82 26.77
C GLU G 224 38.07 8.20 26.91
N GLN G 225 37.29 7.36 27.60
CA GLN G 225 35.87 7.63 27.83
C GLN G 225 35.63 8.86 28.68
N LEU G 226 36.43 9.05 29.73
CA LEU G 226 36.27 10.22 30.59
C LEU G 226 36.42 11.50 29.81
N VAL G 227 37.47 11.57 28.99
CA VAL G 227 37.67 12.74 28.14
C VAL G 227 36.51 12.91 27.15
N ILE G 228 36.01 11.81 26.63
CA ILE G 228 34.81 11.87 25.78
C ILE G 228 33.64 12.49 26.52
N LYS G 229 33.40 12.04 27.76
CA LYS G 229 32.29 12.56 28.53
C LYS G 229 32.47 14.02 28.89
N TYR G 230 33.71 14.44 29.18
CA TYR G 230 33.96 15.87 29.36
C TYR G 230 33.71 16.65 28.07
N ALA G 231 34.02 16.06 26.93
CA ALA G 231 33.73 16.69 25.65
C ALA G 231 32.23 16.82 25.43
N LEU G 232 31.49 15.74 25.69
CA LEU G 232 30.04 15.75 25.51
C LEU G 232 29.35 16.79 26.40
N LYS G 233 29.88 17.02 27.60
CA LYS G 233 29.37 18.12 28.42
C LYS G 233 29.36 19.44 27.66
N GLU G 234 30.45 19.75 26.96
CA GLU G 234 30.47 20.97 26.17
C GLU G 234 29.48 20.91 25.01
N ILE G 235 29.43 19.77 24.32
CA ILE G 235 28.56 19.62 23.16
C ILE G 235 27.10 19.79 23.55
N TYR G 236 26.67 19.11 24.61
CA TYR G 236 25.29 19.26 25.07
C TYR G 236 25.02 20.67 25.57
N GLN G 237 26.00 21.32 26.18
CA GLN G 237 25.86 22.73 26.53
C GLN G 237 25.66 23.62 25.31
N VAL G 238 26.06 23.16 24.13
CA VAL G 238 25.80 23.85 22.87
C VAL G 238 24.47 23.43 22.29
N TRP G 239 24.31 22.11 22.07
CA TRP G 239 23.14 21.58 21.38
C TRP G 239 21.84 21.89 22.11
N GLY G 240 21.86 22.00 23.43
CA GLY G 240 20.63 22.27 24.16
C GLY G 240 19.95 23.57 23.79
N ASN G 241 20.69 24.52 23.22
CA ASN G 241 20.12 25.83 22.90
C ASN G 241 19.33 25.84 21.60
N LEU G 242 19.59 24.93 20.68
CA LEU G 242 19.18 25.07 19.28
C LEU G 242 17.96 24.24 18.89
N ILE G 243 17.32 23.54 19.84
CA ILE G 243 16.23 22.64 19.47
C ILE G 243 15.05 23.42 18.89
N ILE G 244 14.65 24.52 19.54
CA ILE G 244 13.57 25.37 19.04
C ILE G 244 13.89 26.81 19.39
N GLY G 245 14.21 27.61 18.37
CA GLY G 245 14.48 29.03 18.55
C GLY G 245 15.51 29.31 19.61
N ALA G 246 15.17 30.19 20.54
CA ALA G 246 15.97 30.36 21.74
C ALA G 246 15.10 30.89 22.87
N GLY G 247 15.28 30.33 24.06
CA GLY G 247 14.51 30.74 25.22
C GLY G 247 13.05 30.42 25.17
N ILE G 248 12.61 29.50 24.31
CA ILE G 248 11.20 29.17 24.17
C ILE G 248 10.93 27.89 24.94
N ALA G 249 10.05 27.98 25.93
CA ALA G 249 9.66 26.80 26.71
C ALA G 249 8.42 26.14 26.15
N ASN G 250 7.33 26.90 26.02
CA ASN G 250 6.05 26.42 25.57
C ASN G 250 5.57 27.26 24.38
N LYS G 251 4.90 26.60 23.44
CA LYS G 251 4.31 27.27 22.29
C LYS G 251 3.09 26.50 21.81
N THR G 252 2.11 27.24 21.30
CA THR G 252 0.98 26.64 20.60
C THR G 252 0.47 27.62 19.54
N LEU G 253 0.15 27.07 18.37
CA LEU G 253 -0.18 27.84 17.18
C LEU G 253 -1.40 27.23 16.52
N GLU G 254 -2.40 28.07 16.24
CA GLU G 254 -3.64 27.65 15.61
C GLU G 254 -3.93 28.54 14.41
N VAL G 255 -4.02 27.94 13.24
CA VAL G 255 -4.36 28.64 12.01
C VAL G 255 -5.37 27.80 11.24
N ASP G 256 -6.49 28.42 10.89
CA ASP G 256 -7.44 27.92 9.89
C ASP G 256 -7.83 26.46 10.13
N GLY G 257 -8.14 26.14 11.38
CA GLY G 257 -8.59 24.81 11.75
C GLY G 257 -7.51 23.77 12.00
N ILE G 258 -6.23 24.10 11.85
CA ILE G 258 -5.14 23.23 12.24
C ILE G 258 -4.36 23.87 13.38
N THR G 259 -4.09 23.08 14.42
CA THR G 259 -3.50 23.56 15.66
C THR G 259 -2.38 22.63 16.08
N GLU G 260 -1.33 23.20 16.68
CA GLU G 260 -0.22 22.43 17.22
C GLU G 260 0.23 23.04 18.54
N THR G 261 0.61 22.16 19.47
CA THR G 261 1.18 22.55 20.76
C THR G 261 2.41 21.72 21.06
N ILE G 262 3.47 22.38 21.53
CA ILE G 262 4.73 21.74 21.88
C ILE G 262 5.19 22.31 23.22
N GLY G 263 5.63 21.42 24.11
CA GLY G 263 6.31 21.82 25.33
C GLY G 263 7.70 21.25 25.49
N THR G 264 8.70 22.13 25.40
CA THR G 264 10.09 21.72 25.38
C THR G 264 10.58 21.39 26.79
N THR G 265 11.74 20.72 26.85
CA THR G 265 12.42 20.55 28.12
C THR G 265 12.98 21.86 28.68
N GLN G 266 13.06 22.91 27.88
CA GLN G 266 13.52 24.20 28.40
C GLN G 266 12.60 24.68 29.52
N SER G 267 13.20 25.31 30.51
CA SER G 267 12.44 25.92 31.60
C SER G 267 13.26 27.04 32.20
N ALA G 268 12.58 27.91 32.94
CA ALA G 268 13.27 28.98 33.66
C ALA G 268 14.33 28.43 34.61
N MET G 269 14.07 27.30 35.24
CA MET G 269 15.00 26.75 36.22
C MET G 269 16.08 25.87 35.61
N TYR G 270 15.85 25.23 34.46
CA TYR G 270 16.81 24.31 33.89
C TYR G 270 16.78 24.37 32.37
N GLY G 271 17.97 24.22 31.78
CA GLY G 271 18.09 24.26 30.34
C GLY G 271 17.68 22.95 29.68
N GLY G 272 17.51 23.04 28.36
CA GLY G 272 16.94 21.94 27.60
C GLY G 272 17.74 20.66 27.67
N ALA G 273 19.07 20.77 27.72
CA ALA G 273 19.95 19.62 27.83
C ALA G 273 20.36 19.29 29.25
N SER G 274 19.80 19.97 30.25
CA SER G 274 20.24 19.82 31.63
C SER G 274 20.16 18.37 32.10
N ALA G 275 19.17 17.62 31.64
CA ALA G 275 19.05 16.22 32.01
C ALA G 275 20.25 15.40 31.53
N GLN G 276 20.68 15.60 30.28
CA GLN G 276 21.85 14.89 29.77
C GLN G 276 23.11 15.27 30.53
N ILE G 277 23.33 16.57 30.75
CA ILE G 277 24.50 17.03 31.50
C ILE G 277 24.52 16.42 32.89
N LEU G 278 23.39 16.47 33.60
CA LEU G 278 23.34 15.96 34.96
C LEU G 278 23.56 14.46 35.05
N GLN G 279 23.13 13.72 34.04
CA GLN G 279 23.48 12.29 33.97
C GLN G 279 24.95 12.08 33.65
N ILE G 280 25.52 12.90 32.78
CA ILE G 280 26.96 12.84 32.51
C ILE G 280 27.77 13.07 33.78
N ASN G 281 27.37 14.05 34.61
CA ASN G 281 28.03 14.25 35.89
C ASN G 281 27.95 13.02 36.78
N GLU G 282 26.76 12.42 36.88
CA GLU G 282 26.59 11.23 37.71
C GLU G 282 27.54 10.10 37.30
N ASP G 283 27.77 9.94 36.00
CA ASP G 283 28.71 8.93 35.53
C ASP G 283 30.16 9.35 35.74
N ILE G 284 30.50 10.60 35.42
CA ILE G 284 31.86 11.08 35.61
C ILE G 284 32.31 10.97 37.07
N LYS G 285 31.43 11.33 38.02
CA LYS G 285 31.81 11.22 39.42
C LYS G 285 32.17 9.78 39.80
N GLU G 286 31.32 8.83 39.41
CA GLU G 286 31.64 7.42 39.67
C GLU G 286 32.92 7.03 38.94
N LEU G 287 33.01 7.41 37.68
CA LEU G 287 34.16 7.07 36.85
C LEU G 287 35.45 7.66 37.41
N LEU G 288 35.39 8.91 37.87
CA LEU G 288 36.58 9.60 38.36
C LEU G 288 36.99 9.15 39.75
N ASP G 289 36.03 8.95 40.65
CA ASP G 289 36.35 8.43 41.98
C ASP G 289 36.98 7.05 41.91
N GLY G 290 36.44 6.18 41.07
CA GLY G 290 37.04 4.86 40.91
C GLY G 290 38.45 4.91 40.33
N LEU G 291 38.68 5.80 39.36
CA LEU G 291 40.00 5.87 38.74
C LEU G 291 41.05 6.45 39.68
N ARG G 292 40.67 7.39 40.55
CA ARG G 292 41.62 7.91 41.53
C ARG G 292 42.21 6.81 42.40
N ALA G 293 41.45 5.72 42.62
CA ALA G 293 41.96 4.59 43.36
C ALA G 293 43.05 3.84 42.61
N TYR G 294 43.13 4.02 41.29
CA TYR G 294 44.22 3.41 40.52
C TYR G 294 45.54 4.14 40.72
N PHE G 295 45.49 5.45 40.96
CA PHE G 295 46.68 6.26 41.17
C PHE G 295 46.97 6.49 42.65
N GLY G 296 45.94 6.72 43.43
CA GLY G 296 46.07 6.95 44.86
C GLY G 296 46.40 8.39 45.25
N TYR G 297 46.38 8.60 46.56
CA TYR G 297 46.67 9.89 47.16
C TYR G 297 48.15 10.25 47.06
N ASN G 298 48.41 11.54 47.16
CA ASN G 298 49.75 12.10 47.08
C ASN G 298 50.28 12.42 48.47
N MET G 299 51.55 12.11 48.70
CA MET G 299 52.20 12.34 49.98
C MET G 299 53.57 12.97 49.76
N ILE G 300 53.94 13.88 50.66
CA ILE G 300 55.26 14.48 50.67
C ILE G 300 55.71 14.66 52.12
N GLY G 301 56.96 14.33 52.39
CA GLY G 301 57.51 14.51 53.71
C GLY G 301 57.75 15.97 54.04
N LEU G 302 57.86 16.23 55.34
CA LEU G 302 58.10 17.59 55.85
C LEU G 302 58.74 17.54 57.22
N SER H 16 56.98 -39.89 43.73
CA SER H 16 57.30 -39.18 42.45
C SER H 16 56.08 -38.44 41.93
N LEU H 17 56.31 -37.55 40.97
CA LEU H 17 55.24 -36.75 40.41
C LEU H 17 55.68 -36.24 39.05
N ASN H 18 54.70 -36.03 38.16
CA ASN H 18 54.93 -35.56 36.81
C ASN H 18 54.29 -34.20 36.63
N TYR H 19 55.05 -33.25 36.08
CA TYR H 19 54.55 -31.90 35.87
C TYR H 19 55.59 -31.11 35.09
N GLU H 20 55.12 -30.08 34.41
CA GLU H 20 56.02 -29.08 33.85
C GLU H 20 56.71 -28.35 34.99
N TYR H 21 58.01 -28.09 34.82
CA TYR H 21 58.83 -27.61 35.93
C TYR H 21 58.28 -26.36 36.60
N PRO H 22 57.86 -25.32 35.89
CA PRO H 22 57.32 -24.15 36.59
C PRO H 22 56.09 -24.45 37.41
N TYR H 23 55.27 -25.41 37.00
CA TYR H 23 53.97 -25.69 37.60
C TYR H 23 54.07 -26.92 38.49
N HIS H 24 53.70 -26.77 39.76
CA HIS H 24 53.57 -27.87 40.68
C HIS H 24 52.10 -28.10 41.00
N PRO H 25 51.58 -29.33 40.93
CA PRO H 25 50.16 -29.53 41.27
C PRO H 25 49.81 -29.05 42.67
N SER H 26 50.71 -29.22 43.63
CA SER H 26 50.53 -28.68 44.97
C SER H 26 51.02 -27.24 44.98
N GLY H 27 50.18 -26.35 45.52
CA GLY H 27 50.52 -24.95 45.60
C GLY H 27 50.07 -24.12 44.42
N ASN H 28 50.67 -24.35 43.25
CA ASN H 28 50.39 -23.56 42.05
C ASN H 28 50.12 -24.48 40.87
N PRO H 29 49.01 -25.23 40.91
CA PRO H 29 48.70 -26.11 39.78
C PRO H 29 48.41 -25.30 38.53
N LYS H 30 48.77 -25.87 37.39
CA LYS H 30 48.50 -25.20 36.12
C LYS H 30 47.01 -25.12 35.84
N HIS H 31 46.58 -23.99 35.31
CA HIS H 31 45.19 -23.69 34.98
C HIS H 31 45.00 -23.29 33.54
N ILE H 32 45.89 -22.48 32.98
CA ILE H 32 45.75 -21.90 31.66
C ILE H 32 47.05 -22.05 30.88
N ASP H 33 46.93 -22.51 29.64
CA ASP H 33 48.05 -22.49 28.71
C ASP H 33 48.37 -21.06 28.29
N VAL H 34 49.66 -20.75 28.20
CA VAL H 34 50.10 -19.40 27.84
C VAL H 34 49.57 -18.99 26.47
N SER H 35 49.58 -19.91 25.50
CA SER H 35 49.16 -19.56 24.15
C SER H 35 47.68 -19.20 24.10
N GLU H 36 46.84 -19.89 24.88
CA GLU H 36 45.41 -19.62 24.88
C GLU H 36 45.05 -18.24 25.41
N ILE H 37 45.98 -17.56 26.09
CA ILE H 37 45.71 -16.21 26.60
C ILE H 37 45.25 -15.30 25.46
N ASP H 38 45.95 -15.34 24.33
CA ASP H 38 45.54 -14.53 23.19
C ASP H 38 44.16 -14.94 22.68
N ASN H 39 43.91 -16.24 22.58
CA ASN H 39 42.65 -16.71 22.00
C ASN H 39 41.45 -16.21 22.79
N LEU H 40 41.49 -16.33 24.12
CA LEU H 40 40.35 -15.96 24.94
C LEU H 40 39.98 -14.49 24.74
N THR H 41 38.69 -14.24 24.55
CA THR H 41 38.17 -12.91 24.28
C THR H 41 36.83 -12.72 24.99
N LEU H 42 36.23 -11.55 24.76
CA LEU H 42 34.96 -11.20 25.40
C LEU H 42 33.84 -12.19 25.09
N ALA H 43 33.79 -12.68 23.84
CA ALA H 43 32.72 -13.60 23.45
C ALA H 43 32.70 -14.84 24.33
N ASP H 44 33.89 -15.33 24.72
CA ASP H 44 33.97 -16.52 25.55
C ASP H 44 33.23 -16.33 26.87
N TYR H 45 33.28 -15.13 27.44
CA TYR H 45 32.65 -14.84 28.72
C TYR H 45 31.18 -14.42 28.58
N GLY H 46 30.60 -14.57 27.40
CA GLY H 46 29.22 -14.18 27.15
C GLY H 46 28.96 -12.71 26.92
N TRP H 47 29.98 -11.85 26.92
CA TRP H 47 29.78 -10.43 26.65
C TRP H 47 29.70 -10.21 25.13
N SER H 48 28.59 -10.69 24.56
CA SER H 48 28.23 -10.41 23.18
C SER H 48 27.20 -9.28 23.12
N PRO H 49 27.13 -8.55 22.00
CA PRO H 49 26.03 -7.58 21.83
C PRO H 49 24.65 -8.19 21.99
N ASP H 50 24.47 -9.45 21.58
CA ASP H 50 23.18 -10.11 21.74
C ASP H 50 22.74 -10.13 23.20
N ALA H 51 23.68 -10.33 24.12
CA ALA H 51 23.38 -10.27 25.54
C ALA H 51 22.76 -8.92 25.92
N VAL H 52 23.38 -7.83 25.48
CA VAL H 52 22.82 -6.50 25.70
C VAL H 52 21.41 -6.40 25.14
N LYS H 53 21.23 -6.83 23.88
CA LYS H 53 19.91 -6.82 23.27
C LYS H 53 18.90 -7.64 24.08
N ALA H 54 19.30 -8.81 24.55
CA ALA H 54 18.40 -9.66 25.32
C ALA H 54 17.83 -8.93 26.52
N TYR H 55 18.68 -8.26 27.31
CA TYR H 55 18.18 -7.46 28.40
C TYR H 55 17.30 -6.30 27.94
N MET H 56 17.45 -5.86 26.69
CA MET H 56 16.56 -4.85 26.10
C MET H 56 15.48 -5.49 25.22
N PHE H 57 15.07 -6.71 25.57
CA PHE H 57 14.06 -7.44 24.82
C PHE H 57 12.80 -6.62 24.60
N GLY H 58 12.47 -6.41 23.33
CA GLY H 58 11.37 -5.57 22.92
C GLY H 58 11.72 -4.12 22.59
N ILE H 59 12.95 -3.71 22.84
CA ILE H 59 13.42 -2.36 22.53
C ILE H 59 14.42 -2.45 21.40
N VAL H 60 14.24 -1.62 20.37
CA VAL H 60 15.16 -1.50 19.25
C VAL H 60 15.72 -0.08 19.25
N VAL H 61 17.04 0.03 19.25
CA VAL H 61 17.72 1.32 19.23
C VAL H 61 17.94 1.70 17.77
N GLN H 62 17.23 2.72 17.32
CA GLN H 62 17.20 3.08 15.91
C GLN H 62 17.19 4.59 15.77
N ASN H 63 17.89 5.10 14.77
CA ASN H 63 17.82 6.51 14.43
C ASN H 63 16.37 6.87 14.11
N PRO H 64 15.88 8.05 14.56
CA PRO H 64 14.50 8.42 14.26
C PRO H 64 14.30 8.92 12.84
N ASP H 65 15.31 9.56 12.26
CA ASP H 65 15.16 10.19 10.95
C ASP H 65 15.56 9.26 9.81
N THR H 66 16.21 8.14 10.12
CA THR H 66 16.51 7.12 9.12
C THR H 66 16.48 5.77 9.81
N GLY H 67 16.22 4.72 9.02
CA GLY H 67 15.95 3.38 9.49
C GLY H 67 17.13 2.64 10.09
N GLN H 68 18.27 3.30 10.22
CA GLN H 68 19.49 2.65 10.67
C GLN H 68 19.41 2.23 12.14
N PRO H 69 19.71 0.97 12.47
CA PRO H 69 20.07 0.62 13.85
C PRO H 69 21.56 0.71 14.09
N MET H 70 21.91 0.98 15.35
CA MET H 70 23.31 1.01 15.75
C MET H 70 23.92 -0.38 15.67
N GLY H 71 25.14 -0.45 15.14
CA GLY H 71 25.79 -1.71 14.87
C GLY H 71 26.40 -2.39 16.09
N ASP H 72 26.85 -3.63 15.85
CA ASP H 72 27.51 -4.43 16.86
C ASP H 72 28.82 -3.82 17.35
N GLU H 73 29.55 -3.15 16.46
CA GLU H 73 30.83 -2.56 16.83
C GLU H 73 30.69 -1.61 18.02
N PHE H 74 29.68 -0.74 17.98
CA PHE H 74 29.43 0.14 19.11
C PHE H 74 29.23 -0.63 20.41
N TYR H 75 28.46 -1.72 20.37
CA TYR H 75 28.28 -2.56 21.56
C TYR H 75 29.61 -3.10 22.07
N ASN H 76 30.44 -3.64 21.18
CA ASN H 76 31.76 -4.12 21.58
C ASN H 76 32.57 -3.00 22.22
N HIS H 77 32.59 -1.82 21.58
CA HIS H 77 33.29 -0.68 22.12
C HIS H 77 32.80 -0.32 23.52
N ILE H 78 31.48 -0.27 23.70
CA ILE H 78 30.90 -0.03 25.02
C ILE H 78 31.27 -1.15 25.99
N LEU H 79 31.09 -2.41 25.57
CA LEU H 79 31.40 -3.54 26.45
C LEU H 79 32.85 -3.51 26.92
N GLU H 80 33.78 -3.17 26.03
CA GLU H 80 35.18 -3.08 26.42
C GLU H 80 35.38 -2.03 27.50
N ARG H 81 34.67 -0.91 27.40
CA ARG H 81 34.70 0.09 28.47
C ARG H 81 33.91 -0.32 29.70
N ALA H 82 32.86 -1.14 29.55
CA ALA H 82 32.17 -1.65 30.72
C ALA H 82 33.05 -2.58 31.55
N VAL H 83 33.72 -3.53 30.90
CA VAL H 83 34.64 -4.41 31.60
C VAL H 83 35.84 -3.65 32.18
N GLY H 84 36.33 -2.65 31.44
CA GLY H 84 37.38 -1.80 31.99
C GLY H 84 36.97 -1.04 33.24
N LYS H 85 35.78 -0.42 33.23
CA LYS H 85 35.29 0.28 34.41
C LYS H 85 35.16 -0.66 35.61
N ALA H 86 34.62 -1.85 35.39
CA ALA H 86 34.53 -2.85 36.46
C ALA H 86 35.90 -3.25 37.00
N GLU H 87 36.89 -3.42 36.12
CA GLU H 87 38.22 -3.83 36.56
C GLU H 87 38.84 -2.88 37.56
N ARG H 88 38.61 -1.56 37.44
CA ARG H 88 38.96 -0.64 38.51
C ARG H 88 37.99 -0.66 39.68
N ALA H 89 36.67 -0.68 39.41
CA ALA H 89 35.72 -0.43 40.49
C ALA H 89 35.87 -1.46 41.60
N LEU H 90 36.21 -2.68 41.25
CA LEU H 90 36.82 -3.64 42.16
C LEU H 90 38.23 -3.89 41.65
N ASP H 91 39.22 -3.68 42.50
CA ASP H 91 40.60 -3.65 42.03
C ASP H 91 41.01 -5.06 41.63
N ILE H 92 40.94 -5.32 40.32
CA ILE H 92 41.02 -6.67 39.77
C ILE H 92 41.83 -6.57 38.49
N SER H 93 42.36 -7.72 38.04
CA SER H 93 42.61 -7.95 36.62
C SER H 93 41.75 -9.11 36.18
N ILE H 94 40.88 -8.87 35.19
CA ILE H 94 39.75 -9.75 34.92
C ILE H 94 39.99 -10.64 33.72
N LEU H 95 40.37 -10.06 32.58
CA LEU H 95 40.81 -10.87 31.45
C LEU H 95 42.20 -11.47 31.72
N PRO H 96 42.46 -12.69 31.26
CA PRO H 96 43.79 -13.28 31.44
C PRO H 96 44.87 -12.48 30.72
N ASP H 97 45.94 -12.14 31.45
CA ASP H 97 47.09 -11.51 30.84
C ASP H 97 48.35 -11.84 31.63
N THR H 98 49.47 -11.84 30.93
CA THR H 98 50.79 -12.12 31.48
C THR H 98 51.42 -10.85 32.04
N GLN H 99 51.99 -10.96 33.24
CA GLN H 99 52.56 -9.81 33.95
C GLN H 99 54.04 -10.07 34.23
N HIS H 100 54.84 -9.03 33.99
CA HIS H 100 56.25 -8.97 34.39
C HIS H 100 56.42 -7.94 35.50
N GLU H 101 56.61 -8.41 36.72
CA GLU H 101 56.50 -7.58 37.92
C GLU H 101 57.83 -7.60 38.69
N MET H 102 58.32 -6.40 39.00
CA MET H 102 59.43 -6.18 39.92
C MET H 102 58.92 -5.62 41.24
N ARG H 103 59.46 -6.14 42.34
CA ARG H 103 59.04 -5.75 43.68
C ARG H 103 60.26 -5.51 44.57
N ASP H 104 60.06 -4.63 45.55
CA ASP H 104 61.08 -4.21 46.49
C ASP H 104 61.23 -5.21 47.63
N TYR H 105 62.39 -5.14 48.29
CA TYR H 105 62.68 -5.97 49.45
C TYR H 105 62.37 -5.21 50.73
N HIS H 106 61.38 -5.72 51.46
CA HIS H 106 61.01 -5.27 52.79
C HIS H 106 61.30 -6.38 53.79
N GLU H 107 62.09 -6.08 54.81
CA GLU H 107 62.62 -7.13 55.67
C GLU H 107 61.50 -7.85 56.43
N THR H 108 60.51 -7.11 56.94
CA THR H 108 59.51 -7.72 57.80
C THR H 108 58.69 -8.76 57.03
N GLU H 109 58.31 -8.45 55.80
CA GLU H 109 57.59 -9.43 54.98
C GLU H 109 58.52 -10.54 54.51
N PHE H 110 59.76 -10.21 54.19
CA PHE H 110 60.71 -11.20 53.71
C PHE H 110 60.95 -12.29 54.75
N ASN H 111 61.12 -11.90 56.01
CA ASN H 111 61.27 -12.90 57.06
C ASN H 111 59.99 -13.70 57.26
N SER H 112 58.85 -13.18 56.81
CA SER H 112 57.56 -13.87 56.92
C SER H 112 57.34 -14.77 55.70
N TYR H 113 58.28 -15.70 55.51
CA TYR H 113 58.21 -16.66 54.41
C TYR H 113 58.17 -15.98 53.05
N MET H 114 58.81 -14.81 52.93
CA MET H 114 58.87 -14.06 51.68
C MET H 114 57.47 -13.73 51.15
N PHE H 115 56.65 -13.12 52.01
CA PHE H 115 55.31 -12.74 51.61
C PHE H 115 55.35 -11.68 50.52
N VAL H 116 54.51 -11.85 49.50
CA VAL H 116 54.39 -10.91 48.39
C VAL H 116 52.92 -10.74 48.04
N HIS H 117 52.49 -9.49 47.91
CA HIS H 117 51.13 -9.15 47.48
C HIS H 117 51.19 -8.61 46.06
N ALA H 118 50.76 -9.44 45.11
CA ALA H 118 50.75 -9.05 43.71
C ALA H 118 49.89 -7.81 43.48
N TYR H 119 50.35 -6.95 42.56
CA TYR H 119 49.62 -5.73 42.27
C TYR H 119 48.27 -6.02 41.62
N ARG H 120 48.15 -7.11 40.88
CA ARG H 120 46.92 -7.46 40.17
C ARG H 120 46.55 -8.89 40.51
N LYS H 121 45.26 -9.12 40.71
CA LYS H 121 44.70 -10.37 41.17
C LYS H 121 43.41 -10.66 40.43
N PRO H 122 42.97 -11.94 40.40
CA PRO H 122 43.59 -13.15 40.93
C PRO H 122 44.84 -13.61 40.18
N ILE H 123 45.63 -14.45 40.82
CA ILE H 123 46.77 -15.14 40.20
C ILE H 123 46.32 -16.52 39.76
N LEU H 124 46.21 -16.71 38.43
CA LEU H 124 45.95 -18.06 37.92
C LEU H 124 47.14 -18.97 38.18
N GLN H 125 48.35 -18.48 37.94
CA GLN H 125 49.54 -19.32 38.07
C GLN H 125 50.77 -18.43 38.05
N VAL H 126 51.88 -19.01 38.53
CA VAL H 126 53.17 -18.35 38.62
C VAL H 126 54.20 -19.13 37.82
N GLU H 127 54.92 -18.43 36.94
CA GLU H 127 55.93 -19.02 36.07
C GLU H 127 57.34 -18.87 36.64
N ASN H 128 57.71 -17.66 37.07
CA ASN H 128 59.06 -17.38 37.54
C ASN H 128 59.02 -16.58 38.83
N LEU H 129 60.00 -16.84 39.69
CA LEU H 129 60.17 -16.11 40.94
C LEU H 129 61.65 -16.17 41.29
N GLN H 130 62.35 -15.07 41.03
CA GLN H 130 63.80 -15.00 41.11
C GLN H 130 64.23 -13.75 41.86
N LEU H 131 65.43 -13.82 42.43
CA LEU H 131 66.07 -12.70 43.10
C LEU H 131 67.32 -12.32 42.33
N GLN H 132 67.46 -11.03 42.03
CA GLN H 132 68.57 -10.52 41.23
C GLN H 132 69.13 -9.26 41.89
N PHE H 133 70.39 -8.99 41.56
CA PHE H 133 71.13 -7.86 42.12
C PHE H 133 71.35 -6.74 41.11
N ASN H 134 71.81 -7.08 39.90
CA ASN H 134 72.05 -6.10 38.85
C ASN H 134 71.60 -6.64 37.49
N GLY H 135 70.55 -7.47 37.49
CA GLY H 135 70.11 -8.18 36.31
C GLY H 135 70.56 -9.61 36.25
N ARG H 136 71.60 -9.97 36.99
CA ARG H 136 72.04 -11.35 37.09
C ARG H 136 71.24 -12.08 38.16
N PRO H 137 70.61 -13.22 37.87
CA PRO H 137 69.89 -13.93 38.94
C PRO H 137 70.83 -14.48 40.00
N ILE H 138 70.79 -13.88 41.19
CA ILE H 138 71.61 -14.36 42.29
C ILE H 138 71.14 -15.74 42.74
N TYR H 139 69.82 -15.91 42.87
CA TYR H 139 69.25 -17.17 43.35
C TYR H 139 67.87 -17.34 42.75
N LYS H 140 67.65 -18.46 42.08
CA LYS H 140 66.34 -18.82 41.54
C LYS H 140 65.84 -20.02 42.32
N TYR H 141 64.67 -19.87 42.93
CA TYR H 141 64.20 -20.86 43.88
C TYR H 141 63.61 -22.07 43.16
N PRO H 142 63.62 -23.25 43.80
CA PRO H 142 62.94 -24.40 43.21
C PRO H 142 61.44 -24.16 43.07
N ALA H 143 60.86 -24.81 42.08
CA ALA H 143 59.44 -24.65 41.81
C ALA H 143 58.59 -25.14 42.97
N ASN H 144 58.94 -26.30 43.53
CA ASN H 144 58.14 -26.88 44.60
C ASN H 144 58.13 -26.02 45.86
N TRP H 145 59.15 -25.17 46.05
CA TRP H 145 59.20 -24.37 47.27
C TRP H 145 58.06 -23.37 47.34
N TRP H 146 57.85 -22.60 46.28
CA TRP H 146 56.94 -21.48 46.37
C TRP H 146 55.49 -21.94 46.23
N LYS H 147 54.60 -21.22 46.92
CA LYS H 147 53.18 -21.54 46.94
C LYS H 147 52.39 -20.24 46.88
N VAL H 148 51.14 -20.34 46.40
CA VAL H 148 50.35 -19.17 46.05
C VAL H 148 48.98 -19.26 46.71
N GLU H 149 48.37 -18.08 46.92
CA GLU H 149 46.96 -17.94 47.25
C GLU H 149 46.28 -17.24 46.07
N HIS H 150 45.50 -18.00 45.30
CA HIS H 150 45.03 -17.52 44.00
C HIS H 150 44.18 -16.26 44.12
N LEU H 151 43.11 -16.33 44.92
CA LEU H 151 42.17 -15.21 45.01
C LEU H 151 42.84 -13.96 45.55
N ALA H 152 43.47 -14.07 46.72
CA ALA H 152 44.13 -12.91 47.32
C ALA H 152 45.41 -12.54 46.58
N GLY H 153 45.99 -13.48 45.83
CA GLY H 153 47.24 -13.29 45.15
C GLY H 153 48.48 -13.34 46.02
N HIS H 154 48.36 -13.77 47.27
CA HIS H 154 49.54 -13.88 48.11
C HIS H 154 50.49 -14.94 47.55
N VAL H 155 51.76 -14.58 47.46
CA VAL H 155 52.84 -15.48 47.06
C VAL H 155 53.75 -15.67 48.26
N GLN H 156 53.94 -16.92 48.66
CA GLN H 156 54.70 -17.26 49.85
C GLN H 156 55.61 -18.43 49.54
N LEU H 157 56.77 -18.45 50.20
CA LEU H 157 57.82 -19.42 49.96
C LEU H 157 58.04 -20.28 51.19
N PHE H 158 58.14 -21.59 50.99
CA PHE H 158 58.25 -22.57 52.06
C PHE H 158 59.45 -23.46 51.78
N PRO H 159 60.66 -23.02 52.16
CA PRO H 159 61.86 -23.79 51.83
C PRO H 159 61.85 -25.17 52.47
N THR H 160 62.48 -26.11 51.77
CA THR H 160 62.60 -27.49 52.23
C THR H 160 64.04 -27.94 52.01
N ALA H 161 64.28 -29.24 52.19
CA ALA H 161 65.61 -29.81 52.01
C ALA H 161 65.88 -30.09 50.53
N ALA H 190 70.73 -1.26 55.01
CA ALA H 190 69.45 -0.71 55.41
C ALA H 190 68.41 -1.82 55.57
N THR H 191 67.20 -1.45 55.98
CA THR H 191 66.13 -2.40 56.20
C THR H 191 65.35 -2.73 54.94
N PHE H 192 65.57 -2.01 53.84
CA PHE H 192 64.83 -2.26 52.61
C PHE H 192 65.71 -1.90 51.42
N ALA H 193 65.40 -2.49 50.28
CA ALA H 193 66.08 -2.22 49.02
C ALA H 193 65.08 -2.25 47.89
N PRO H 194 65.37 -1.58 46.77
CA PRO H 194 64.39 -1.50 45.68
C PRO H 194 64.57 -2.56 44.60
N GLN H 195 63.43 -3.10 44.16
CA GLN H 195 63.35 -3.96 42.97
C GLN H 195 64.34 -5.12 43.02
N MET H 196 64.45 -5.75 44.20
CA MET H 196 65.42 -6.82 44.35
C MET H 196 64.95 -8.09 43.65
N ILE H 197 63.67 -8.40 43.76
CA ILE H 197 63.10 -9.65 43.27
C ILE H 197 62.36 -9.41 41.95
N ARG H 198 62.14 -10.50 41.22
CA ARG H 198 61.46 -10.48 39.93
C ARG H 198 60.37 -11.55 39.92
N LEU H 199 59.17 -11.15 39.52
CA LEU H 199 58.00 -12.00 39.54
C LEU H 199 57.29 -11.96 38.19
N GLU H 200 56.95 -13.14 37.67
CA GLU H 200 56.16 -13.29 36.46
C GLU H 200 54.95 -14.16 36.75
N TYR H 201 53.76 -13.66 36.41
CA TYR H 201 52.53 -14.38 36.71
C TYR H 201 51.43 -13.94 35.78
N VAL H 202 50.40 -14.79 35.70
CA VAL H 202 49.23 -14.59 34.85
C VAL H 202 48.03 -14.18 35.70
N SER H 203 47.51 -12.99 35.42
CA SER H 203 46.39 -12.42 36.16
C SER H 203 45.13 -12.50 35.30
N GLY H 204 44.04 -12.97 35.90
CA GLY H 204 42.77 -13.03 35.21
C GLY H 204 41.85 -14.07 35.82
N MET H 205 40.72 -14.30 35.13
CA MET H 205 39.79 -15.35 35.49
C MET H 205 39.34 -16.14 34.27
N LEU H 206 39.31 -17.46 34.41
CA LEU H 206 38.83 -18.33 33.35
C LEU H 206 37.30 -18.28 33.26
N PRO H 207 36.74 -18.50 32.07
CA PRO H 207 35.28 -18.67 31.98
C PRO H 207 34.80 -19.86 32.80
N ARG H 208 33.68 -19.67 33.48
CA ARG H 208 33.12 -20.70 34.34
C ARG H 208 32.69 -21.92 33.54
N LYS H 209 33.09 -23.09 34.04
CA LYS H 209 32.88 -24.36 33.34
C LYS H 209 31.47 -24.89 33.58
N LYS H 210 30.95 -24.75 34.80
CA LYS H 210 29.68 -25.35 35.19
C LYS H 210 28.78 -24.31 35.84
N ALA H 211 27.48 -24.55 35.69
CA ALA H 211 26.44 -23.61 36.10
C ALA H 211 26.39 -23.40 37.60
N GLY H 212 26.09 -22.16 37.98
CA GLY H 212 25.82 -21.78 39.36
C GLY H 212 26.96 -21.99 40.32
N ARG H 213 28.17 -22.21 39.80
CA ARG H 213 29.32 -22.57 40.60
C ARG H 213 30.53 -21.86 40.00
N ASN H 214 31.51 -21.53 40.83
CA ASN H 214 32.78 -21.10 40.29
C ASN H 214 33.90 -21.36 41.30
N LYS H 215 35.06 -21.75 40.79
CA LYS H 215 36.26 -21.80 41.59
C LYS H 215 36.74 -20.38 41.90
N PRO H 216 37.52 -20.20 42.97
CA PRO H 216 38.11 -18.87 43.21
C PRO H 216 38.91 -18.31 42.05
N TRP H 217 39.59 -19.17 41.28
CA TRP H 217 40.30 -18.78 40.07
C TRP H 217 39.40 -18.64 38.85
N GLU H 218 38.09 -18.58 39.04
CA GLU H 218 37.09 -18.71 37.99
C GLU H 218 36.15 -17.52 38.05
N MET H 219 35.71 -17.06 36.89
CA MET H 219 34.89 -15.84 36.82
C MET H 219 33.55 -16.07 37.50
N PRO H 220 33.22 -15.30 38.54
CA PRO H 220 31.89 -15.43 39.13
C PRO H 220 30.81 -14.89 38.21
N PRO H 221 29.59 -15.44 38.28
CA PRO H 221 28.51 -14.96 37.39
C PRO H 221 28.17 -13.48 37.57
N GLU H 222 28.43 -12.91 38.74
CA GLU H 222 28.02 -11.54 39.00
C GLU H 222 28.79 -10.54 38.15
N LEU H 223 30.07 -10.80 37.89
CA LEU H 223 30.84 -9.88 37.06
C LEU H 223 30.25 -9.81 35.65
N GLU H 224 29.77 -10.93 35.14
CA GLU H 224 29.09 -10.93 33.85
C GLU H 224 27.90 -9.99 33.85
N GLN H 225 27.02 -10.13 34.84
CA GLN H 225 25.86 -9.24 34.93
C GLN H 225 26.27 -7.80 35.26
N LEU H 226 27.25 -7.62 36.13
CA LEU H 226 27.71 -6.28 36.48
C LEU H 226 28.22 -5.52 35.26
N VAL H 227 29.08 -6.16 34.47
CA VAL H 227 29.59 -5.52 33.26
C VAL H 227 28.46 -5.25 32.27
N ILE H 228 27.50 -6.17 32.18
CA ILE H 228 26.32 -5.94 31.35
C ILE H 228 25.56 -4.70 31.80
N LYS H 229 25.32 -4.58 33.10
CA LYS H 229 24.57 -3.45 33.62
C LYS H 229 25.31 -2.13 33.41
N TYR H 230 26.63 -2.13 33.55
CA TYR H 230 27.42 -0.95 33.19
C TYR H 230 27.23 -0.57 31.73
N ALA H 231 27.26 -1.55 30.83
CA ALA H 231 27.05 -1.28 29.41
C ALA H 231 25.66 -0.70 29.15
N LEU H 232 24.63 -1.28 29.77
CA LEU H 232 23.27 -0.79 29.60
C LEU H 232 23.11 0.65 30.07
N LYS H 233 23.82 1.05 31.11
CA LYS H 233 23.81 2.44 31.53
C LYS H 233 24.23 3.38 30.39
N GLU H 234 25.20 2.96 29.58
CA GLU H 234 25.59 3.77 28.42
C GLU H 234 24.54 3.71 27.32
N ILE H 235 24.04 2.53 27.01
CA ILE H 235 23.09 2.36 25.91
C ILE H 235 21.80 3.12 26.16
N TYR H 236 21.28 3.05 27.38
CA TYR H 236 20.11 3.86 27.72
C TYR H 236 20.39 5.35 27.63
N GLN H 237 21.59 5.80 28.01
CA GLN H 237 21.93 7.21 27.85
C GLN H 237 21.85 7.64 26.38
N VAL H 238 22.24 6.76 25.46
CA VAL H 238 22.10 7.05 24.04
C VAL H 238 20.64 6.99 23.62
N TRP H 239 19.98 5.86 23.91
CA TRP H 239 18.62 5.64 23.41
C TRP H 239 17.62 6.66 23.93
N GLY H 240 17.79 7.13 25.17
CA GLY H 240 16.81 8.02 25.76
C GLY H 240 16.55 9.29 24.98
N ASN H 241 17.50 9.73 24.15
CA ASN H 241 17.31 10.91 23.32
C ASN H 241 16.45 10.64 22.09
N LEU H 242 16.24 9.38 21.73
CA LEU H 242 15.58 8.99 20.48
C LEU H 242 14.11 8.62 20.70
N ILE H 243 13.55 8.92 21.86
CA ILE H 243 12.16 8.58 22.13
C ILE H 243 11.22 9.42 21.27
N ILE H 244 11.26 10.74 21.45
CA ILE H 244 10.54 11.66 20.55
C ILE H 244 11.43 12.86 20.26
N GLY H 245 11.50 13.24 18.99
CA GLY H 245 12.05 14.52 18.59
C GLY H 245 13.42 14.79 19.16
N ALA H 246 13.56 15.97 19.77
CA ALA H 246 14.77 16.32 20.50
C ALA H 246 14.38 17.22 21.67
N GLY H 247 14.44 16.68 22.89
CA GLY H 247 14.08 17.46 24.05
C GLY H 247 12.64 17.92 24.08
N ILE H 248 11.71 17.13 23.55
CA ILE H 248 10.30 17.48 23.52
C ILE H 248 9.56 16.63 24.55
N ALA H 249 8.92 17.31 25.49
CA ALA H 249 8.22 16.68 26.60
C ALA H 249 6.76 16.37 26.27
N ASN H 250 6.00 17.39 25.86
CA ASN H 250 4.57 17.29 25.62
C ASN H 250 4.24 17.80 24.23
N LYS H 251 3.27 17.15 23.59
CA LYS H 251 2.88 17.50 22.23
C LYS H 251 1.40 17.20 22.03
N THR H 252 0.79 17.93 21.10
CA THR H 252 -0.52 17.53 20.58
C THR H 252 -0.78 18.22 19.24
N LEU H 253 -1.26 17.45 18.28
CA LEU H 253 -1.69 17.94 16.98
C LEU H 253 -3.21 17.85 16.91
N GLU H 254 -3.83 18.91 16.40
CA GLU H 254 -5.27 18.96 16.15
C GLU H 254 -5.51 19.42 14.71
N VAL H 255 -5.91 18.49 13.85
CA VAL H 255 -6.06 18.74 12.42
C VAL H 255 -7.48 18.35 12.02
N ASP H 256 -8.28 19.34 11.62
CA ASP H 256 -9.61 19.14 11.06
C ASP H 256 -10.51 18.29 11.95
N GLY H 257 -10.38 18.46 13.26
CA GLY H 257 -11.07 17.66 14.24
C GLY H 257 -10.37 16.39 14.66
N ILE H 258 -9.39 15.93 13.89
CA ILE H 258 -8.50 14.88 14.38
C ILE H 258 -7.67 15.44 15.53
N THR H 259 -7.30 14.56 16.46
CA THR H 259 -6.46 14.98 17.57
C THR H 259 -5.52 13.85 17.95
N GLU H 260 -4.23 14.18 18.05
CA GLU H 260 -3.19 13.29 18.52
C GLU H 260 -2.42 13.99 19.63
N THR H 261 -2.12 13.27 20.70
CA THR H 261 -1.54 13.86 21.91
C THR H 261 -0.64 12.86 22.61
N ILE H 262 0.55 13.32 22.99
CA ILE H 262 1.54 12.47 23.67
C ILE H 262 2.21 13.30 24.76
N GLY H 263 2.43 12.66 25.91
CA GLY H 263 3.30 13.17 26.95
C GLY H 263 4.33 12.16 27.40
N THR H 264 5.62 12.45 27.21
CA THR H 264 6.66 11.45 27.38
C THR H 264 7.23 11.49 28.80
N THR H 265 8.15 10.56 29.08
CA THR H 265 8.98 10.62 30.27
C THR H 265 9.95 11.79 30.29
N GLN H 266 10.23 12.41 29.15
CA GLN H 266 11.16 13.53 29.14
C GLN H 266 10.57 14.72 29.88
N SER H 267 11.42 15.42 30.62
CA SER H 267 10.99 16.56 31.43
C SER H 267 12.18 17.48 31.63
N ALA H 268 11.87 18.72 32.01
CA ALA H 268 12.89 19.74 32.20
C ALA H 268 13.92 19.37 33.26
N MET H 269 13.57 18.48 34.21
CA MET H 269 14.49 18.08 35.27
C MET H 269 14.74 16.57 35.33
N TYR H 270 14.25 15.80 34.35
CA TYR H 270 14.50 14.37 34.30
C TYR H 270 14.63 13.94 32.84
N GLY H 271 15.60 13.06 32.59
CA GLY H 271 15.83 12.58 31.24
C GLY H 271 14.94 11.41 30.86
N GLY H 272 14.86 11.19 29.55
CA GLY H 272 13.92 10.21 29.03
C GLY H 272 14.11 8.81 29.57
N ALA H 273 15.37 8.34 29.62
CA ALA H 273 15.70 7.05 30.19
C ALA H 273 16.10 7.09 31.66
N SER H 274 16.00 8.26 32.31
CA SER H 274 16.50 8.38 33.67
C SER H 274 15.74 7.53 34.67
N ALA H 275 14.49 7.17 34.36
CA ALA H 275 13.77 6.18 35.15
C ALA H 275 14.49 4.83 35.19
N GLN H 276 14.91 4.33 34.03
CA GLN H 276 15.67 3.08 33.99
C GLN H 276 17.07 3.25 34.58
N ILE H 277 17.75 4.36 34.29
CA ILE H 277 19.09 4.59 34.83
C ILE H 277 19.07 4.58 36.35
N LEU H 278 18.09 5.24 36.95
CA LEU H 278 17.95 5.20 38.41
C LEU H 278 17.78 3.77 38.93
N GLN H 279 16.92 3.00 38.27
CA GLN H 279 16.72 1.61 38.67
C GLN H 279 17.99 0.77 38.50
N ILE H 280 18.76 1.03 37.44
CA ILE H 280 20.05 0.37 37.28
C ILE H 280 21.05 0.75 38.36
N ASN H 281 21.03 2.00 38.83
CA ASN H 281 21.88 2.35 39.97
C ASN H 281 21.49 1.57 41.22
N GLU H 282 20.19 1.52 41.52
CA GLU H 282 19.71 0.72 42.64
C GLU H 282 20.10 -0.74 42.51
N ASP H 283 20.16 -1.25 41.28
CA ASP H 283 20.60 -2.62 41.04
C ASP H 283 22.11 -2.79 41.23
N ILE H 284 22.89 -1.88 40.67
CA ILE H 284 24.35 -1.97 40.80
C ILE H 284 24.79 -1.82 42.26
N LYS H 285 24.17 -0.91 43.00
CA LYS H 285 24.55 -0.74 44.40
C LYS H 285 24.39 -2.03 45.20
N GLU H 286 23.28 -2.74 45.00
CA GLU H 286 23.11 -4.03 45.67
C GLU H 286 24.16 -5.03 45.21
N LEU H 287 24.40 -5.09 43.90
CA LEU H 287 25.33 -6.07 43.34
C LEU H 287 26.77 -5.77 43.73
N LEU H 288 27.20 -4.53 43.55
CA LEU H 288 28.60 -4.16 43.73
C LEU H 288 29.07 -4.31 45.17
N ASP H 289 28.29 -3.78 46.12
CA ASP H 289 28.61 -3.92 47.54
C ASP H 289 28.71 -5.37 47.96
N GLY H 290 27.76 -6.20 47.51
CA GLY H 290 27.79 -7.62 47.84
C GLY H 290 28.99 -8.37 47.28
N LEU H 291 29.54 -7.88 46.17
CA LEU H 291 30.72 -8.51 45.57
C LEU H 291 32.04 -8.07 46.20
N ARG H 292 32.14 -6.84 46.68
CA ARG H 292 33.35 -6.44 47.41
C ARG H 292 33.56 -7.28 48.67
N ALA H 293 32.48 -7.81 49.25
CA ALA H 293 32.63 -8.73 50.38
C ALA H 293 33.32 -10.03 49.99
N TYR H 294 33.24 -10.41 48.72
CA TYR H 294 33.91 -11.62 48.27
C TYR H 294 35.42 -11.42 48.17
N PHE H 295 35.86 -10.24 47.72
CA PHE H 295 37.29 -9.94 47.62
C PHE H 295 37.85 -9.40 48.93
N GLY H 296 37.08 -8.57 49.62
CA GLY H 296 37.50 -7.98 50.88
C GLY H 296 38.35 -6.73 50.73
N TYR H 297 38.57 -6.09 51.89
CA TYR H 297 39.37 -4.88 51.99
C TYR H 297 40.86 -5.15 51.81
N ASN H 298 41.55 -4.13 51.30
CA ASN H 298 43.00 -4.15 51.12
C ASN H 298 43.70 -3.67 52.38
N MET H 299 44.94 -4.13 52.58
CA MET H 299 45.74 -3.73 53.73
C MET H 299 47.20 -3.70 53.32
N ILE H 300 47.92 -2.72 53.85
CA ILE H 300 49.37 -2.63 53.71
C ILE H 300 49.98 -2.21 55.03
N GLY H 301 51.03 -2.91 55.44
CA GLY H 301 51.77 -2.52 56.62
C GLY H 301 52.60 -1.28 56.40
N LEU H 302 52.93 -0.62 57.52
CA LEU H 302 53.70 0.61 57.49
C LEU H 302 54.52 0.76 58.76
#